data_6T1U
#
_entry.id   6T1U
#
_cell.length_a   74.289
_cell.length_b   67.184
_cell.length_c   143.466
_cell.angle_alpha   90.000
_cell.angle_beta   91.500
_cell.angle_gamma   90.000
#
_symmetry.space_group_name_H-M   'P 1 21 1'
#
loop_
_entity.id
_entity.type
_entity.pdbx_description
1 polymer 'NADPH--cytochrome P450 reductase'
2 non-polymer 'FLAVIN-ADENINE DINUCLEOTIDE'
3 non-polymer 'FLAVIN MONONUCLEOTIDE'
4 water water
#
_entity_poly.entity_id   1
_entity_poly.type   'polypeptide(L)'
_entity_poly.pdbx_seq_one_letter_code
;MALDKLDLYVIITLVVAVAAYFAKNQFLDQPQDTGFLNTDSGSNSRDVLSTLKKNNKNTLLLFGSQTGTAEDYANKLSRE
LHSRFGLKTMVADFADYDWDNFGDITEDILVFFIVATYGEGEPTDNADEFHTWLTEEADTLSTLRYTVFGLGNSTYEFFN
AIGRKFDRLLSEKGGDRFAEYAEGDDGTGTLDEDFMAWKDNVFDALKNDLNFEEKELKYEPNVKLTERDDLSAADSQVSL
GEPNKKYINSEGIDLTKGPFDHTHPYLARITETRELFSSKERHCIHVEFDISESNLKYTTGDHLAIWPSNSDENIKQFAK
CFGLEDKLDTVIELKALDSTYTIPFPTPITYGAVIRHHLEISGPVSRQFFLSIAGFAPDEETKKTFTRLGGDKQEFATKV
TRRKFNIADALLYSSNNTPWSDVPFEFLIENIQHLTPRYYSISSSSLSEKQLINVTAVVEAEEEADGRPVTGVVTNLLKN
IEIAQNKTGEKPLVHYDLSGPRGKFNKFKLPVHVRRSNFKLPKNSTTPVILIGPGTGVAPLRGFVRERVQQVKNGVNVGK
TLLFYGCRNSNEDFLYKQEWAEYASVLGENFEMFNAFSRQDPSKKVYVQDKILENSQLVHELLTEGAIIYVCGDASRMAR
DVQTTISKIVAKSREISEDKAAELVKSWKVQNRYQEDVW
;
_entity_poly.pdbx_strand_id   A,B
#
loop_
_chem_comp.id
_chem_comp.type
_chem_comp.name
_chem_comp.formula
FAD non-polymer 'FLAVIN-ADENINE DINUCLEOTIDE' 'C27 H33 N9 O15 P2'
FMN non-polymer 'FLAVIN MONONUCLEOTIDE' 'C17 H21 N4 O9 P'
#
# COMPACT_ATOMS: atom_id res chain seq x y z
N SER A 45 40.10 -17.77 13.12
CA SER A 45 38.69 -18.20 12.84
C SER A 45 37.82 -17.02 12.41
N ARG A 46 38.27 -15.82 12.72
CA ARG A 46 37.50 -14.61 12.40
C ARG A 46 37.96 -13.97 11.09
N ASP A 47 38.80 -14.67 10.33
CA ASP A 47 39.31 -14.19 9.04
C ASP A 47 38.43 -14.79 7.99
N VAL A 48 37.57 -13.96 7.39
CA VAL A 48 36.62 -14.47 6.43
C VAL A 48 37.28 -14.98 5.14
N LEU A 49 38.37 -14.35 4.75
CA LEU A 49 39.06 -14.74 3.53
C LEU A 49 39.67 -16.13 3.68
N SER A 50 40.31 -16.33 4.81
CA SER A 50 40.88 -17.64 5.15
C SER A 50 39.79 -18.69 5.30
N THR A 51 38.66 -18.30 5.88
CA THR A 51 37.52 -19.18 5.98
C THR A 51 36.97 -19.60 4.61
N LEU A 52 36.83 -18.67 3.66
CA LEU A 52 36.40 -19.05 2.31
C LEU A 52 37.32 -20.06 1.64
N LYS A 53 38.62 -19.75 1.67
CA LYS A 53 39.60 -20.65 1.08
C LYS A 53 39.60 -22.05 1.71
N LYS A 54 39.66 -22.13 3.05
CA LYS A 54 39.66 -23.42 3.79
C LYS A 54 38.43 -24.29 3.48
N ASN A 55 37.30 -23.64 3.23
CA ASN A 55 36.06 -24.34 2.95
C ASN A 55 35.76 -24.47 1.48
N ASN A 56 36.71 -24.03 0.66
CA ASN A 56 36.61 -24.17 -0.78
C ASN A 56 35.38 -23.42 -1.38
N LYS A 57 35.20 -22.18 -0.93
CA LYS A 57 34.06 -21.37 -1.34
C LYS A 57 34.52 -20.21 -2.22
N ASN A 58 33.73 -19.86 -3.23
CA ASN A 58 34.05 -18.76 -4.11
C ASN A 58 32.98 -17.64 -4.10
N THR A 59 31.99 -17.77 -3.20
CA THR A 59 30.86 -16.87 -3.17
C THR A 59 30.49 -16.63 -1.72
N LEU A 60 30.40 -15.36 -1.35
CA LEU A 60 30.19 -14.94 0.04
C LEU A 60 28.89 -14.14 0.12
N LEU A 61 27.98 -14.56 0.99
CA LEU A 61 26.75 -13.81 1.19
C LEU A 61 26.71 -13.33 2.61
N LEU A 62 26.68 -12.03 2.78
CA LEU A 62 26.74 -11.37 4.11
C LEU A 62 25.41 -10.77 4.44
N PHE A 63 24.92 -11.01 5.66
CA PHE A 63 23.61 -10.51 6.06
C PHE A 63 23.73 -9.58 7.26
N GLY A 64 23.07 -8.46 7.12
CA GLY A 64 22.87 -7.48 8.18
C GLY A 64 21.38 -7.58 8.54
N SER A 65 21.09 -8.19 9.69
CA SER A 65 19.70 -8.54 10.01
C SER A 65 19.48 -8.36 11.51
N GLN A 66 18.35 -7.81 11.91
CA GLN A 66 17.95 -7.71 13.31
C GLN A 66 16.84 -8.70 13.67
N THR A 67 15.87 -8.88 12.80
CA THR A 67 14.75 -9.79 13.02
C THR A 67 14.72 -10.93 11.99
N GLY A 68 15.84 -11.18 11.33
CA GLY A 68 16.00 -12.39 10.58
C GLY A 68 15.64 -12.38 9.10
N THR A 69 15.00 -11.33 8.61
CA THR A 69 14.57 -11.32 7.20
C THR A 69 15.76 -11.33 6.26
N ALA A 70 16.70 -10.42 6.48
CA ALA A 70 17.91 -10.37 5.64
C ALA A 70 18.69 -11.68 5.68
N GLU A 71 18.73 -12.31 6.84
CA GLU A 71 19.36 -13.65 6.95
C GLU A 71 18.65 -14.69 6.09
N ASP A 72 17.31 -14.71 6.17
CA ASP A 72 16.52 -15.64 5.37
C ASP A 72 16.72 -15.41 3.87
N TYR A 73 16.75 -14.15 3.45
CA TYR A 73 17.04 -13.81 2.05
C TYR A 73 18.42 -14.24 1.62
N ALA A 74 19.40 -14.10 2.51
CA ALA A 74 20.75 -14.52 2.15
C ALA A 74 20.78 -16.03 1.96
N ASN A 75 20.11 -16.77 2.83
CA ASN A 75 20.03 -18.21 2.69
C ASN A 75 19.30 -18.67 1.41
N LYS A 76 18.21 -18.02 1.09
CA LYS A 76 17.39 -18.30 -0.12
C LYS A 76 18.27 -18.08 -1.35
N LEU A 77 18.96 -16.95 -1.38
CA LEU A 77 19.81 -16.60 -2.53
C LEU A 77 20.95 -17.59 -2.65
N SER A 78 21.54 -17.94 -1.52
CA SER A 78 22.71 -18.83 -1.54
C SER A 78 22.33 -20.15 -2.19
N ARG A 79 21.23 -20.73 -1.77
CA ARG A 79 20.84 -22.03 -2.30
C ARG A 79 20.56 -21.95 -3.80
N GLU A 80 19.94 -20.85 -4.23
CA GLU A 80 19.61 -20.72 -5.64
C GLU A 80 20.87 -20.51 -6.49
N LEU A 81 21.82 -19.72 -5.99
CA LEU A 81 23.11 -19.52 -6.67
C LEU A 81 23.87 -20.85 -6.80
N HIS A 82 23.84 -21.65 -5.76
CA HIS A 82 24.51 -22.94 -5.79
C HIS A 82 23.88 -23.90 -6.78
N SER A 83 22.56 -24.03 -6.74
CA SER A 83 21.83 -24.93 -7.65
C SER A 83 21.86 -24.46 -9.12
N ARG A 84 21.56 -23.20 -9.36
CA ARG A 84 21.40 -22.73 -10.74
C ARG A 84 22.73 -22.38 -11.40
N PHE A 85 23.71 -21.95 -10.62
CA PHE A 85 24.99 -21.47 -11.17
C PHE A 85 26.24 -22.26 -10.78
N GLY A 86 26.09 -23.24 -9.90
CA GLY A 86 27.21 -24.05 -9.47
C GLY A 86 28.17 -23.33 -8.54
N LEU A 87 27.77 -22.15 -8.04
CA LEU A 87 28.61 -21.39 -7.14
C LEU A 87 28.77 -22.07 -5.80
N LYS A 88 29.95 -21.94 -5.23
CA LYS A 88 30.27 -22.56 -3.95
C LYS A 88 30.10 -21.50 -2.89
N THR A 89 28.92 -21.53 -2.26
CA THR A 89 28.44 -20.40 -1.46
C THR A 89 28.63 -20.59 0.03
N MET A 90 28.90 -19.48 0.71
CA MET A 90 28.96 -19.42 2.17
C MET A 90 28.14 -18.23 2.63
N VAL A 91 27.19 -18.50 3.52
CA VAL A 91 26.40 -17.43 4.14
C VAL A 91 27.07 -17.04 5.44
N ALA A 92 27.31 -15.75 5.67
CA ALA A 92 28.03 -15.31 6.84
C ALA A 92 27.35 -14.16 7.52
N ASP A 93 27.36 -14.24 8.83
CA ASP A 93 26.96 -13.18 9.70
C ASP A 93 28.17 -12.24 9.85
N PHE A 94 27.98 -10.94 9.62
CA PHE A 94 29.09 -9.97 9.85
C PHE A 94 29.77 -10.13 11.22
N ALA A 95 28.98 -10.40 12.24
CA ALA A 95 29.45 -10.51 13.64
C ALA A 95 30.40 -11.65 13.90
N ASP A 96 30.41 -12.65 13.02
CA ASP A 96 31.29 -13.85 13.18
C ASP A 96 32.69 -13.67 12.61
N TYR A 97 32.98 -12.48 12.06
CA TYR A 97 34.27 -12.18 11.42
C TYR A 97 34.72 -10.78 11.78
N ASP A 98 36.03 -10.58 11.70
CA ASP A 98 36.61 -9.27 11.76
C ASP A 98 36.95 -8.87 10.34
N TRP A 99 36.97 -7.56 10.12
CA TRP A 99 36.92 -7.00 8.78
C TRP A 99 38.15 -6.23 8.37
N ASP A 100 39.16 -6.16 9.26
CA ASP A 100 40.34 -5.35 8.99
C ASP A 100 41.11 -5.71 7.73
N ASN A 101 41.09 -6.96 7.33
CA ASN A 101 41.77 -7.39 6.10
C ASN A 101 40.90 -7.51 4.87
N PHE A 102 39.64 -7.05 4.94
CA PHE A 102 38.66 -7.39 3.89
C PHE A 102 38.99 -6.75 2.55
N GLY A 103 39.63 -5.59 2.62
CA GLY A 103 40.24 -4.96 1.45
C GLY A 103 41.13 -5.91 0.66
N ASP A 104 41.59 -7.02 1.24
CA ASP A 104 42.41 -7.99 0.45
C ASP A 104 41.60 -9.01 -0.36
N ILE A 105 40.28 -8.93 -0.32
CA ILE A 105 39.48 -9.92 -0.99
C ILE A 105 39.81 -9.93 -2.48
N THR A 106 39.89 -11.13 -3.03
CA THR A 106 40.25 -11.33 -4.42
C THR A 106 39.09 -11.35 -5.41
N GLU A 107 39.42 -11.13 -6.69
CA GLU A 107 38.44 -10.92 -7.75
C GLU A 107 37.63 -12.20 -8.02
N ASP A 108 38.17 -13.36 -7.65
CA ASP A 108 37.44 -14.63 -7.87
C ASP A 108 36.27 -14.87 -6.91
N ILE A 109 36.12 -14.05 -5.86
CA ILE A 109 35.02 -14.20 -4.90
C ILE A 109 33.91 -13.25 -5.32
N LEU A 110 32.71 -13.74 -5.54
CA LEU A 110 31.56 -12.83 -5.70
C LEU A 110 30.96 -12.60 -4.33
N VAL A 111 30.70 -11.34 -3.95
CA VAL A 111 30.15 -11.04 -2.64
C VAL A 111 28.77 -10.43 -2.80
N PHE A 112 27.82 -10.93 -2.02
CA PHE A 112 26.46 -10.39 -2.01
C PHE A 112 26.21 -9.84 -0.63
N PHE A 113 25.87 -8.57 -0.50
CA PHE A 113 25.48 -7.92 0.76
C PHE A 113 23.97 -7.77 0.83
N ILE A 114 23.34 -8.42 1.82
CA ILE A 114 21.88 -8.35 2.01
C ILE A 114 21.69 -7.67 3.35
N VAL A 115 21.34 -6.38 3.39
CA VAL A 115 21.51 -5.57 4.56
C VAL A 115 20.28 -4.72 4.91
N ALA A 116 19.77 -4.92 6.11
CA ALA A 116 18.68 -4.10 6.63
C ALA A 116 19.18 -2.81 7.25
N THR A 117 18.31 -1.79 7.29
CA THR A 117 18.56 -0.55 8.06
C THR A 117 17.73 -0.64 9.35
N TYR A 118 18.29 -0.16 10.48
CA TYR A 118 17.59 -0.24 11.78
CA TYR A 118 17.61 -0.18 11.76
C TYR A 118 17.72 1.09 12.53
N GLY A 119 17.11 1.13 13.72
CA GLY A 119 17.11 2.34 14.55
C GLY A 119 16.76 3.50 13.65
N GLU A 120 17.67 4.46 13.57
CA GLU A 120 17.45 5.71 12.82
C GLU A 120 18.52 5.79 11.75
N GLY A 121 18.36 5.00 10.67
CA GLY A 121 19.37 4.95 9.64
C GLY A 121 20.66 4.24 10.04
N GLU A 122 20.62 3.41 11.05
CA GLU A 122 21.83 2.81 11.62
C GLU A 122 21.94 1.36 11.13
N PRO A 123 23.15 0.76 11.22
CA PRO A 123 23.26 -0.66 10.90
C PRO A 123 22.53 -1.53 11.95
N THR A 124 22.14 -2.72 11.54
CA THR A 124 21.74 -3.80 12.48
C THR A 124 22.89 -4.06 13.44
N ASP A 125 22.58 -4.57 14.63
CA ASP A 125 23.62 -4.77 15.64
C ASP A 125 24.73 -5.66 15.07
N ASN A 126 24.38 -6.71 14.33
CA ASN A 126 25.37 -7.68 13.87
C ASN A 126 26.34 -7.08 12.86
N ALA A 127 25.92 -6.01 12.18
CA ALA A 127 26.71 -5.30 11.18
C ALA A 127 27.44 -4.05 11.69
N ASP A 128 27.29 -3.72 12.97
CA ASP A 128 27.82 -2.49 13.48
C ASP A 128 29.34 -2.43 13.32
N GLU A 129 30.07 -3.51 13.66
CA GLU A 129 31.54 -3.43 13.54
C GLU A 129 31.99 -3.34 12.08
N PHE A 130 31.29 -4.04 11.19
CA PHE A 130 31.58 -3.91 9.75
C PHE A 130 31.30 -2.48 9.29
N HIS A 131 30.18 -1.91 9.75
CA HIS A 131 29.84 -0.54 9.40
C HIS A 131 30.91 0.46 9.87
N THR A 132 31.37 0.31 11.11
CA THR A 132 32.49 1.15 11.63
C THR A 132 33.75 0.98 10.76
N TRP A 133 34.08 -0.26 10.45
CA TRP A 133 35.21 -0.54 9.58
C TRP A 133 35.12 0.12 8.21
N LEU A 134 34.00 -0.05 7.52
CA LEU A 134 33.86 0.46 6.19
C LEU A 134 33.87 1.95 6.15
N THR A 135 33.15 2.58 7.08
CA THR A 135 33.04 4.01 7.12
C THR A 135 34.30 4.68 7.66
N GLU A 136 35.02 4.05 8.58
CA GLU A 136 36.12 4.73 9.26
C GLU A 136 37.55 4.19 9.00
N GLU A 137 37.70 2.92 8.65
CA GLU A 137 39.04 2.29 8.57
C GLU A 137 39.40 1.81 7.19
N ALA A 138 38.43 1.25 6.45
CA ALA A 138 38.71 0.70 5.13
C ALA A 138 39.41 1.70 4.26
N ASP A 139 40.40 1.24 3.51
CA ASP A 139 41.14 2.08 2.61
C ASP A 139 40.60 1.82 1.21
N THR A 140 41.06 0.77 0.54
CA THR A 140 40.59 0.39 -0.77
C THR A 140 40.09 -1.05 -0.78
N LEU A 141 39.30 -1.39 -1.81
CA LEU A 141 38.78 -2.75 -2.05
C LEU A 141 38.83 -2.97 -3.56
N SER A 142 40.07 -2.92 -4.06
CA SER A 142 40.34 -2.81 -5.50
C SER A 142 40.02 -4.06 -6.30
N THR A 143 39.90 -5.22 -5.65
CA THR A 143 39.48 -6.43 -6.35
C THR A 143 38.20 -7.09 -5.77
N LEU A 144 37.41 -6.28 -5.09
CA LEU A 144 36.10 -6.71 -4.62
C LEU A 144 35.11 -6.70 -5.77
N ARG A 145 34.37 -7.79 -5.94
CA ARG A 145 33.24 -7.82 -6.87
C ARG A 145 32.00 -8.05 -6.00
N TYR A 146 31.03 -7.15 -6.09
CA TYR A 146 29.93 -7.15 -5.13
C TYR A 146 28.63 -6.72 -5.75
N THR A 147 27.58 -6.95 -4.99
CA THR A 147 26.28 -6.43 -5.30
C THR A 147 25.57 -6.31 -3.93
N VAL A 148 24.58 -5.42 -3.81
CA VAL A 148 23.94 -5.13 -2.56
C VAL A 148 22.40 -5.11 -2.78
N PHE A 149 21.69 -5.71 -1.85
CA PHE A 149 20.21 -5.53 -1.73
C PHE A 149 19.94 -4.93 -0.36
N GLY A 150 19.28 -3.78 -0.31
CA GLY A 150 18.91 -3.16 0.92
C GLY A 150 17.51 -3.57 1.38
N LEU A 151 17.34 -3.84 2.67
CA LEU A 151 16.00 -3.97 3.27
C LEU A 151 15.72 -2.74 4.11
N GLY A 152 14.56 -2.13 3.89
CA GLY A 152 14.17 -0.96 4.66
C GLY A 152 12.68 -0.76 4.63
N ASN A 153 12.25 0.47 4.89
CA ASN A 153 10.85 0.77 5.08
C ASN A 153 10.70 2.27 4.88
N SER A 154 9.93 2.67 3.85
CA SER A 154 9.87 4.06 3.42
C SER A 154 9.06 4.98 4.34
N THR A 155 8.50 4.42 5.40
CA THR A 155 7.88 5.27 6.42
C THR A 155 8.93 5.81 7.39
N TYR A 156 10.16 5.32 7.32
CA TYR A 156 11.26 5.88 8.13
C TYR A 156 11.98 6.90 7.28
N GLU A 157 12.50 7.92 7.93
CA GLU A 157 13.14 8.99 7.17
C GLU A 157 14.43 8.59 6.43
N PHE A 158 15.24 7.77 7.05
CA PHE A 158 16.52 7.36 6.45
C PHE A 158 16.34 6.03 5.71
N PHE A 159 15.55 6.07 4.66
CA PHE A 159 15.12 4.86 3.95
C PHE A 159 16.26 4.13 3.36
N ASN A 160 16.42 2.87 3.77
CA ASN A 160 17.48 2.02 3.26
C ASN A 160 18.87 2.70 3.32
N ALA A 161 19.08 3.50 4.37
CA ALA A 161 20.35 4.22 4.51
C ALA A 161 21.52 3.26 4.40
N ILE A 162 21.41 2.09 5.03
CA ILE A 162 22.58 1.18 5.07
C ILE A 162 22.88 0.53 3.75
N GLY A 163 21.86 -0.04 3.08
CA GLY A 163 22.11 -0.60 1.77
C GLY A 163 22.66 0.45 0.80
N ARG A 164 22.09 1.64 0.81
CA ARG A 164 22.55 2.68 -0.10
C ARG A 164 23.99 3.05 0.23
N LYS A 165 24.30 3.17 1.51
CA LYS A 165 25.66 3.60 1.96
C LYS A 165 26.69 2.53 1.60
N PHE A 166 26.43 1.27 1.93
CA PHE A 166 27.30 0.17 1.57
C PHE A 166 27.52 0.13 0.09
N ASP A 167 26.46 0.18 -0.70
CA ASP A 167 26.62 0.15 -2.14
C ASP A 167 27.48 1.32 -2.67
N ARG A 168 27.32 2.50 -2.10
CA ARG A 168 28.08 3.67 -2.57
C ARG A 168 29.54 3.57 -2.10
N LEU A 169 29.75 3.28 -0.83
CA LEU A 169 31.14 3.25 -0.27
C LEU A 169 31.97 2.16 -0.92
N LEU A 170 31.35 1.00 -1.18
CA LEU A 170 32.08 -0.11 -1.81
C LEU A 170 32.58 0.28 -3.18
N SER A 171 31.78 1.03 -3.94
CA SER A 171 32.16 1.54 -5.23
C SER A 171 33.23 2.61 -5.11
N GLU A 172 33.04 3.55 -4.20
CA GLU A 172 34.00 4.64 -4.01
C GLU A 172 35.39 4.10 -3.69
N LYS A 173 35.44 3.00 -2.95
CA LYS A 173 36.73 2.42 -2.52
C LYS A 173 37.33 1.43 -3.53
N GLY A 174 36.74 1.33 -4.71
CA GLY A 174 37.31 0.60 -5.85
C GLY A 174 36.65 -0.71 -6.18
N GLY A 175 35.55 -1.03 -5.48
CA GLY A 175 34.84 -2.24 -5.76
C GLY A 175 34.12 -2.23 -7.10
N ASP A 176 33.94 -3.42 -7.62
CA ASP A 176 33.26 -3.63 -8.89
C ASP A 176 31.85 -4.13 -8.60
N ARG A 177 30.91 -3.26 -8.86
CA ARG A 177 29.49 -3.59 -8.69
C ARG A 177 29.06 -4.39 -9.89
N PHE A 178 28.88 -5.71 -9.74
CA PHE A 178 28.56 -6.62 -10.84
C PHE A 178 27.06 -6.83 -11.11
N ALA A 179 26.21 -6.44 -10.16
CA ALA A 179 24.77 -6.38 -10.40
C ALA A 179 24.22 -5.15 -9.73
N GLU A 180 23.23 -4.52 -10.36
CA GLU A 180 22.73 -3.27 -9.86
C GLU A 180 22.16 -3.40 -8.45
N TYR A 181 22.34 -2.32 -7.72
CA TYR A 181 21.74 -2.14 -6.41
C TYR A 181 20.23 -2.18 -6.57
N ALA A 182 19.56 -2.79 -5.59
CA ALA A 182 18.09 -2.59 -5.45
C ALA A 182 17.76 -2.70 -3.97
N GLU A 183 16.52 -2.38 -3.65
CA GLU A 183 16.13 -2.31 -2.25
C GLU A 183 14.65 -2.61 -2.11
N GLY A 184 14.30 -3.09 -0.94
CA GLY A 184 12.93 -3.47 -0.64
C GLY A 184 12.31 -2.56 0.40
N ASP A 185 10.97 -2.55 0.36
CA ASP A 185 10.19 -1.63 1.17
C ASP A 185 9.17 -2.41 1.99
N ASP A 186 9.50 -2.63 3.24
CA ASP A 186 8.62 -3.30 4.16
C ASP A 186 7.45 -2.41 4.59
N GLY A 187 7.51 -1.13 4.30
CA GLY A 187 6.47 -0.22 4.68
C GLY A 187 5.30 -0.21 3.75
N THR A 188 5.53 -0.55 2.50
CA THR A 188 4.44 -0.63 1.54
C THR A 188 4.06 -2.08 1.20
N GLY A 189 4.72 -3.06 1.80
CA GLY A 189 4.46 -4.47 1.54
C GLY A 189 5.11 -5.05 0.28
N THR A 190 6.11 -4.40 -0.29
CA THR A 190 6.68 -4.90 -1.53
C THR A 190 8.00 -5.63 -1.31
N LEU A 191 8.48 -5.69 -0.07
CA LEU A 191 9.85 -6.19 0.22
C LEU A 191 10.14 -7.50 -0.47
N ASP A 192 9.26 -8.47 -0.34
CA ASP A 192 9.55 -9.79 -0.88
C ASP A 192 9.64 -9.78 -2.42
N GLU A 193 8.66 -9.18 -3.08
CA GLU A 193 8.72 -9.06 -4.52
C GLU A 193 9.90 -8.17 -4.98
N ASP A 194 10.30 -7.17 -4.17
CA ASP A 194 11.47 -6.36 -4.50
C ASP A 194 12.72 -7.25 -4.52
N PHE A 195 12.83 -8.12 -3.53
CA PHE A 195 13.91 -9.07 -3.48
C PHE A 195 13.92 -10.01 -4.66
N MET A 196 12.74 -10.53 -5.01
CA MET A 196 12.63 -11.44 -6.14
C MET A 196 13.06 -10.77 -7.45
N ALA A 197 12.67 -9.52 -7.64
CA ALA A 197 13.00 -8.75 -8.85
C ALA A 197 14.51 -8.51 -8.91
N TRP A 198 15.08 -8.13 -7.76
CA TRP A 198 16.53 -7.92 -7.68
C TRP A 198 17.27 -9.20 -8.01
N LYS A 199 16.86 -10.32 -7.43
CA LYS A 199 17.45 -11.63 -7.67
C LYS A 199 17.38 -12.02 -9.14
N ASP A 200 16.23 -11.77 -9.76
CA ASP A 200 16.08 -12.02 -11.22
C ASP A 200 17.16 -11.20 -11.98
N ASN A 201 17.39 -9.95 -11.60
CA ASN A 201 18.38 -9.09 -12.27
C ASN A 201 19.80 -9.55 -12.00
N VAL A 202 20.05 -10.07 -10.79
CA VAL A 202 21.34 -10.64 -10.46
C VAL A 202 21.61 -11.82 -11.38
N PHE A 203 20.63 -12.69 -11.55
CA PHE A 203 20.78 -13.88 -12.38
C PHE A 203 21.01 -13.50 -13.85
N ASP A 204 20.29 -12.49 -14.34
CA ASP A 204 20.59 -11.92 -15.67
C ASP A 204 22.04 -11.45 -15.76
N ALA A 205 22.55 -10.74 -14.74
CA ALA A 205 23.94 -10.28 -14.77
C ALA A 205 24.89 -11.45 -14.83
N LEU A 206 24.63 -12.50 -14.05
CA LEU A 206 25.55 -13.66 -14.00
C LEU A 206 25.61 -14.37 -15.35
N LYS A 207 24.44 -14.55 -15.92
CA LYS A 207 24.23 -15.28 -17.17
C LYS A 207 24.71 -14.46 -18.38
N ASN A 208 24.39 -13.16 -18.44
CA ASN A 208 24.66 -12.35 -19.64
C ASN A 208 25.88 -11.45 -19.59
N ASP A 209 26.34 -11.05 -18.41
CA ASP A 209 27.56 -10.23 -18.30
C ASP A 209 28.77 -11.06 -17.90
N LEU A 210 28.57 -12.07 -17.06
CA LEU A 210 29.64 -12.94 -16.62
C LEU A 210 29.63 -14.31 -17.31
N ASN A 211 28.63 -14.57 -18.16
CA ASN A 211 28.57 -15.74 -19.00
C ASN A 211 28.58 -17.05 -18.25
N PHE A 212 27.87 -17.06 -17.11
CA PHE A 212 27.61 -18.30 -16.39
C PHE A 212 26.46 -19.06 -17.02
N GLU A 213 26.61 -20.38 -17.08
CA GLU A 213 25.52 -21.25 -17.46
C GLU A 213 24.51 -21.28 -16.31
N GLU A 214 23.24 -21.02 -16.64
CA GLU A 214 22.13 -21.12 -15.70
C GLU A 214 21.28 -22.38 -15.89
N LYS A 215 21.25 -23.25 -14.89
CA LYS A 215 20.40 -24.45 -14.92
C LYS A 215 19.14 -24.20 -14.08
N GLU A 216 18.21 -25.14 -14.15
CA GLU A 216 16.94 -25.10 -13.44
C GLU A 216 17.19 -25.24 -11.94
N LEU A 217 16.32 -24.64 -11.13
CA LEU A 217 16.39 -24.81 -9.69
C LEU A 217 16.13 -26.28 -9.33
N LYS A 218 16.96 -26.82 -8.45
CA LYS A 218 16.74 -28.14 -7.84
C LYS A 218 17.08 -28.06 -6.37
N TYR A 219 16.39 -28.84 -5.54
CA TYR A 219 16.72 -28.91 -4.13
C TYR A 219 18.00 -29.73 -4.00
N GLU A 220 19.04 -29.10 -3.46
CA GLU A 220 20.32 -29.72 -3.16
C GLU A 220 20.55 -29.55 -1.66
N PRO A 221 20.24 -30.62 -0.88
CA PRO A 221 20.26 -30.44 0.57
C PRO A 221 21.62 -30.15 1.20
N ASN A 222 21.63 -29.29 2.21
CA ASN A 222 22.79 -29.01 3.01
C ASN A 222 22.71 -29.74 4.32
N VAL A 223 21.66 -30.51 4.51
CA VAL A 223 21.52 -31.23 5.78
C VAL A 223 20.83 -32.55 5.49
N LYS A 224 21.20 -33.56 6.26
CA LYS A 224 20.65 -34.89 6.16
C LYS A 224 20.00 -35.26 7.49
N LEU A 225 18.80 -35.77 7.37
CA LEU A 225 18.02 -36.22 8.50
C LEU A 225 18.03 -37.75 8.57
N THR A 226 18.18 -38.26 9.78
CA THR A 226 18.01 -39.70 10.04
C THR A 226 17.02 -39.89 11.19
N GLU A 227 16.00 -40.71 11.01
CA GLU A 227 15.08 -40.97 12.11
C GLU A 227 15.73 -41.91 13.08
N ARG A 228 15.59 -41.64 14.37
CA ARG A 228 16.14 -42.45 15.44
C ARG A 228 15.01 -43.15 16.15
N ASP A 229 14.60 -44.31 15.61
CA ASP A 229 13.48 -45.01 16.25
C ASP A 229 13.87 -45.59 17.60
N ASP A 230 15.17 -45.70 17.86
CA ASP A 230 15.66 -46.16 19.18
C ASP A 230 15.61 -45.10 20.28
N LEU A 231 15.39 -43.84 19.89
CA LEU A 231 15.30 -42.73 20.84
C LEU A 231 13.87 -42.26 21.00
N SER A 232 13.63 -41.63 22.14
CA SER A 232 12.29 -41.12 22.45
C SER A 232 12.42 -39.91 23.39
N ALA A 233 11.29 -39.32 23.77
CA ALA A 233 11.25 -38.28 24.81
C ALA A 233 11.89 -38.71 26.15
N ALA A 234 11.90 -40.02 26.42
CA ALA A 234 12.59 -40.59 27.61
C ALA A 234 14.09 -40.42 27.62
N ASP A 235 14.69 -40.20 26.47
CA ASP A 235 16.12 -40.02 26.36
C ASP A 235 16.48 -38.54 26.59
N SER A 236 17.25 -38.25 27.64
CA SER A 236 17.47 -36.86 28.07
C SER A 236 18.33 -36.07 27.08
N GLN A 237 19.02 -36.73 26.17
CA GLN A 237 19.77 -36.03 25.14
C GLN A 237 18.87 -35.50 24.00
N VAL A 238 17.64 -36.00 23.91
CA VAL A 238 16.69 -35.62 22.84
C VAL A 238 16.06 -34.25 23.21
N SER A 239 16.19 -33.28 22.32
CA SER A 239 15.49 -32.00 22.56
C SER A 239 13.99 -32.14 22.35
N LEU A 240 13.24 -31.50 23.24
CA LEU A 240 11.82 -31.37 23.09
C LEU A 240 11.43 -29.90 22.89
N GLY A 241 12.41 -29.13 22.45
CA GLY A 241 12.19 -27.72 22.08
C GLY A 241 12.85 -26.73 22.99
N GLU A 242 13.81 -27.18 23.80
CA GLU A 242 14.57 -26.31 24.64
C GLU A 242 15.26 -25.25 23.77
N PRO A 243 15.44 -24.05 24.30
CA PRO A 243 15.99 -23.01 23.40
C PRO A 243 17.36 -23.27 22.81
N ASN A 244 18.26 -23.91 23.56
CA ASN A 244 19.49 -24.36 22.97
C ASN A 244 20.05 -25.57 23.74
N LYS A 245 21.20 -26.06 23.33
CA LYS A 245 21.72 -27.29 23.97
C LYS A 245 22.11 -27.10 25.43
N LYS A 246 22.40 -25.88 25.87
CA LYS A 246 22.68 -25.64 27.29
C LYS A 246 21.49 -25.97 28.16
N TYR A 247 20.27 -25.90 27.64
CA TYR A 247 19.09 -26.25 28.36
C TYR A 247 18.76 -27.74 28.32
N ILE A 248 19.54 -28.53 27.58
CA ILE A 248 19.27 -29.98 27.44
C ILE A 248 20.20 -30.76 28.40
N ASN A 249 21.51 -30.51 28.35
CA ASN A 249 22.40 -31.08 29.40
C ASN A 249 22.01 -30.58 30.82
N SER A 250 22.55 -29.41 31.23
CA SER A 250 22.15 -28.67 32.44
C SER A 250 21.76 -29.48 33.69
N GLU A 251 22.47 -30.58 33.90
CA GLU A 251 22.51 -31.26 35.19
C GLU A 251 23.67 -30.59 35.93
N GLY A 252 23.35 -29.75 36.92
CA GLY A 252 24.37 -29.00 37.65
C GLY A 252 25.13 -27.97 36.82
N ILE A 253 24.38 -27.15 36.08
CA ILE A 253 24.89 -25.90 35.49
C ILE A 253 23.91 -24.84 35.98
N ASP A 254 24.39 -23.63 36.26
CA ASP A 254 23.50 -22.57 36.75
C ASP A 254 22.85 -21.83 35.57
N LEU A 255 21.59 -22.14 35.30
CA LEU A 255 20.93 -21.51 34.16
C LEU A 255 20.45 -20.09 34.52
N THR A 256 20.67 -19.62 35.75
CA THR A 256 20.32 -18.26 36.15
C THR A 256 21.44 -17.25 35.93
N LYS A 257 22.66 -17.70 35.62
CA LYS A 257 23.80 -16.80 35.53
C LYS A 257 24.09 -16.36 34.12
N GLY A 258 24.79 -15.25 34.03
CA GLY A 258 25.00 -14.59 32.74
C GLY A 258 25.85 -15.39 31.77
N PRO A 259 26.02 -14.88 30.55
CA PRO A 259 25.26 -13.76 30.00
C PRO A 259 24.08 -14.28 29.19
N PHE A 260 23.09 -13.42 28.97
CA PHE A 260 21.91 -13.76 28.21
C PHE A 260 21.90 -12.89 26.97
N ASP A 261 21.68 -13.48 25.82
CA ASP A 261 21.70 -12.74 24.57
C ASP A 261 20.89 -13.49 23.55
N HIS A 262 20.98 -13.09 22.29
CA HIS A 262 20.24 -13.76 21.25
C HIS A 262 20.56 -15.24 21.02
N THR A 263 21.65 -15.74 21.60
CA THR A 263 21.95 -17.17 21.51
C THR A 263 21.56 -17.93 22.75
N HIS A 264 21.22 -17.23 23.82
CA HIS A 264 21.03 -17.84 25.13
C HIS A 264 20.13 -17.00 26.03
N PRO A 265 18.87 -17.40 26.12
CA PRO A 265 17.88 -16.66 26.88
C PRO A 265 17.83 -17.12 28.32
N TYR A 266 17.18 -16.33 29.15
CA TYR A 266 16.83 -16.65 30.55
C TYR A 266 15.38 -17.08 30.57
N LEU A 267 15.06 -18.15 31.30
CA LEU A 267 13.65 -18.52 31.43
C LEU A 267 13.03 -17.73 32.56
N ALA A 268 12.30 -16.69 32.18
CA ALA A 268 11.77 -15.72 33.12
C ALA A 268 10.35 -15.99 33.47
N ARG A 269 10.08 -16.12 34.78
CA ARG A 269 8.76 -16.36 35.28
C ARG A 269 7.86 -15.12 35.20
N ILE A 270 6.67 -15.30 34.64
CA ILE A 270 5.67 -14.25 34.63
C ILE A 270 4.92 -14.28 35.95
N THR A 271 5.17 -13.29 36.78
CA THR A 271 4.55 -13.25 38.09
C THR A 271 3.17 -12.70 38.08
N GLU A 272 2.85 -11.85 37.12
CA GLU A 272 1.50 -11.32 37.03
C GLU A 272 1.26 -10.81 35.62
N THR A 273 0.01 -10.81 35.24
CA THR A 273 -0.48 -10.28 33.95
C THR A 273 -1.80 -9.61 34.16
N ARG A 274 -2.12 -8.63 33.29
CA ARG A 274 -3.33 -7.90 33.36
C ARG A 274 -3.80 -7.56 31.95
N GLU A 275 -5.07 -7.75 31.68
CA GLU A 275 -5.68 -7.21 30.50
C GLU A 275 -5.91 -5.73 30.73
N LEU A 276 -5.36 -4.90 29.83
CA LEU A 276 -5.43 -3.43 29.98
C LEU A 276 -6.55 -2.75 29.22
N PHE A 277 -7.23 -3.44 28.31
CA PHE A 277 -8.33 -2.87 27.56
C PHE A 277 -9.64 -3.47 28.08
N SER A 278 -10.70 -2.68 28.07
CA SER A 278 -12.02 -3.22 28.43
C SER A 278 -12.82 -3.71 27.23
N SER A 279 -12.28 -3.61 26.03
CA SER A 279 -12.96 -4.05 24.82
C SER A 279 -12.91 -5.56 24.71
N LYS A 280 -14.04 -6.18 24.36
CA LYS A 280 -14.11 -7.65 24.24
C LYS A 280 -13.29 -8.21 23.07
N GLU A 281 -13.18 -7.41 22.01
CA GLU A 281 -12.59 -7.81 20.73
C GLU A 281 -11.14 -7.35 20.49
N ARG A 282 -10.57 -6.55 21.38
CA ARG A 282 -9.25 -5.98 21.21
C ARG A 282 -8.60 -5.96 22.57
N HIS A 283 -7.41 -6.53 22.64
CA HIS A 283 -6.73 -6.82 23.90
C HIS A 283 -5.35 -6.24 23.95
N CYS A 284 -4.89 -5.92 25.15
CA CYS A 284 -3.54 -5.52 25.37
C CYS A 284 -3.06 -6.01 26.72
N ILE A 285 -1.91 -6.66 26.76
CA ILE A 285 -1.49 -7.38 27.97
C ILE A 285 -0.38 -6.63 28.66
N HIS A 286 -0.53 -6.40 29.95
CA HIS A 286 0.61 -6.02 30.82
C HIS A 286 1.25 -7.28 31.36
N VAL A 287 2.55 -7.40 31.24
CA VAL A 287 3.26 -8.60 31.68
C VAL A 287 4.31 -8.15 32.67
N GLU A 288 4.43 -8.84 33.80
CA GLU A 288 5.52 -8.68 34.73
C GLU A 288 6.34 -9.95 34.81
N PHE A 289 7.61 -9.84 34.42
CA PHE A 289 8.61 -10.88 34.47
C PHE A 289 9.48 -10.67 35.71
N ASP A 290 9.63 -11.71 36.54
CA ASP A 290 10.54 -11.66 37.70
C ASP A 290 11.92 -12.05 37.24
N ILE A 291 12.92 -11.19 37.43
CA ILE A 291 14.29 -11.46 37.06
C ILE A 291 15.19 -11.49 38.33
N SER A 292 14.58 -11.51 39.51
CA SER A 292 15.35 -11.32 40.77
C SER A 292 16.37 -12.44 41.01
N GLU A 293 16.10 -13.63 40.52
CA GLU A 293 16.99 -14.75 40.84
C GLU A 293 18.09 -14.98 39.80
N SER A 294 18.30 -13.99 38.92
CA SER A 294 19.17 -14.16 37.75
C SER A 294 20.09 -12.98 37.69
N ASN A 295 21.08 -13.10 36.79
CA ASN A 295 21.96 -12.02 36.36
C ASN A 295 21.47 -11.26 35.14
N LEU A 296 20.22 -11.45 34.73
CA LEU A 296 19.68 -10.68 33.61
C LEU A 296 19.48 -9.24 34.10
N LYS A 297 19.95 -8.29 33.31
CA LYS A 297 19.98 -6.86 33.71
C LYS A 297 19.32 -6.05 32.62
N TYR A 298 18.67 -4.94 32.99
CA TYR A 298 18.20 -4.00 32.00
C TYR A 298 18.34 -2.58 32.51
N THR A 299 18.26 -1.64 31.58
CA THR A 299 18.21 -0.23 31.86
C THR A 299 16.93 0.33 31.20
N THR A 300 16.27 1.24 31.90
CA THR A 300 15.11 1.97 31.38
C THR A 300 15.32 2.37 29.91
N GLY A 301 14.34 1.99 29.09
CA GLY A 301 14.39 2.26 27.65
C GLY A 301 14.88 1.09 26.81
N ASP A 302 15.43 0.06 27.44
CA ASP A 302 15.87 -1.13 26.69
C ASP A 302 14.68 -1.93 26.16
N HIS A 303 14.99 -2.94 25.35
CA HIS A 303 14.01 -3.81 24.71
C HIS A 303 14.13 -5.19 25.29
N LEU A 304 12.99 -5.85 25.47
CA LEU A 304 12.99 -7.25 25.85
C LEU A 304 12.67 -8.05 24.60
N ALA A 305 13.46 -9.07 24.31
CA ALA A 305 13.20 -10.02 23.26
C ALA A 305 12.52 -11.24 23.83
N ILE A 306 11.34 -11.57 23.33
CA ILE A 306 10.59 -12.72 23.83
C ILE A 306 10.66 -13.82 22.80
N TRP A 307 11.14 -14.97 23.21
CA TRP A 307 11.33 -16.12 22.30
C TRP A 307 10.02 -16.89 22.16
N PRO A 308 9.50 -17.05 20.93
CA PRO A 308 8.16 -17.63 20.78
C PRO A 308 8.16 -19.14 20.77
N SER A 309 6.94 -19.65 20.87
CA SER A 309 6.58 -20.96 20.39
C SER A 309 5.30 -20.80 19.54
N ASN A 310 5.04 -21.78 18.70
CA ASN A 310 3.88 -21.70 17.80
C ASN A 310 2.59 -22.21 18.43
N SER A 311 1.44 -21.78 17.89
CA SER A 311 0.17 -22.22 18.43
C SER A 311 -0.17 -23.65 17.96
N ASP A 312 -0.93 -24.34 18.80
CA ASP A 312 -1.44 -25.67 18.48
C ASP A 312 -2.15 -25.69 17.15
N GLU A 313 -2.96 -24.66 16.86
CA GLU A 313 -3.77 -24.64 15.65
C GLU A 313 -2.87 -24.55 14.43
N ASN A 314 -1.85 -23.69 14.46
CA ASN A 314 -0.96 -23.56 13.32
C ASN A 314 -0.11 -24.82 13.15
N ILE A 315 0.31 -25.40 14.26
CA ILE A 315 1.08 -26.66 14.20
C ILE A 315 0.28 -27.79 13.58
N LYS A 316 -0.97 -27.90 13.99
CA LYS A 316 -1.84 -28.93 13.44
C LYS A 316 -1.99 -28.77 11.94
N GLN A 317 -2.21 -27.56 11.46
CA GLN A 317 -2.44 -27.37 10.05
C GLN A 317 -1.11 -27.65 9.28
N PHE A 318 0.05 -27.29 9.85
CA PHE A 318 1.35 -27.54 9.24
C PHE A 318 1.59 -29.06 9.15
N ALA A 319 1.35 -29.76 10.23
CA ALA A 319 1.57 -31.22 10.22
C ALA A 319 0.64 -31.91 9.24
N LYS A 320 -0.61 -31.46 9.16
CA LYS A 320 -1.56 -32.00 8.18
C LYS A 320 -1.08 -31.78 6.74
N CYS A 321 -0.57 -30.58 6.47
CA CYS A 321 -0.16 -30.21 5.13
C CYS A 321 0.96 -31.12 4.63
N PHE A 322 1.86 -31.48 5.53
CA PHE A 322 3.06 -32.22 5.14
C PHE A 322 3.00 -33.70 5.51
N GLY A 323 1.84 -34.17 5.98
CA GLY A 323 1.67 -35.59 6.34
C GLY A 323 2.52 -36.01 7.52
N LEU A 324 2.71 -35.12 8.49
CA LEU A 324 3.53 -35.38 9.68
C LEU A 324 2.73 -35.64 10.95
N GLU A 325 1.43 -35.81 10.87
CA GLU A 325 0.59 -35.85 12.06
C GLU A 325 0.82 -37.08 12.92
N ASP A 326 1.39 -38.14 12.34
CA ASP A 326 1.73 -39.33 13.14
C ASP A 326 3.21 -39.45 13.44
N LYS A 327 4.00 -38.41 13.13
CA LYS A 327 5.44 -38.37 13.24
C LYS A 327 5.92 -37.37 14.29
N LEU A 328 5.01 -36.69 14.99
CA LEU A 328 5.46 -35.56 15.79
C LEU A 328 6.35 -35.95 16.98
N ASP A 329 6.17 -37.17 17.50
CA ASP A 329 7.02 -37.66 18.61
C ASP A 329 8.26 -38.41 18.13
N THR A 330 8.40 -38.57 16.83
CA THR A 330 9.54 -39.30 16.28
C THR A 330 10.79 -38.42 16.38
N VAL A 331 11.88 -39.02 16.78
CA VAL A 331 13.14 -38.33 16.95
C VAL A 331 13.94 -38.35 15.67
N ILE A 332 14.51 -37.21 15.33
CA ILE A 332 15.43 -37.08 14.21
C ILE A 332 16.80 -36.57 14.66
N GLU A 333 17.83 -36.96 13.91
CA GLU A 333 19.14 -36.40 14.04
C GLU A 333 19.50 -35.76 12.73
N LEU A 334 20.17 -34.61 12.82
N LEU A 334 20.19 -34.63 12.82
CA LEU A 334 20.54 -33.83 11.64
CA LEU A 334 20.56 -33.84 11.65
C LEU A 334 22.05 -33.81 11.51
C LEU A 334 22.07 -33.81 11.52
N LYS A 335 22.54 -33.95 10.29
CA LYS A 335 23.97 -33.85 9.99
C LYS A 335 24.18 -32.89 8.86
N ALA A 336 25.09 -31.94 9.03
CA ALA A 336 25.46 -31.02 7.97
C ALA A 336 26.15 -31.75 6.81
N LEU A 337 25.69 -31.47 5.60
CA LEU A 337 26.34 -31.91 4.35
C LEU A 337 27.31 -30.88 3.74
N ASP A 338 27.41 -29.72 4.34
CA ASP A 338 28.25 -28.65 3.83
C ASP A 338 28.94 -28.12 5.06
N SER A 339 30.27 -27.93 4.95
CA SER A 339 31.09 -27.53 6.09
C SER A 339 30.77 -26.16 6.67
N THR A 340 29.97 -25.36 5.96
CA THR A 340 29.69 -24.01 6.45
C THR A 340 28.24 -23.85 6.82
N TYR A 341 27.49 -24.96 6.81
CA TYR A 341 26.07 -24.94 7.21
C TYR A 341 25.99 -25.26 8.68
N THR A 342 25.30 -24.40 9.42
CA THR A 342 25.04 -24.57 10.83
C THR A 342 23.60 -25.11 10.97
N ILE A 343 23.45 -26.26 11.60
CA ILE A 343 22.15 -26.77 11.93
C ILE A 343 21.53 -25.78 12.93
N PRO A 344 20.30 -25.30 12.63
CA PRO A 344 19.82 -24.14 13.38
C PRO A 344 19.10 -24.39 14.71
N PHE A 345 19.11 -25.63 15.20
CA PHE A 345 18.53 -26.02 16.47
C PHE A 345 19.25 -27.24 16.95
N PRO A 346 19.08 -27.58 18.24
CA PRO A 346 19.68 -28.78 18.81
C PRO A 346 19.28 -30.07 18.13
N THR A 347 20.22 -31.03 18.12
CA THR A 347 19.97 -32.35 17.56
C THR A 347 20.59 -33.39 18.51
N PRO A 348 19.89 -34.48 18.80
CA PRO A 348 18.65 -34.92 18.20
C PRO A 348 17.42 -34.17 18.82
N ILE A 349 16.30 -34.29 18.15
CA ILE A 349 15.09 -33.49 18.41
C ILE A 349 13.91 -34.18 17.79
N THR A 350 12.72 -33.96 18.30
CA THR A 350 11.55 -34.52 17.62
C THR A 350 11.03 -33.60 16.52
N TYR A 351 10.28 -34.18 15.57
CA TYR A 351 9.66 -33.36 14.52
C TYR A 351 8.78 -32.32 15.18
N GLY A 352 8.02 -32.72 16.19
CA GLY A 352 7.05 -31.80 16.80
C GLY A 352 7.76 -30.65 17.48
N ALA A 353 8.92 -30.89 18.09
CA ALA A 353 9.65 -29.82 18.74
C ALA A 353 10.17 -28.83 17.72
N VAL A 354 10.61 -29.31 16.56
CA VAL A 354 11.11 -28.43 15.52
C VAL A 354 10.00 -27.49 15.05
N ILE A 355 8.82 -28.06 14.83
CA ILE A 355 7.69 -27.31 14.31
C ILE A 355 7.16 -26.32 15.35
N ARG A 356 7.08 -26.75 16.61
CA ARG A 356 6.55 -25.90 17.66
C ARG A 356 7.54 -24.81 18.07
N HIS A 357 8.83 -25.11 18.17
CA HIS A 357 9.79 -24.25 18.82
C HIS A 357 10.86 -23.63 17.94
N HIS A 358 10.93 -24.04 16.67
CA HIS A 358 12.03 -23.58 15.83
C HIS A 358 11.69 -23.01 14.44
N LEU A 359 10.57 -23.34 13.85
CA LEU A 359 10.25 -22.92 12.50
C LEU A 359 9.20 -21.84 12.58
N GLU A 360 9.43 -20.80 11.77
CA GLU A 360 8.45 -19.73 11.57
C GLU A 360 7.36 -20.21 10.58
N ILE A 361 6.49 -21.09 11.04
CA ILE A 361 5.47 -21.65 10.18
C ILE A 361 4.36 -20.69 9.81
N SER A 362 4.18 -19.63 10.61
CA SER A 362 3.17 -18.67 10.27
C SER A 362 3.78 -17.40 9.71
N GLY A 363 2.90 -16.63 9.09
CA GLY A 363 3.29 -15.40 8.43
C GLY A 363 3.20 -15.46 6.90
N PRO A 364 3.30 -14.29 6.27
CA PRO A 364 3.15 -14.25 4.80
C PRO A 364 4.06 -15.24 4.08
N VAL A 365 3.55 -15.85 3.04
CA VAL A 365 4.27 -16.83 2.31
C VAL A 365 5.04 -16.16 1.20
N SER A 366 6.35 -16.34 1.10
CA SER A 366 7.08 -15.80 -0.03
C SER A 366 6.72 -16.56 -1.31
N ARG A 367 6.53 -15.85 -2.42
CA ARG A 367 6.38 -16.53 -3.71
C ARG A 367 7.61 -17.38 -4.02
N GLN A 368 8.79 -17.00 -3.52
CA GLN A 368 10.00 -17.84 -3.72
C GLN A 368 9.87 -19.21 -3.04
N PHE A 369 9.11 -19.29 -1.95
CA PHE A 369 8.84 -20.61 -1.34
C PHE A 369 8.04 -21.49 -2.30
N PHE A 370 6.99 -20.93 -2.93
CA PHE A 370 6.29 -21.69 -3.98
C PHE A 370 7.27 -22.16 -5.05
N LEU A 371 8.16 -21.27 -5.48
CA LEU A 371 9.07 -21.68 -6.58
C LEU A 371 10.01 -22.79 -6.15
N SER A 372 10.49 -22.71 -4.90
CA SER A 372 11.43 -23.68 -4.39
C SER A 372 10.84 -25.07 -4.14
N ILE A 373 9.57 -25.12 -3.73
CA ILE A 373 8.95 -26.39 -3.35
C ILE A 373 8.13 -27.06 -4.44
N ALA A 374 7.95 -26.39 -5.57
CA ALA A 374 7.00 -26.85 -6.61
C ALA A 374 7.30 -28.28 -7.11
N GLY A 375 8.58 -28.63 -7.15
CA GLY A 375 9.02 -29.97 -7.53
C GLY A 375 8.48 -31.09 -6.69
N PHE A 376 8.09 -30.80 -5.44
CA PHE A 376 7.50 -31.77 -4.52
C PHE A 376 5.99 -31.81 -4.53
N ALA A 377 5.33 -31.15 -5.47
CA ALA A 377 3.88 -31.16 -5.53
C ALA A 377 3.34 -32.59 -5.58
N PRO A 378 2.23 -32.89 -4.88
CA PRO A 378 1.81 -34.29 -4.77
C PRO A 378 1.23 -34.92 -6.02
N ASP A 379 0.77 -34.12 -6.98
CA ASP A 379 0.14 -34.66 -8.20
C ASP A 379 0.17 -33.64 -9.32
N GLU A 380 -0.18 -34.08 -10.53
CA GLU A 380 -0.11 -33.21 -11.71
C GLU A 380 -1.06 -32.02 -11.69
N GLU A 381 -2.27 -32.21 -11.16
CA GLU A 381 -3.25 -31.12 -11.14
C GLU A 381 -2.79 -30.03 -10.18
N THR A 382 -2.21 -30.45 -9.06
CA THR A 382 -1.56 -29.52 -8.14
C THR A 382 -0.37 -28.81 -8.77
N LYS A 383 0.52 -29.54 -9.43
CA LYS A 383 1.70 -28.91 -10.02
C LYS A 383 1.30 -27.81 -11.00
N LYS A 384 0.25 -28.06 -11.78
CA LYS A 384 -0.22 -27.07 -12.74
C LYS A 384 -0.73 -25.77 -12.06
N THR A 385 -1.61 -25.89 -11.09
CA THR A 385 -2.05 -24.75 -10.31
C THR A 385 -0.87 -24.06 -9.63
N PHE A 386 -0.04 -24.85 -8.98
CA PHE A 386 1.01 -24.33 -8.10
C PHE A 386 2.10 -23.61 -8.90
N THR A 387 2.48 -24.17 -10.05
CA THR A 387 3.43 -23.56 -10.97
C THR A 387 2.89 -22.25 -11.52
N ARG A 388 1.60 -22.19 -11.84
CA ARG A 388 0.99 -20.99 -12.34
C ARG A 388 1.03 -19.89 -11.26
N LEU A 389 0.59 -20.23 -10.03
CA LEU A 389 0.58 -19.24 -8.98
C LEU A 389 2.00 -18.76 -8.66
N GLY A 390 2.96 -19.68 -8.61
CA GLY A 390 4.33 -19.34 -8.29
C GLY A 390 5.00 -18.44 -9.30
N GLY A 391 4.51 -18.47 -10.55
CA GLY A 391 5.09 -17.66 -11.63
C GLY A 391 4.43 -16.33 -11.88
N ASP A 392 3.29 -16.05 -11.26
CA ASP A 392 2.50 -14.86 -11.54
C ASP A 392 2.38 -14.07 -10.27
N LYS A 393 3.22 -13.05 -10.17
CA LYS A 393 3.24 -12.12 -9.06
C LYS A 393 1.86 -11.64 -8.63
N GLN A 394 1.01 -11.22 -9.57
CA GLN A 394 -0.26 -10.59 -9.18
C GLN A 394 -1.28 -11.60 -8.72
N GLU A 395 -1.33 -12.72 -9.41
CA GLU A 395 -2.28 -13.75 -9.02
C GLU A 395 -1.87 -14.34 -7.65
N PHE A 396 -0.59 -14.53 -7.43
CA PHE A 396 -0.07 -14.89 -6.08
C PHE A 396 -0.50 -13.94 -4.99
N ALA A 397 -0.39 -12.64 -5.25
CA ALA A 397 -0.81 -11.66 -4.28
C ALA A 397 -2.32 -11.76 -3.97
N THR A 398 -3.12 -11.95 -5.03
CA THR A 398 -4.58 -12.05 -4.85
C THR A 398 -5.03 -13.36 -4.20
N LYS A 399 -4.42 -14.46 -4.60
CA LYS A 399 -4.90 -15.77 -4.17
C LYS A 399 -4.23 -16.30 -2.93
N VAL A 400 -3.10 -15.71 -2.54
CA VAL A 400 -2.34 -16.21 -1.36
C VAL A 400 -2.13 -15.06 -0.35
N THR A 401 -1.37 -14.02 -0.74
CA THR A 401 -0.96 -12.97 0.19
C THR A 401 -2.15 -12.26 0.81
N ARG A 402 -3.12 -11.84 0.00
CA ARG A 402 -4.14 -11.00 0.61
C ARG A 402 -5.15 -11.83 1.37
N ARG A 403 -5.12 -13.15 1.20
CA ARG A 403 -5.93 -14.06 2.08
C ARG A 403 -5.27 -14.32 3.44
N LYS A 404 -4.03 -13.85 3.60
CA LYS A 404 -3.24 -14.07 4.82
C LYS A 404 -3.12 -15.57 5.12
N PHE A 405 -2.95 -16.36 4.06
CA PHE A 405 -2.60 -17.76 4.21
C PHE A 405 -1.22 -17.90 4.86
N ASN A 406 -1.11 -18.88 5.72
CA ASN A 406 0.22 -19.42 6.10
C ASN A 406 0.62 -20.45 5.07
N ILE A 407 1.88 -20.90 5.16
CA ILE A 407 2.39 -21.94 4.25
C ILE A 407 1.40 -23.06 4.11
N ALA A 408 0.97 -23.58 5.25
CA ALA A 408 0.14 -24.80 5.25
C ALA A 408 -1.15 -24.56 4.46
N ASP A 409 -1.78 -23.42 4.70
CA ASP A 409 -3.04 -23.09 4.05
C ASP A 409 -2.86 -22.86 2.55
N ALA A 410 -1.75 -22.24 2.18
CA ALA A 410 -1.52 -21.92 0.76
C ALA A 410 -1.26 -23.20 -0.01
N LEU A 411 -0.48 -24.11 0.57
CA LEU A 411 -0.20 -25.35 -0.14
C LEU A 411 -1.44 -26.23 -0.23
N LEU A 412 -2.25 -26.31 0.83
CA LEU A 412 -3.47 -27.14 0.80
C LEU A 412 -4.54 -26.55 -0.13
N TYR A 413 -4.58 -25.22 -0.26
CA TYR A 413 -5.43 -24.60 -1.28
C TYR A 413 -5.06 -25.12 -2.65
N SER A 414 -3.76 -25.08 -2.94
CA SER A 414 -3.22 -25.44 -4.24
C SER A 414 -3.40 -26.90 -4.55
N SER A 415 -3.38 -27.75 -3.53
CA SER A 415 -3.51 -29.22 -3.74
C SER A 415 -4.88 -29.76 -3.46
N ASN A 416 -5.88 -28.91 -3.25
CA ASN A 416 -7.25 -29.33 -2.93
C ASN A 416 -7.25 -30.29 -1.73
N ASN A 417 -6.45 -29.92 -0.72
CA ASN A 417 -6.34 -30.64 0.51
C ASN A 417 -5.59 -31.98 0.48
N THR A 418 -4.96 -32.30 -0.64
CA THR A 418 -4.06 -33.45 -0.69
C THR A 418 -2.75 -33.10 0.03
N PRO A 419 -2.34 -33.92 1.01
CA PRO A 419 -1.07 -33.62 1.70
C PRO A 419 0.15 -33.65 0.78
N TRP A 420 1.12 -32.80 1.11
CA TRP A 420 2.38 -32.71 0.43
C TRP A 420 3.41 -33.63 1.12
N SER A 421 3.13 -34.92 1.03
CA SER A 421 3.86 -35.94 1.77
C SER A 421 5.20 -36.27 1.14
N ASP A 422 5.46 -35.76 -0.06
CA ASP A 422 6.75 -35.97 -0.71
C ASP A 422 7.79 -34.92 -0.37
N VAL A 423 7.41 -33.89 0.38
CA VAL A 423 8.36 -32.89 0.76
C VAL A 423 9.26 -33.43 1.87
N PRO A 424 10.58 -33.48 1.60
CA PRO A 424 11.53 -33.89 2.63
C PRO A 424 11.52 -32.93 3.80
N PHE A 425 11.47 -33.40 5.02
CA PHE A 425 11.46 -32.45 6.14
C PHE A 425 12.73 -31.56 6.17
N GLU A 426 13.87 -32.05 5.65
CA GLU A 426 15.08 -31.24 5.49
C GLU A 426 14.82 -30.01 4.66
N PHE A 427 13.95 -30.13 3.66
CA PHE A 427 13.65 -29.01 2.79
C PHE A 427 13.00 -27.93 3.61
N LEU A 428 12.09 -28.33 4.49
CA LEU A 428 11.39 -27.35 5.37
C LEU A 428 12.32 -26.70 6.38
N ILE A 429 13.25 -27.47 6.95
CA ILE A 429 14.26 -26.92 7.85
C ILE A 429 15.07 -25.83 7.15
N GLU A 430 15.44 -26.06 5.90
CA GLU A 430 16.22 -25.05 5.17
C GLU A 430 15.42 -23.88 4.58
N ASN A 431 14.18 -24.10 4.23
CA ASN A 431 13.42 -23.12 3.46
C ASN A 431 12.42 -22.33 4.27
N ILE A 432 12.28 -22.63 5.56
CA ILE A 432 11.42 -21.81 6.42
C ILE A 432 12.31 -21.17 7.41
N GLN A 433 12.12 -19.87 7.61
CA GLN A 433 13.00 -19.16 8.50
C GLN A 433 12.88 -19.62 9.96
N HIS A 434 13.98 -19.47 10.70
CA HIS A 434 13.95 -19.83 12.13
CA HIS A 434 14.09 -19.65 12.15
C HIS A 434 12.98 -18.86 12.86
N LEU A 435 12.33 -19.42 13.87
CA LEU A 435 11.35 -18.69 14.67
C LEU A 435 12.10 -17.68 15.50
N THR A 436 11.87 -16.37 15.31
CA THR A 436 12.76 -15.34 15.82
C THR A 436 12.10 -14.56 16.97
N PRO A 437 12.88 -14.10 17.94
CA PRO A 437 12.27 -13.32 19.03
C PRO A 437 11.62 -12.05 18.53
N ARG A 438 10.58 -11.62 19.23
CA ARG A 438 9.94 -10.33 19.04
C ARG A 438 10.39 -9.38 20.14
N TYR A 439 10.61 -8.13 19.79
CA TYR A 439 11.02 -7.13 20.72
C TYR A 439 9.87 -6.32 21.29
N TYR A 440 10.01 -5.97 22.57
CA TYR A 440 9.03 -5.16 23.27
C TYR A 440 9.77 -4.05 24.01
N SER A 441 9.20 -2.87 24.00
CA SER A 441 9.75 -1.77 24.75
C SER A 441 9.50 -1.93 26.23
N ILE A 442 10.55 -2.03 27.04
CA ILE A 442 10.32 -2.29 28.43
C ILE A 442 9.58 -1.10 29.05
N SER A 443 8.57 -1.39 29.83
CA SER A 443 7.68 -0.40 30.41
C SER A 443 7.84 -0.20 31.91
N SER A 444 8.82 -0.89 32.48
CA SER A 444 9.23 -0.67 33.85
C SER A 444 10.51 0.20 33.88
N SER A 445 10.83 0.69 35.08
CA SER A 445 12.05 1.45 35.31
C SER A 445 13.04 0.68 36.10
N SER A 446 14.28 0.63 35.62
CA SER A 446 15.36 -0.15 36.26
C SER A 446 15.75 0.48 37.59
N LEU A 447 15.62 1.80 37.69
CA LEU A 447 15.81 2.47 38.99
C LEU A 447 14.74 2.10 40.02
N SER A 448 13.50 2.10 39.58
CA SER A 448 12.34 1.87 40.39
C SER A 448 12.14 0.37 40.76
N GLU A 449 12.39 -0.50 39.80
CA GLU A 449 12.18 -1.95 39.97
C GLU A 449 13.19 -2.70 39.14
N LYS A 450 14.44 -2.72 39.63
CA LYS A 450 15.53 -3.44 38.97
C LYS A 450 15.25 -4.93 38.82
N GLN A 451 14.37 -5.48 39.66
CA GLN A 451 14.10 -6.92 39.80
C GLN A 451 12.92 -7.44 38.96
N LEU A 452 12.28 -6.53 38.21
CA LEU A 452 11.12 -6.86 37.41
C LEU A 452 11.28 -6.21 36.05
N ILE A 453 10.76 -6.90 35.03
CA ILE A 453 10.62 -6.27 33.72
C ILE A 453 9.16 -6.30 33.34
N ASN A 454 8.64 -5.16 32.93
CA ASN A 454 7.33 -5.07 32.41
C ASN A 454 7.39 -4.89 30.90
N VAL A 455 6.41 -5.46 30.22
CA VAL A 455 6.12 -5.12 28.82
C VAL A 455 4.62 -4.93 28.68
N THR A 456 4.24 -4.31 27.59
CA THR A 456 2.89 -3.83 27.33
C THR A 456 2.62 -4.17 25.86
N ALA A 457 1.81 -5.21 25.62
CA ALA A 457 1.71 -5.80 24.26
C ALA A 457 0.30 -5.84 23.73
N VAL A 458 0.03 -5.18 22.64
CA VAL A 458 -1.28 -5.21 22.02
C VAL A 458 -1.40 -6.50 21.23
N VAL A 459 -2.53 -7.19 21.40
CA VAL A 459 -2.68 -8.51 20.82
C VAL A 459 -3.17 -8.39 19.40
N GLU A 460 -2.49 -9.08 18.48
CA GLU A 460 -2.87 -9.06 17.05
C GLU A 460 -3.62 -10.34 16.72
N ALA A 461 -4.91 -10.25 16.38
CA ALA A 461 -5.70 -11.47 16.08
C ALA A 461 -6.94 -11.10 15.30
N GLU A 462 -7.24 -11.91 14.30
CA GLU A 462 -8.51 -11.80 13.61
C GLU A 462 -8.91 -13.14 13.06
N GLU A 463 -10.18 -13.25 12.65
CA GLU A 463 -10.68 -14.46 12.00
C GLU A 463 -11.17 -14.10 10.62
N GLU A 464 -10.82 -14.94 9.66
CA GLU A 464 -11.20 -14.66 8.28
C GLU A 464 -12.59 -15.18 8.03
N ALA A 465 -13.17 -14.81 6.91
CA ALA A 465 -14.57 -15.22 6.63
C ALA A 465 -14.70 -16.76 6.51
N ASP A 466 -13.63 -17.40 6.06
CA ASP A 466 -13.60 -18.86 5.92
C ASP A 466 -13.31 -19.57 7.27
N GLY A 467 -13.15 -18.80 8.34
CA GLY A 467 -12.98 -19.33 9.71
C GLY A 467 -11.55 -19.44 10.18
N ARG A 468 -10.59 -19.12 9.33
CA ARG A 468 -9.17 -19.23 9.68
C ARG A 468 -8.79 -18.16 10.70
N PRO A 469 -8.05 -18.54 11.74
CA PRO A 469 -7.48 -17.52 12.62
C PRO A 469 -6.14 -17.01 12.06
N VAL A 470 -6.00 -15.69 12.02
CA VAL A 470 -4.75 -15.06 11.59
C VAL A 470 -4.23 -14.33 12.86
N THR A 471 -3.12 -14.81 13.39
CA THR A 471 -2.69 -14.40 14.74
C THR A 471 -1.24 -14.01 14.82
N GLY A 472 -0.96 -13.03 15.69
CA GLY A 472 0.40 -12.74 16.06
C GLY A 472 0.91 -13.79 17.00
N VAL A 473 2.08 -14.36 16.75
CA VAL A 473 2.53 -15.51 17.53
C VAL A 473 2.77 -15.13 19.01
N VAL A 474 3.62 -14.16 19.29
CA VAL A 474 3.96 -13.85 20.66
C VAL A 474 2.77 -13.25 21.37
N THR A 475 2.05 -12.36 20.71
CA THR A 475 1.02 -11.64 21.44
C THR A 475 -0.11 -12.58 21.82
N ASN A 476 -0.40 -13.61 21.01
CA ASN A 476 -1.48 -14.55 21.40
C ASN A 476 -0.98 -15.52 22.44
N LEU A 477 0.33 -15.76 22.44
CA LEU A 477 0.94 -16.50 23.53
C LEU A 477 0.77 -15.74 24.85
N LEU A 478 1.11 -14.45 24.87
CA LEU A 478 0.90 -13.65 26.08
C LEU A 478 -0.56 -13.57 26.49
N LYS A 479 -1.48 -13.43 25.55
CA LYS A 479 -2.90 -13.42 25.91
C LYS A 479 -3.29 -14.78 26.51
N ASN A 480 -2.83 -15.89 25.96
CA ASN A 480 -3.14 -17.21 26.52
C ASN A 480 -2.64 -17.27 27.95
N ILE A 481 -1.43 -16.77 28.22
CA ILE A 481 -0.88 -16.80 29.59
C ILE A 481 -1.77 -15.97 30.51
N GLU A 482 -2.16 -14.78 30.09
CA GLU A 482 -3.01 -13.92 30.91
C GLU A 482 -4.37 -14.57 31.23
N ILE A 483 -4.95 -15.22 30.24
CA ILE A 483 -6.23 -15.91 30.41
C ILE A 483 -6.07 -17.05 31.45
N ALA A 484 -5.05 -17.85 31.29
CA ALA A 484 -4.80 -18.99 32.18
C ALA A 484 -4.39 -18.54 33.56
N GLN A 485 -3.52 -17.54 33.65
CA GLN A 485 -2.98 -17.11 34.94
C GLN A 485 -4.05 -16.47 35.81
N ASN A 486 -4.98 -15.74 35.19
CA ASN A 486 -6.04 -15.03 35.91
C ASN A 486 -7.41 -15.71 35.89
N LYS A 487 -7.46 -16.92 35.31
CA LYS A 487 -8.71 -17.72 35.28
C LYS A 487 -9.89 -16.90 34.76
N THR A 488 -9.70 -16.24 33.63
CA THR A 488 -10.63 -15.17 33.27
C THR A 488 -11.92 -15.67 32.69
N GLY A 489 -11.95 -16.90 32.22
CA GLY A 489 -13.11 -17.39 31.52
C GLY A 489 -13.25 -16.97 30.08
N GLU A 490 -12.24 -16.26 29.53
CA GLU A 490 -12.22 -16.02 28.12
C GLU A 490 -11.80 -17.28 27.37
N LYS A 491 -12.27 -17.43 26.15
CA LYS A 491 -11.92 -18.55 25.32
C LYS A 491 -10.79 -18.06 24.40
N PRO A 492 -9.58 -18.63 24.53
CA PRO A 492 -8.50 -18.20 23.64
C PRO A 492 -8.80 -18.54 22.17
N LEU A 493 -8.45 -17.65 21.24
CA LEU A 493 -8.62 -17.92 19.80
C LEU A 493 -7.69 -19.04 19.32
N VAL A 494 -6.42 -19.01 19.75
CA VAL A 494 -5.51 -20.09 19.51
C VAL A 494 -4.86 -20.43 20.84
N HIS A 495 -4.25 -21.60 20.93
CA HIS A 495 -3.73 -22.12 22.17
C HIS A 495 -2.28 -22.44 22.01
N TYR A 496 -1.55 -22.47 23.13
CA TYR A 496 -0.11 -22.76 23.15
C TYR A 496 0.22 -23.76 24.26
N ASP A 497 1.43 -24.32 24.17
CA ASP A 497 1.96 -25.17 25.23
C ASP A 497 2.54 -24.27 26.29
N LEU A 498 1.78 -24.05 27.35
CA LEU A 498 2.25 -23.21 28.44
C LEU A 498 3.25 -23.90 29.37
N SER A 499 3.39 -25.25 29.27
CA SER A 499 4.33 -25.93 30.12
C SER A 499 5.72 -26.00 29.52
N GLY A 500 5.78 -25.98 28.21
CA GLY A 500 7.04 -26.05 27.51
C GLY A 500 7.76 -27.39 27.51
N PRO A 501 8.96 -27.41 26.95
CA PRO A 501 9.74 -28.65 26.82
C PRO A 501 10.08 -29.24 28.17
N ARG A 502 9.63 -30.48 28.38
CA ARG A 502 9.82 -31.16 29.67
C ARG A 502 9.31 -30.40 30.85
N GLY A 503 8.27 -29.60 30.66
CA GLY A 503 7.80 -28.77 31.76
C GLY A 503 8.68 -27.62 32.17
N LYS A 504 9.71 -27.30 31.39
CA LYS A 504 10.67 -26.28 31.76
C LYS A 504 10.12 -24.83 31.71
N PHE A 505 8.98 -24.60 31.10
CA PHE A 505 8.38 -23.29 31.09
C PHE A 505 7.27 -23.18 32.15
N ASN A 506 7.15 -24.21 33.00
CA ASN A 506 6.19 -24.11 34.07
C ASN A 506 6.37 -23.01 35.06
N LYS A 507 5.16 -22.60 35.50
CA LYS A 507 4.74 -21.45 36.20
C LYS A 507 4.95 -20.27 35.26
N PHE A 508 4.45 -20.41 34.03
CA PHE A 508 4.35 -19.30 33.08
C PHE A 508 5.69 -18.64 32.86
N LYS A 509 6.72 -19.43 32.54
CA LYS A 509 8.01 -18.88 32.13
C LYS A 509 8.05 -18.75 30.61
N LEU A 510 8.79 -17.77 30.09
CA LEU A 510 9.15 -17.72 28.68
C LEU A 510 10.64 -17.43 28.58
N PRO A 511 11.31 -17.87 27.50
CA PRO A 511 12.69 -17.48 27.28
C PRO A 511 12.75 -16.01 26.83
N VAL A 512 13.58 -15.21 27.47
CA VAL A 512 13.77 -13.82 27.10
C VAL A 512 15.23 -13.44 27.10
N HIS A 513 15.56 -12.36 26.42
CA HIS A 513 16.85 -11.68 26.66
C HIS A 513 16.63 -10.18 26.52
N VAL A 514 17.57 -9.39 27.00
CA VAL A 514 17.43 -7.90 26.91
C VAL A 514 18.38 -7.41 25.85
N ARG A 515 17.86 -6.50 25.02
CA ARG A 515 18.72 -5.81 24.08
C ARG A 515 18.86 -4.39 24.53
N ARG A 516 20.09 -3.94 24.60
CA ARG A 516 20.34 -2.59 25.08
C ARG A 516 19.97 -1.67 23.94
N SER A 517 19.22 -0.59 24.25
CA SER A 517 18.85 0.40 23.22
C SER A 517 19.52 1.72 23.53
N ASN A 518 19.56 2.61 22.56
N ASN A 518 19.57 2.58 22.52
CA ASN A 518 20.03 3.96 22.82
CA ASN A 518 20.04 3.95 22.73
C ASN A 518 18.88 4.96 23.09
C ASN A 518 18.93 4.91 23.24
N PHE A 519 17.69 4.43 23.33
CA PHE A 519 16.54 5.19 23.77
C PHE A 519 16.62 5.40 25.28
N LYS A 520 17.16 6.54 25.68
CA LYS A 520 17.61 6.72 27.04
C LYS A 520 17.29 8.11 27.49
N LEU A 521 16.85 8.22 28.72
CA LEU A 521 16.76 9.51 29.39
C LEU A 521 18.06 10.29 29.39
N PRO A 522 17.96 11.62 29.50
CA PRO A 522 19.15 12.45 29.48
C PRO A 522 20.04 12.13 30.69
N LYS A 523 21.35 12.22 30.51
CA LYS A 523 22.31 12.04 31.62
C LYS A 523 21.98 13.05 32.72
N ASN A 524 21.66 14.26 32.33
CA ASN A 524 21.31 15.30 33.27
C ASN A 524 19.83 15.23 33.59
N SER A 525 19.49 14.90 34.83
CA SER A 525 18.08 14.76 35.24
C SER A 525 17.30 16.08 35.26
N THR A 526 17.97 17.24 35.27
CA THR A 526 17.25 18.52 35.24
C THR A 526 16.81 18.90 33.80
N THR A 527 17.32 18.20 32.80
CA THR A 527 16.94 18.50 31.41
C THR A 527 15.47 18.16 31.23
N PRO A 528 14.66 19.08 30.70
CA PRO A 528 13.27 18.76 30.42
C PRO A 528 13.12 17.73 29.27
N VAL A 529 12.02 16.98 29.32
CA VAL A 529 11.74 16.03 28.22
C VAL A 529 10.32 16.18 27.74
N ILE A 530 10.11 15.92 26.44
CA ILE A 530 8.83 15.89 25.81
C ILE A 530 8.63 14.47 25.30
N LEU A 531 7.61 13.81 25.84
CA LEU A 531 7.37 12.37 25.59
C LEU A 531 6.07 12.21 24.84
N ILE A 532 6.12 11.61 23.65
CA ILE A 532 4.98 11.48 22.78
C ILE A 532 4.83 9.97 22.42
N GLY A 533 3.72 9.35 22.85
CA GLY A 533 3.58 7.90 22.59
C GLY A 533 2.16 7.48 22.77
N PRO A 534 1.34 7.60 21.74
CA PRO A 534 0.00 7.02 21.83
C PRO A 534 -0.05 5.50 21.71
N GLY A 535 -1.14 4.89 22.19
CA GLY A 535 -1.23 3.46 22.20
C GLY A 535 -0.09 2.78 22.90
N THR A 536 0.41 1.68 22.34
CA THR A 536 1.56 1.03 22.94
C THR A 536 2.86 1.82 22.86
N GLY A 537 2.87 2.92 22.14
CA GLY A 537 3.96 3.88 22.22
C GLY A 537 4.21 4.39 23.62
N VAL A 538 3.20 4.31 24.47
CA VAL A 538 3.37 4.77 25.83
C VAL A 538 4.28 3.85 26.66
N ALA A 539 4.56 2.65 26.18
CA ALA A 539 5.29 1.69 26.99
C ALA A 539 6.64 2.15 27.53
N PRO A 540 7.58 2.55 26.67
CA PRO A 540 8.84 3.04 27.24
C PRO A 540 8.65 4.33 28.01
N LEU A 541 7.63 5.11 27.64
CA LEU A 541 7.37 6.36 28.32
C LEU A 541 6.87 6.14 29.75
N ARG A 542 6.09 5.09 29.97
CA ARG A 542 5.80 4.66 31.37
C ARG A 542 7.10 4.37 32.12
N GLY A 543 8.03 3.68 31.50
CA GLY A 543 9.32 3.45 32.11
C GLY A 543 10.05 4.74 32.47
N PHE A 544 10.06 5.69 31.56
CA PHE A 544 10.69 6.97 31.80
C PHE A 544 10.04 7.72 32.94
N VAL A 545 8.72 7.75 32.94
CA VAL A 545 7.96 8.50 33.97
C VAL A 545 8.24 7.79 35.31
N ARG A 546 8.19 6.45 35.33
CA ARG A 546 8.43 5.75 36.60
C ARG A 546 9.83 6.03 37.12
N GLU A 547 10.81 6.17 36.23
CA GLU A 547 12.19 6.45 36.61
C GLU A 547 12.27 7.85 37.27
N ARG A 548 11.65 8.82 36.64
CA ARG A 548 11.66 10.21 37.16
C ARG A 548 10.92 10.34 38.46
N VAL A 549 9.83 9.60 38.60
CA VAL A 549 9.11 9.52 39.88
C VAL A 549 10.07 9.04 40.97
N GLN A 550 10.83 7.99 40.68
CA GLN A 550 11.74 7.41 41.70
C GLN A 550 12.88 8.37 42.00
N GLN A 551 13.38 9.00 40.96
CA GLN A 551 14.39 10.02 41.11
C GLN A 551 13.95 11.12 42.06
N VAL A 552 12.73 11.62 41.92
CA VAL A 552 12.17 12.67 42.82
C VAL A 552 12.12 12.13 44.26
N LYS A 553 11.69 10.88 44.42
CA LYS A 553 11.76 10.22 45.74
C LYS A 553 13.17 10.08 46.28
N ASN A 554 14.16 9.87 45.41
CA ASN A 554 15.55 9.82 45.86
C ASN A 554 16.13 11.24 46.12
N GLY A 555 15.26 12.25 46.19
CA GLY A 555 15.64 13.66 46.32
C GLY A 555 16.40 14.27 45.17
N VAL A 556 16.25 13.70 43.96
CA VAL A 556 16.93 14.23 42.77
C VAL A 556 16.11 15.40 42.20
N ASN A 557 16.81 16.43 41.74
CA ASN A 557 16.22 17.54 41.03
C ASN A 557 15.97 17.03 39.61
N VAL A 558 14.70 16.94 39.27
CA VAL A 558 14.26 16.44 37.97
C VAL A 558 13.59 17.57 37.20
N GLY A 559 13.92 17.70 35.92
CA GLY A 559 13.29 18.67 35.04
C GLY A 559 11.86 18.31 34.65
N LYS A 560 11.23 19.19 33.92
CA LYS A 560 9.84 19.06 33.53
C LYS A 560 9.72 17.88 32.57
N THR A 561 8.58 17.24 32.68
CA THR A 561 8.22 16.06 31.87
C THR A 561 6.86 16.33 31.28
N LEU A 562 6.79 16.40 29.96
CA LEU A 562 5.53 16.57 29.29
C LEU A 562 5.18 15.28 28.54
N LEU A 563 3.99 14.72 28.73
CA LEU A 563 3.62 13.45 28.12
C LEU A 563 2.36 13.66 27.28
N PHE A 564 2.45 13.29 26.02
CA PHE A 564 1.34 13.28 25.09
C PHE A 564 0.95 11.85 24.80
N TYR A 565 -0.26 11.50 25.18
CA TYR A 565 -0.78 10.14 25.04
C TYR A 565 -2.04 10.16 24.17
N GLY A 566 -2.39 9.01 23.57
CA GLY A 566 -3.64 8.92 22.85
C GLY A 566 -4.12 7.50 22.84
N CYS A 567 -5.43 7.39 22.69
CA CYS A 567 -6.09 6.09 22.53
C CYS A 567 -7.46 6.36 21.93
N ARG A 568 -8.24 5.31 21.67
CA ARG A 568 -9.58 5.47 21.13
C ARG A 568 -10.55 6.18 22.03
N ASN A 569 -10.60 5.78 23.29
CA ASN A 569 -11.72 6.18 24.17
C ASN A 569 -11.23 5.97 25.57
N SER A 570 -11.39 6.98 26.43
N SER A 570 -11.41 6.98 26.41
CA SER A 570 -10.93 6.94 27.81
CA SER A 570 -10.95 6.97 27.79
C SER A 570 -11.45 5.76 28.65
C SER A 570 -11.48 5.80 28.65
N ASN A 571 -12.60 5.22 28.25
CA ASN A 571 -13.22 4.08 28.96
C ASN A 571 -13.01 2.75 28.26
N GLU A 572 -12.17 2.72 27.20
CA GLU A 572 -11.97 1.48 26.43
C GLU A 572 -10.52 1.01 26.48
N ASP A 573 -9.62 1.89 26.10
CA ASP A 573 -8.25 1.49 25.83
C ASP A 573 -7.20 2.45 26.34
N PHE A 574 -7.46 3.10 27.48
CA PHE A 574 -6.56 4.06 28.10
C PHE A 574 -5.57 3.26 28.94
N LEU A 575 -4.38 3.10 28.38
CA LEU A 575 -3.34 2.35 29.06
C LEU A 575 -2.90 2.96 30.39
N TYR A 576 -2.91 2.14 31.43
CA TYR A 576 -2.37 2.45 32.75
C TYR A 576 -3.09 3.67 33.34
N LYS A 577 -4.37 3.77 33.03
CA LYS A 577 -5.14 5.00 33.32
C LYS A 577 -4.99 5.50 34.74
N GLN A 578 -5.10 4.59 35.71
CA GLN A 578 -4.93 4.93 37.15
C GLN A 578 -3.58 5.48 37.57
N GLU A 579 -2.50 5.03 36.90
CA GLU A 579 -1.18 5.30 37.38
C GLU A 579 -0.80 6.77 37.18
N TRP A 580 -1.33 7.42 36.14
CA TRP A 580 -0.75 8.71 35.76
C TRP A 580 -0.96 9.80 36.83
N ALA A 581 -2.13 9.80 37.44
CA ALA A 581 -2.35 10.73 38.59
C ALA A 581 -1.45 10.46 39.79
N GLU A 582 -1.06 9.21 39.99
CA GLU A 582 -0.14 8.83 41.06
C GLU A 582 1.26 9.38 40.75
N TYR A 583 1.66 9.29 39.48
CA TYR A 583 2.92 9.85 39.11
C TYR A 583 2.92 11.38 39.24
N ALA A 584 1.83 12.00 38.81
CA ALA A 584 1.57 13.48 38.87
C ALA A 584 1.70 14.00 40.29
N SER A 585 1.15 13.23 41.22
CA SER A 585 1.23 13.58 42.64
C SER A 585 2.67 13.70 43.14
N VAL A 586 3.53 12.77 42.74
CA VAL A 586 4.96 12.82 43.04
C VAL A 586 5.70 13.90 42.28
N LEU A 587 5.49 13.97 40.96
CA LEU A 587 6.29 14.89 40.15
C LEU A 587 5.85 16.33 40.26
N GLY A 588 4.60 16.52 40.64
CA GLY A 588 4.02 17.85 40.84
C GLY A 588 3.92 18.65 39.56
N GLU A 589 4.20 19.94 39.63
CA GLU A 589 4.09 20.79 38.44
C GLU A 589 5.15 20.51 37.36
N ASN A 590 6.21 19.76 37.69
CA ASN A 590 7.12 19.19 36.69
C ASN A 590 6.56 18.02 35.82
N PHE A 591 5.26 17.79 35.83
CA PHE A 591 4.66 16.80 34.93
C PHE A 591 3.33 17.28 34.47
N GLU A 592 3.10 17.23 33.16
CA GLU A 592 1.83 17.48 32.59
C GLU A 592 1.57 16.42 31.53
N MET A 593 0.34 15.95 31.45
CA MET A 593 -0.06 14.95 30.51
C MET A 593 -1.26 15.44 29.74
N PHE A 594 -1.27 15.26 28.42
CA PHE A 594 -2.38 15.58 27.59
C PHE A 594 -2.74 14.37 26.79
N ASN A 595 -4.04 14.08 26.74
CA ASN A 595 -4.60 12.89 26.13
C ASN A 595 -5.47 13.21 24.94
N ALA A 596 -5.28 12.44 23.90
CA ALA A 596 -6.03 12.60 22.69
C ALA A 596 -6.90 11.36 22.48
N PHE A 597 -8.21 11.52 22.37
CA PHE A 597 -9.11 10.42 22.15
C PHE A 597 -9.62 10.44 20.73
N SER A 598 -9.30 9.42 19.96
CA SER A 598 -9.56 9.40 18.53
C SER A 598 -11.00 9.04 18.19
N ARG A 599 -11.67 8.31 19.10
CA ARG A 599 -13.05 7.83 18.86
C ARG A 599 -14.13 8.29 19.84
N GLN A 600 -13.76 9.01 20.90
CA GLN A 600 -14.71 9.49 21.92
C GLN A 600 -15.85 10.33 21.29
N ASP A 601 -15.47 11.21 20.38
CA ASP A 601 -16.43 12.00 19.60
C ASP A 601 -16.14 11.85 18.08
N PRO A 602 -17.09 11.23 17.33
CA PRO A 602 -16.97 11.07 15.87
C PRO A 602 -16.78 12.35 15.05
N SER A 603 -17.39 13.45 15.46
CA SER A 603 -17.23 14.74 14.77
C SER A 603 -15.82 15.32 14.90
N LYS A 604 -15.14 15.05 16.01
CA LYS A 604 -13.76 15.52 16.22
C LYS A 604 -12.83 14.37 16.67
N LYS A 605 -12.28 13.67 15.68
CA LYS A 605 -11.21 12.69 15.90
C LYS A 605 -9.91 13.41 16.27
N VAL A 606 -9.36 13.14 17.45
CA VAL A 606 -8.19 13.81 17.99
C VAL A 606 -7.03 12.84 18.17
N TYR A 607 -5.86 13.29 17.77
CA TYR A 607 -4.63 12.51 17.88
C TYR A 607 -3.58 13.31 18.65
N VAL A 608 -2.50 12.66 19.05
CA VAL A 608 -1.44 13.33 19.77
C VAL A 608 -0.94 14.62 19.08
N GLN A 609 -0.78 14.63 17.75
CA GLN A 609 -0.33 15.83 17.09
C GLN A 609 -1.29 17.03 17.25
N ASP A 610 -2.59 16.77 17.40
CA ASP A 610 -3.54 17.82 17.68
C ASP A 610 -3.30 18.40 19.06
N LYS A 611 -3.01 17.56 20.03
CA LYS A 611 -2.71 18.05 21.39
C LYS A 611 -1.38 18.78 21.50
N ILE A 612 -0.38 18.31 20.75
CA ILE A 612 0.89 19.03 20.67
C ILE A 612 0.64 20.46 20.11
N LEU A 613 -0.14 20.58 19.06
CA LEU A 613 -0.44 21.90 18.46
C LEU A 613 -1.20 22.79 19.45
N GLU A 614 -2.18 22.20 20.15
CA GLU A 614 -2.99 22.94 21.14
C GLU A 614 -2.10 23.50 22.24
N ASN A 615 -1.03 22.78 22.57
CA ASN A 615 -0.13 23.13 23.62
C ASN A 615 1.24 23.63 23.10
N SER A 616 1.22 24.24 21.93
CA SER A 616 2.44 24.59 21.26
C SER A 616 3.34 25.55 22.02
N GLN A 617 2.76 26.49 22.77
CA GLN A 617 3.56 27.45 23.55
C GLN A 617 4.41 26.79 24.60
N LEU A 618 3.82 25.86 25.33
CA LEU A 618 4.51 25.08 26.31
C LEU A 618 5.58 24.20 25.67
N VAL A 619 5.20 23.52 24.59
CA VAL A 619 6.14 22.63 23.92
C VAL A 619 7.37 23.42 23.47
N HIS A 620 7.14 24.56 22.80
CA HIS A 620 8.27 25.33 22.36
C HIS A 620 9.11 25.94 23.47
N GLU A 621 8.46 26.37 24.55
CA GLU A 621 9.17 26.88 25.72
C GLU A 621 10.16 25.83 26.21
N LEU A 622 9.68 24.58 26.34
CA LEU A 622 10.59 23.53 26.74
C LEU A 622 11.71 23.26 25.76
N LEU A 623 11.43 23.34 24.46
CA LEU A 623 12.49 23.23 23.46
C LEU A 623 13.56 24.33 23.68
N THR A 624 13.13 25.53 24.07
CA THR A 624 14.14 26.59 24.26
C THR A 624 15.02 26.34 25.47
N GLU A 625 14.53 25.49 26.38
CA GLU A 625 15.28 25.04 27.56
C GLU A 625 16.09 23.74 27.27
N GLY A 626 16.20 23.36 26.02
CA GLY A 626 17.00 22.23 25.61
C GLY A 626 16.28 20.91 25.77
N ALA A 627 14.95 20.94 25.80
CA ALA A 627 14.21 19.62 26.04
C ALA A 627 14.57 18.60 25.00
N ILE A 628 14.63 17.33 25.41
CA ILE A 628 14.88 16.23 24.51
C ILE A 628 13.48 15.69 24.16
N ILE A 629 13.27 15.41 22.87
CA ILE A 629 12.01 14.85 22.38
C ILE A 629 12.15 13.35 22.21
N TYR A 630 11.15 12.62 22.66
CA TYR A 630 11.08 11.15 22.51
C TYR A 630 9.70 10.83 21.90
N VAL A 631 9.72 10.17 20.74
CA VAL A 631 8.50 9.71 20.07
C VAL A 631 8.50 8.20 19.95
N CYS A 632 7.40 7.57 20.37
CA CYS A 632 7.33 6.14 20.50
CA CYS A 632 7.36 6.10 20.45
C CYS A 632 6.02 5.62 19.96
N GLY A 633 6.05 4.46 19.31
CA GLY A 633 4.85 3.80 18.82
C GLY A 633 4.85 3.60 17.34
N ASP A 634 3.74 3.96 16.71
CA ASP A 634 3.51 3.68 15.31
C ASP A 634 4.40 4.46 14.37
N ALA A 635 5.24 3.78 13.62
CA ALA A 635 6.10 4.39 12.62
C ALA A 635 5.32 4.80 11.40
N SER A 636 4.26 4.05 11.08
CA SER A 636 3.69 4.17 9.74
C SER A 636 3.02 5.49 9.46
N ARG A 637 2.30 6.00 10.45
CA ARG A 637 1.61 7.27 10.33
C ARG A 637 1.94 8.24 11.44
N MET A 638 1.82 7.79 12.69
CA MET A 638 1.93 8.69 13.82
C MET A 638 3.25 9.43 13.82
N ALA A 639 4.35 8.70 13.70
CA ALA A 639 5.70 9.33 13.87
C ALA A 639 5.89 10.47 12.89
N ARG A 640 5.43 10.28 11.66
CA ARG A 640 5.61 11.26 10.60
C ARG A 640 4.68 12.45 10.81
N ASP A 641 3.45 12.20 11.23
CA ASP A 641 2.54 13.32 11.53
C ASP A 641 3.07 14.15 12.73
N VAL A 642 3.59 13.49 13.75
CA VAL A 642 4.15 14.22 14.88
C VAL A 642 5.35 15.05 14.45
N GLN A 643 6.22 14.51 13.63
CA GLN A 643 7.44 15.24 13.23
C GLN A 643 7.02 16.48 12.46
N THR A 644 6.07 16.34 11.56
CA THR A 644 5.57 17.50 10.80
C THR A 644 5.00 18.57 11.72
N THR A 645 4.24 18.15 12.71
CA THR A 645 3.64 19.09 13.63
C THR A 645 4.71 19.83 14.45
N ILE A 646 5.72 19.11 14.94
CA ILE A 646 6.82 19.75 15.66
C ILE A 646 7.55 20.74 14.76
N SER A 647 7.81 20.37 13.51
CA SER A 647 8.46 21.27 12.57
C SER A 647 7.66 22.55 12.38
N LYS A 648 6.34 22.42 12.27
CA LYS A 648 5.48 23.63 12.11
C LYS A 648 5.55 24.51 13.33
N ILE A 649 5.59 23.91 14.52
CA ILE A 649 5.68 24.71 15.74
C ILE A 649 7.00 25.47 15.73
N VAL A 650 8.10 24.81 15.39
CA VAL A 650 9.42 25.42 15.37
C VAL A 650 9.40 26.58 14.35
N ALA A 651 8.75 26.38 13.21
CA ALA A 651 8.77 27.39 12.14
C ALA A 651 8.06 28.65 12.65
N LYS A 652 6.90 28.49 13.25
CA LYS A 652 6.10 29.64 13.71
C LYS A 652 6.84 30.32 14.85
N SER A 653 7.31 29.53 15.82
CA SER A 653 7.92 30.09 17.04
C SER A 653 9.27 30.77 16.81
N ARG A 654 9.96 30.41 15.75
CA ARG A 654 11.29 30.94 15.43
C ARG A 654 11.32 31.81 14.19
N GLU A 655 10.18 32.03 13.54
CA GLU A 655 10.13 32.86 12.33
C GLU A 655 11.03 32.39 11.23
N ILE A 656 10.97 31.08 10.97
CA ILE A 656 11.71 30.48 9.92
C ILE A 656 10.73 29.72 9.00
N SER A 657 11.15 29.44 7.76
CA SER A 657 10.30 28.70 6.85
C SER A 657 10.02 27.31 7.38
N GLU A 658 8.91 26.77 6.93
CA GLU A 658 8.58 25.38 7.25
C GLU A 658 9.65 24.41 6.81
N ASP A 659 10.21 24.56 5.64
CA ASP A 659 11.26 23.65 5.24
C ASP A 659 12.54 23.83 6.05
N LYS A 660 12.93 25.07 6.38
CA LYS A 660 14.09 25.25 7.24
C LYS A 660 13.86 24.60 8.62
N ALA A 661 12.67 24.75 9.14
CA ALA A 661 12.31 24.12 10.42
C ALA A 661 12.34 22.61 10.33
N ALA A 662 11.82 22.07 9.24
CA ALA A 662 11.90 20.62 9.04
C ALA A 662 13.33 20.14 8.99
N GLU A 663 14.20 20.87 8.32
CA GLU A 663 15.60 20.49 8.25
C GLU A 663 16.27 20.58 9.62
N LEU A 664 15.89 21.57 10.42
CA LEU A 664 16.40 21.69 11.79
C LEU A 664 15.98 20.45 12.65
N VAL A 665 14.73 20.10 12.53
CA VAL A 665 14.17 18.96 13.29
C VAL A 665 14.88 17.65 12.86
N LYS A 666 15.12 17.48 11.56
CA LYS A 666 15.95 16.37 11.08
C LYS A 666 17.33 16.39 11.69
N SER A 667 17.97 17.56 11.83
CA SER A 667 19.28 17.60 12.48
C SER A 667 19.20 17.18 13.94
N TRP A 668 18.09 17.48 14.63
CA TRP A 668 17.94 17.06 16.02
C TRP A 668 17.92 15.52 16.11
N LYS A 669 17.37 14.84 15.11
CA LYS A 669 17.36 13.37 15.05
C LYS A 669 18.75 12.87 14.91
N VAL A 670 19.52 13.48 13.98
CA VAL A 670 20.90 13.05 13.75
C VAL A 670 21.72 13.23 15.02
N GLN A 671 21.46 14.29 15.78
CA GLN A 671 22.18 14.61 16.99
C GLN A 671 21.62 13.94 18.25
N ASN A 672 20.62 13.08 18.08
CA ASN A 672 20.00 12.43 19.24
C ASN A 672 19.30 13.34 20.27
N ARG A 673 18.90 14.55 19.83
CA ARG A 673 18.06 15.43 20.61
C ARG A 673 16.54 15.09 20.36
N TYR A 674 16.26 14.40 19.28
CA TYR A 674 14.92 13.93 18.96
C TYR A 674 15.11 12.43 18.74
N GLN A 675 14.54 11.63 19.66
CA GLN A 675 14.77 10.19 19.65
C GLN A 675 13.48 9.49 19.34
N GLU A 676 13.55 8.39 18.61
CA GLU A 676 12.38 7.60 18.26
C GLU A 676 12.57 6.13 18.68
N ASP A 677 11.47 5.55 19.13
CA ASP A 677 11.36 4.09 19.32
C ASP A 677 10.04 3.78 18.60
N VAL A 678 10.10 3.64 17.29
CA VAL A 678 8.86 3.45 16.47
C VAL A 678 8.99 2.21 15.64
N TRP A 679 7.86 1.51 15.49
CA TRP A 679 7.84 0.18 14.84
C TRP A 679 6.57 0.05 14.02
N SER B 45 -7.74 12.19 -43.63
CA SER B 45 -7.64 12.83 -42.28
C SER B 45 -7.56 11.81 -41.17
N ARG B 46 -8.04 10.59 -41.40
CA ARG B 46 -7.91 9.53 -40.43
C ARG B 46 -6.72 8.57 -40.71
N ASP B 47 -5.80 9.00 -41.59
CA ASP B 47 -4.64 8.22 -41.96
C ASP B 47 -3.50 8.72 -41.11
N VAL B 48 -3.09 7.91 -40.12
CA VAL B 48 -2.10 8.42 -39.17
C VAL B 48 -0.72 8.59 -39.85
N LEU B 49 -0.46 7.74 -40.86
CA LEU B 49 0.83 7.82 -41.54
C LEU B 49 0.96 9.08 -42.38
N SER B 50 -0.10 9.36 -43.13
CA SER B 50 -0.16 10.60 -43.89
C SER B 50 -0.11 11.84 -42.97
N THR B 51 -0.80 11.76 -41.84
CA THR B 51 -0.78 12.86 -40.87
C THR B 51 0.63 13.13 -40.33
N LEU B 52 1.35 12.06 -40.00
CA LEU B 52 2.74 12.21 -39.56
C LEU B 52 3.59 12.88 -40.63
N LYS B 53 3.47 12.40 -41.87
CA LYS B 53 4.26 13.00 -42.96
C LYS B 53 3.91 14.46 -43.20
N LYS B 54 2.61 14.75 -43.27
CA LYS B 54 2.13 16.14 -43.52
C LYS B 54 2.62 17.11 -42.46
N ASN B 55 2.78 16.65 -41.21
CA ASN B 55 3.15 17.54 -40.11
C ASN B 55 4.61 17.42 -39.75
N ASN B 56 5.36 16.71 -40.59
CA ASN B 56 6.79 16.50 -40.40
C ASN B 56 7.13 15.98 -39.01
N LYS B 57 6.43 14.90 -38.64
CA LYS B 57 6.62 14.27 -37.35
C LYS B 57 7.27 12.92 -37.54
N ASN B 58 8.17 12.54 -36.62
CA ASN B 58 8.81 11.25 -36.64
C ASN B 58 8.58 10.42 -35.45
N THR B 59 7.70 10.87 -34.53
CA THR B 59 7.50 10.17 -33.28
C THR B 59 6.01 10.23 -32.96
N LEU B 60 5.40 9.09 -32.75
CA LEU B 60 3.97 8.97 -32.59
C LEU B 60 3.68 8.45 -31.19
N LEU B 61 2.90 9.18 -30.41
CA LEU B 61 2.53 8.71 -29.07
C LEU B 61 1.03 8.48 -29.08
N LEU B 62 0.59 7.27 -28.82
CA LEU B 62 -0.78 6.88 -28.85
C LEU B 62 -1.28 6.63 -27.43
N PHE B 63 -2.43 7.18 -27.06
CA PHE B 63 -2.99 6.94 -25.76
C PHE B 63 -4.32 6.18 -25.79
N GLY B 64 -4.45 5.22 -24.90
CA GLY B 64 -5.70 4.50 -24.66
C GLY B 64 -6.11 4.91 -23.27
N SER B 65 -7.10 5.81 -23.18
CA SER B 65 -7.44 6.45 -21.92
C SER B 65 -8.95 6.59 -21.74
N GLN B 66 -9.47 6.27 -20.57
CA GLN B 66 -10.89 6.49 -20.24
C GLN B 66 -11.09 7.75 -19.41
N THR B 67 -10.28 7.93 -18.37
CA THR B 67 -10.41 9.08 -17.51
C THR B 67 -9.21 10.00 -17.56
N GLY B 68 -8.44 9.93 -18.64
CA GLY B 68 -7.47 10.97 -18.92
C GLY B 68 -6.02 10.75 -18.45
N THR B 69 -5.74 9.75 -17.63
CA THR B 69 -4.40 9.59 -17.09
C THR B 69 -3.42 9.22 -18.20
N ALA B 70 -3.80 8.24 -19.02
CA ALA B 70 -2.89 7.83 -20.11
C ALA B 70 -2.65 8.96 -21.08
N GLU B 71 -3.68 9.76 -21.35
CA GLU B 71 -3.52 10.91 -22.22
C GLU B 71 -2.52 11.93 -21.61
N ASP B 72 -2.67 12.21 -20.31
CA ASP B 72 -1.78 13.15 -19.65
C ASP B 72 -0.34 12.63 -19.72
N TYR B 73 -0.17 11.35 -19.48
CA TYR B 73 1.17 10.71 -19.56
C TYR B 73 1.75 10.80 -20.94
N ALA B 74 0.94 10.57 -21.97
CA ALA B 74 1.43 10.70 -23.32
C ALA B 74 1.86 12.13 -23.61
N ASN B 75 1.08 13.13 -23.16
CA ASN B 75 1.46 14.51 -23.33
C ASN B 75 2.76 14.84 -22.57
N LYS B 76 2.93 14.34 -21.36
CA LYS B 76 4.15 14.62 -20.53
C LYS B 76 5.36 14.04 -21.29
N LEU B 77 5.22 12.80 -21.71
CA LEU B 77 6.34 12.15 -22.41
C LEU B 77 6.66 12.83 -23.73
N SER B 78 5.64 13.26 -24.46
CA SER B 78 5.87 13.90 -25.75
C SER B 78 6.69 15.17 -25.56
N ARG B 79 6.35 15.99 -24.59
CA ARG B 79 7.11 17.21 -24.36
C ARG B 79 8.55 16.93 -23.95
N GLU B 80 8.76 15.91 -23.14
CA GLU B 80 10.10 15.57 -22.69
C GLU B 80 10.91 15.02 -23.84
N LEU B 81 10.30 14.18 -24.68
CA LEU B 81 11.01 13.63 -25.82
C LEU B 81 11.44 14.76 -26.78
N HIS B 82 10.55 15.69 -26.99
CA HIS B 82 10.83 16.81 -27.89
C HIS B 82 11.96 17.69 -27.36
N SER B 83 11.93 18.01 -26.05
CA SER B 83 12.92 18.89 -25.47
C SER B 83 14.27 18.22 -25.29
N ARG B 84 14.29 17.00 -24.75
CA ARG B 84 15.52 16.35 -24.36
C ARG B 84 16.16 15.64 -25.55
N PHE B 85 15.37 15.18 -26.51
CA PHE B 85 15.95 14.44 -27.64
C PHE B 85 15.73 15.08 -29.00
N GLY B 86 14.97 16.16 -29.08
CA GLY B 86 14.72 16.79 -30.35
C GLY B 86 13.81 16.01 -31.26
N LEU B 87 13.07 15.03 -30.73
CA LEU B 87 12.12 14.29 -31.51
C LEU B 87 10.96 15.15 -31.92
N LYS B 88 10.40 14.88 -33.10
CA LYS B 88 9.30 15.65 -33.65
C LYS B 88 8.05 14.84 -33.40
N THR B 89 7.42 15.16 -32.27
CA THR B 89 6.38 14.34 -31.68
C THR B 89 4.95 14.73 -31.98
N MET B 90 4.07 13.74 -32.06
CA MET B 90 2.66 13.93 -32.29
C MET B 90 1.95 13.01 -31.29
N VAL B 91 1.08 13.55 -30.44
CA VAL B 91 0.25 12.75 -29.53
C VAL B 91 -1.07 12.51 -30.19
N ALA B 92 -1.50 11.25 -30.22
CA ALA B 92 -2.68 10.88 -30.99
C ALA B 92 -3.61 10.02 -30.18
N ASP B 93 -4.88 10.35 -30.25
CA ASP B 93 -5.96 9.51 -29.76
C ASP B 93 -6.26 8.39 -30.78
N PHE B 94 -6.27 7.12 -30.41
CA PHE B 94 -6.56 6.02 -31.35
C PHE B 94 -7.87 6.30 -32.14
N ALA B 95 -8.84 6.88 -31.45
CA ALA B 95 -10.18 7.04 -32.02
C ALA B 95 -10.19 8.02 -33.16
N ASP B 96 -9.18 8.90 -33.26
CA ASP B 96 -9.11 9.87 -34.38
C ASP B 96 -8.53 9.31 -35.68
N TYR B 97 -8.14 8.03 -35.70
CA TYR B 97 -7.52 7.40 -36.84
C TYR B 97 -8.07 6.04 -37.10
N ASP B 98 -7.94 5.61 -38.36
CA ASP B 98 -8.20 4.24 -38.75
C ASP B 98 -6.88 3.52 -38.85
N TRP B 99 -6.90 2.23 -38.59
CA TRP B 99 -5.64 1.48 -38.35
C TRP B 99 -5.31 0.48 -39.43
N ASP B 100 -6.13 0.44 -40.48
CA ASP B 100 -6.02 -0.64 -41.47
C ASP B 100 -4.68 -0.65 -42.24
N ASN B 101 -4.06 0.51 -42.38
CA ASN B 101 -2.76 0.66 -43.04
C ASN B 101 -1.56 0.78 -42.07
N PHE B 102 -1.78 0.54 -40.80
CA PHE B 102 -0.69 0.77 -39.83
C PHE B 102 0.52 -0.12 -40.05
N GLY B 103 0.30 -1.31 -40.59
CA GLY B 103 1.39 -2.19 -40.95
C GLY B 103 2.35 -1.61 -41.97
N ASP B 104 1.94 -0.56 -42.68
CA ASP B 104 2.83 0.14 -43.59
C ASP B 104 3.77 1.14 -42.89
N ILE B 105 3.68 1.28 -41.56
CA ILE B 105 4.51 2.28 -40.90
C ILE B 105 5.98 1.96 -41.09
N THR B 106 6.80 2.98 -41.22
CA THR B 106 8.22 2.78 -41.54
C THR B 106 9.13 2.89 -40.31
N GLU B 107 10.39 2.44 -40.46
CA GLU B 107 11.34 2.30 -39.35
C GLU B 107 11.82 3.62 -38.79
N ASP B 108 11.62 4.70 -39.53
CA ASP B 108 12.05 6.01 -39.10
C ASP B 108 11.10 6.60 -38.03
N ILE B 109 9.93 6.02 -37.84
CA ILE B 109 8.98 6.52 -36.84
C ILE B 109 9.20 5.71 -35.55
N LEU B 110 9.35 6.40 -34.43
CA LEU B 110 9.30 5.73 -33.13
C LEU B 110 7.88 5.82 -32.57
N VAL B 111 7.27 4.69 -32.20
CA VAL B 111 5.91 4.73 -31.67
C VAL B 111 5.91 4.36 -30.19
N PHE B 112 5.20 5.13 -29.38
CA PHE B 112 5.06 4.91 -27.94
C PHE B 112 3.58 4.66 -27.71
N PHE B 113 3.20 3.57 -27.07
CA PHE B 113 1.83 3.22 -26.72
C PHE B 113 1.68 3.38 -25.22
N ILE B 114 0.75 4.25 -24.79
CA ILE B 114 0.48 4.52 -23.39
C ILE B 114 -0.97 4.13 -23.15
N VAL B 115 -1.20 2.94 -22.63
CA VAL B 115 -2.53 2.30 -22.71
C VAL B 115 -3.04 1.77 -21.39
N ALA B 116 -4.23 2.25 -21.01
CA ALA B 116 -4.93 1.74 -19.83
C ALA B 116 -5.80 0.55 -20.15
N THR B 117 -6.05 -0.27 -19.13
CA THR B 117 -6.96 -1.41 -19.20
C THR B 117 -8.22 -0.99 -18.48
N TYR B 118 -9.38 -1.35 -19.03
CA TYR B 118 -10.68 -0.93 -18.41
CA TYR B 118 -10.66 -0.98 -18.42
C TYR B 118 -11.59 -2.15 -18.35
N GLY B 119 -12.82 -1.94 -17.87
CA GLY B 119 -13.80 -2.99 -17.78
C GLY B 119 -13.18 -4.23 -17.20
N GLU B 120 -13.17 -5.31 -17.96
CA GLU B 120 -12.75 -6.61 -17.45
C GLU B 120 -11.60 -7.07 -18.39
N GLY B 121 -10.45 -6.38 -18.30
CA GLY B 121 -9.36 -6.67 -19.19
C GLY B 121 -9.58 -6.19 -20.62
N GLU B 122 -10.44 -5.20 -20.78
CA GLU B 122 -10.84 -4.70 -22.07
C GLU B 122 -10.14 -3.38 -22.40
N PRO B 123 -10.07 -3.03 -23.69
CA PRO B 123 -9.53 -1.73 -24.04
C PRO B 123 -10.42 -0.60 -23.53
N THR B 124 -9.82 0.58 -23.36
CA THR B 124 -10.54 1.79 -23.19
C THR B 124 -11.43 2.00 -24.44
N ASP B 125 -12.52 2.78 -24.29
CA ASP B 125 -13.43 2.97 -25.41
C ASP B 125 -12.67 3.49 -26.64
N ASN B 126 -11.78 4.45 -26.42
CA ASN B 126 -11.13 5.11 -27.53
C ASN B 126 -10.18 4.18 -28.29
N ALA B 127 -9.69 3.14 -27.63
CA ALA B 127 -8.81 2.17 -28.23
C ALA B 127 -9.47 0.91 -28.77
N ASP B 128 -10.81 0.83 -28.71
CA ASP B 128 -11.47 -0.43 -29.02
C ASP B 128 -11.25 -0.80 -30.47
N GLU B 129 -11.40 0.15 -31.38
CA GLU B 129 -11.23 -0.19 -32.79
C GLU B 129 -9.79 -0.61 -33.13
N PHE B 130 -8.81 0.07 -32.53
CA PHE B 130 -7.44 -0.36 -32.70
C PHE B 130 -7.22 -1.79 -32.19
N HIS B 131 -7.76 -2.06 -30.99
CA HIS B 131 -7.69 -3.38 -30.38
C HIS B 131 -8.30 -4.45 -31.34
N THR B 132 -9.45 -4.16 -31.93
CA THR B 132 -10.04 -5.10 -32.91
C THR B 132 -9.13 -5.26 -34.12
N TRP B 133 -8.62 -4.16 -34.64
CA TRP B 133 -7.66 -4.25 -35.76
C TRP B 133 -6.43 -5.12 -35.45
N LEU B 134 -5.75 -4.84 -34.33
CA LEU B 134 -4.54 -5.53 -34.04
C LEU B 134 -4.78 -7.04 -33.80
N THR B 135 -5.85 -7.36 -33.07
CA THR B 135 -6.12 -8.74 -32.65
C THR B 135 -6.70 -9.55 -33.78
N GLU B 136 -7.39 -8.93 -34.73
CA GLU B 136 -8.12 -9.68 -35.78
C GLU B 136 -7.68 -9.43 -37.20
N GLU B 137 -7.22 -8.24 -37.55
CA GLU B 137 -6.96 -7.91 -38.97
C GLU B 137 -5.54 -7.68 -39.31
N ALA B 138 -4.74 -7.14 -38.38
CA ALA B 138 -3.34 -6.92 -38.65
C ALA B 138 -2.65 -8.20 -39.11
N ASP B 139 -1.76 -8.03 -40.08
CA ASP B 139 -0.97 -9.11 -40.59
C ASP B 139 0.44 -8.98 -40.01
N THR B 140 1.34 -8.24 -40.68
CA THR B 140 2.68 -8.06 -40.13
C THR B 140 2.99 -6.58 -39.94
N LEU B 141 3.94 -6.33 -39.06
CA LEU B 141 4.37 -4.99 -38.67
C LEU B 141 5.89 -4.98 -38.69
N SER B 142 6.49 -5.44 -39.79
CA SER B 142 7.92 -5.72 -39.75
C SER B 142 8.78 -4.48 -39.76
N THR B 143 8.24 -3.29 -40.00
CA THR B 143 9.03 -2.06 -39.95
C THR B 143 8.59 -1.11 -38.84
N LEU B 144 7.87 -1.64 -37.86
CA LEU B 144 7.43 -0.88 -36.68
C LEU B 144 8.53 -0.90 -35.64
N ARG B 145 8.78 0.27 -35.05
CA ARG B 145 9.64 0.39 -33.86
C ARG B 145 8.76 0.94 -32.75
N TYR B 146 8.65 0.23 -31.65
CA TYR B 146 7.63 0.57 -30.63
C TYR B 146 8.13 0.34 -29.22
N THR B 147 7.40 0.96 -28.29
CA THR B 147 7.49 0.62 -26.88
C THR B 147 6.11 0.85 -26.27
N VAL B 148 5.86 0.20 -25.14
CA VAL B 148 4.55 0.23 -24.50
C VAL B 148 4.69 0.48 -23.01
N PHE B 149 3.84 1.35 -22.46
CA PHE B 149 3.61 1.45 -21.01
C PHE B 149 2.16 1.16 -20.74
N GLY B 150 1.90 0.20 -19.88
CA GLY B 150 0.55 -0.13 -19.44
C GLY B 150 0.13 0.61 -18.16
N LEU B 151 -1.11 1.10 -18.15
CA LEU B 151 -1.74 1.63 -16.91
C LEU B 151 -2.79 0.61 -16.48
N GLY B 152 -2.74 0.24 -15.20
CA GLY B 152 -3.71 -0.72 -14.70
C GLY B 152 -3.81 -0.63 -13.19
N ASN B 153 -4.35 -1.69 -12.56
CA ASN B 153 -4.63 -1.67 -11.14
C ASN B 153 -4.71 -3.12 -10.69
N SER B 154 -3.79 -3.56 -9.85
CA SER B 154 -3.64 -4.97 -9.51
C SER B 154 -4.74 -5.49 -8.60
N THR B 155 -5.67 -4.65 -8.16
CA THR B 155 -6.87 -5.19 -7.51
C THR B 155 -7.84 -5.79 -8.53
N TYR B 156 -7.68 -5.51 -9.82
CA TYR B 156 -8.46 -6.11 -10.89
C TYR B 156 -7.77 -7.37 -11.36
N GLU B 157 -8.59 -8.33 -11.75
CA GLU B 157 -8.05 -9.62 -12.13
C GLU B 157 -7.18 -9.64 -13.39
N PHE B 158 -7.57 -8.91 -14.39
CA PHE B 158 -6.82 -8.91 -15.68
C PHE B 158 -5.90 -7.67 -15.65
N PHE B 159 -4.91 -7.76 -14.80
CA PHE B 159 -3.97 -6.64 -14.54
C PHE B 159 -3.17 -6.23 -15.77
N ASN B 160 -3.39 -5.00 -16.21
CA ASN B 160 -2.70 -4.46 -17.41
C ASN B 160 -2.79 -5.38 -18.59
N ALA B 161 -3.95 -6.02 -18.73
CA ALA B 161 -4.13 -6.90 -19.87
C ALA B 161 -3.85 -6.22 -21.21
N ILE B 162 -4.25 -4.95 -21.36
CA ILE B 162 -4.14 -4.29 -22.65
C ILE B 162 -2.68 -3.91 -22.91
N GLY B 163 -1.97 -3.29 -21.96
CA GLY B 163 -0.54 -3.02 -22.23
C GLY B 163 0.22 -4.30 -22.56
N ARG B 164 -0.06 -5.35 -21.80
CA ARG B 164 0.68 -6.62 -21.98
C ARG B 164 0.36 -7.24 -23.34
N LYS B 165 -0.89 -7.21 -23.72
CA LYS B 165 -1.34 -7.76 -24.99
C LYS B 165 -0.78 -6.99 -26.17
N PHE B 166 -0.85 -5.66 -26.12
CA PHE B 166 -0.26 -4.84 -27.20
C PHE B 166 1.23 -5.08 -27.30
N ASP B 167 1.93 -5.05 -26.17
CA ASP B 167 3.35 -5.25 -26.22
C ASP B 167 3.72 -6.62 -26.83
N ARG B 168 2.95 -7.64 -26.47
CA ARG B 168 3.18 -8.99 -26.99
C ARG B 168 2.84 -9.07 -28.48
N LEU B 169 1.64 -8.64 -28.86
CA LEU B 169 1.21 -8.79 -30.26
C LEU B 169 2.07 -7.99 -31.22
N LEU B 170 2.51 -6.81 -30.84
CA LEU B 170 3.33 -6.01 -31.73
C LEU B 170 4.62 -6.72 -32.03
N SER B 171 5.18 -7.42 -31.07
CA SER B 171 6.43 -8.17 -31.27
C SER B 171 6.16 -9.43 -32.08
N GLU B 172 5.11 -10.13 -31.73
CA GLU B 172 4.75 -11.37 -32.46
C GLU B 172 4.61 -11.13 -33.91
N LYS B 173 4.04 -9.97 -34.29
CA LYS B 173 3.81 -9.66 -35.68
C LYS B 173 4.97 -8.91 -36.37
N GLY B 174 6.13 -8.87 -35.73
CA GLY B 174 7.37 -8.43 -36.36
C GLY B 174 7.91 -7.07 -35.97
N GLY B 175 7.24 -6.38 -35.06
CA GLY B 175 7.74 -5.13 -34.55
C GLY B 175 9.01 -5.24 -33.73
N ASP B 176 9.76 -4.16 -33.75
CA ASP B 176 11.00 -3.99 -33.01
C ASP B 176 10.70 -3.22 -31.71
N ARG B 177 10.86 -3.88 -30.58
CA ARG B 177 10.62 -3.25 -29.28
C ARG B 177 11.89 -2.51 -28.90
N PHE B 178 11.88 -1.18 -29.00
CA PHE B 178 13.14 -0.42 -28.79
C PHE B 178 13.40 -0.05 -27.33
N ALA B 179 12.37 -0.18 -26.50
CA ALA B 179 12.52 0.01 -25.06
C ALA B 179 11.59 -0.94 -24.29
N GLU B 180 12.09 -1.45 -23.15
CA GLU B 180 11.37 -2.45 -22.41
C GLU B 180 9.95 -2.02 -22.01
N TYR B 181 9.03 -2.99 -22.05
CA TYR B 181 7.70 -2.84 -21.51
C TYR B 181 7.79 -2.57 -20.01
N ALA B 182 6.93 -1.72 -19.52
CA ALA B 182 6.67 -1.60 -18.08
C ALA B 182 5.21 -1.21 -17.89
N GLU B 183 4.80 -1.28 -16.65
CA GLU B 183 3.41 -0.98 -16.34
C GLU B 183 3.25 -0.41 -14.97
N GLY B 184 2.17 0.33 -14.81
CA GLY B 184 1.91 0.99 -13.56
C GLY B 184 0.69 0.45 -12.86
N ASP B 185 0.68 0.65 -11.54
CA ASP B 185 -0.35 0.08 -10.64
C ASP B 185 -1.06 1.17 -9.84
N ASP B 186 -2.25 1.56 -10.29
CA ASP B 186 -3.04 2.51 -9.57
C ASP B 186 -3.71 1.93 -8.33
N GLY B 187 -3.66 0.61 -8.15
CA GLY B 187 -4.26 -0.05 -6.98
C GLY B 187 -3.37 0.03 -5.76
N THR B 188 -2.05 0.16 -5.93
CA THR B 188 -1.10 0.24 -4.83
C THR B 188 -0.52 1.66 -4.67
N GLY B 189 -0.96 2.55 -5.55
CA GLY B 189 -0.55 3.92 -5.52
C GLY B 189 0.84 4.17 -6.09
N THR B 190 1.33 3.27 -6.91
CA THR B 190 2.68 3.49 -7.49
C THR B 190 2.66 3.96 -8.92
N LEU B 191 1.46 4.13 -9.52
CA LEU B 191 1.35 4.42 -10.95
C LEU B 191 2.29 5.51 -11.44
N ASP B 192 2.28 6.65 -10.75
CA ASP B 192 3.06 7.79 -11.26
C ASP B 192 4.53 7.53 -11.21
N GLU B 193 5.03 6.98 -10.12
CA GLU B 193 6.43 6.64 -10.02
C GLU B 193 6.76 5.45 -10.98
N ASP B 194 5.81 4.55 -11.25
CA ASP B 194 6.05 3.48 -12.22
C ASP B 194 6.27 4.10 -13.59
N PHE B 195 5.46 5.10 -13.94
CA PHE B 195 5.62 5.79 -15.21
C PHE B 195 6.96 6.52 -15.27
N MET B 196 7.30 7.26 -14.22
CA MET B 196 8.58 7.98 -14.20
C MET B 196 9.77 7.02 -14.35
N ALA B 197 9.73 5.84 -13.75
CA ALA B 197 10.81 4.86 -13.88
C ALA B 197 10.90 4.29 -15.29
N TRP B 198 9.75 4.02 -15.88
CA TRP B 198 9.72 3.53 -17.25
C TRP B 198 10.27 4.59 -18.15
N LYS B 199 9.84 5.86 -17.99
CA LYS B 199 10.36 6.96 -18.83
C LYS B 199 11.88 7.11 -18.71
N ASP B 200 12.39 6.95 -17.50
CA ASP B 200 13.83 7.01 -17.29
C ASP B 200 14.54 5.91 -18.11
N ASN B 201 13.97 4.70 -18.11
CA ASN B 201 14.51 3.60 -18.89
C ASN B 201 14.37 3.83 -20.38
N VAL B 202 13.25 4.39 -20.82
CA VAL B 202 13.11 4.77 -22.24
C VAL B 202 14.24 5.75 -22.63
N PHE B 203 14.49 6.74 -21.78
CA PHE B 203 15.53 7.72 -22.12
C PHE B 203 16.94 7.05 -22.14
N ASP B 204 17.18 6.12 -21.24
CA ASP B 204 18.42 5.33 -21.31
C ASP B 204 18.53 4.58 -22.60
N ALA B 205 17.45 3.95 -23.08
CA ALA B 205 17.46 3.26 -24.36
C ALA B 205 17.77 4.22 -25.51
N LEU B 206 17.10 5.38 -25.52
CA LEU B 206 17.31 6.32 -26.62
C LEU B 206 18.75 6.81 -26.63
N LYS B 207 19.33 7.06 -25.46
CA LYS B 207 20.73 7.50 -25.40
C LYS B 207 21.72 6.42 -25.69
N ASN B 208 21.57 5.28 -25.03
CA ASN B 208 22.62 4.27 -25.02
C ASN B 208 22.46 3.27 -26.13
N ASP B 209 21.23 2.96 -26.55
CA ASP B 209 20.98 1.98 -27.60
C ASP B 209 20.78 2.62 -28.95
N LEU B 210 20.00 3.71 -29.03
CA LEU B 210 19.74 4.42 -30.27
C LEU B 210 20.71 5.57 -30.53
N ASN B 211 21.55 5.88 -29.55
CA ASN B 211 22.67 6.82 -29.69
C ASN B 211 22.23 8.24 -29.90
N PHE B 212 21.09 8.60 -29.32
CA PHE B 212 20.64 9.98 -29.40
C PHE B 212 21.32 10.79 -28.34
N GLU B 213 21.70 12.03 -28.67
CA GLU B 213 22.15 12.98 -27.68
C GLU B 213 20.96 13.44 -26.82
N GLU B 214 21.16 13.44 -25.51
CA GLU B 214 20.15 13.87 -24.55
C GLU B 214 20.53 15.22 -23.97
N LYS B 215 19.62 16.18 -24.06
CA LYS B 215 19.80 17.52 -23.48
C LYS B 215 18.92 17.66 -22.25
N GLU B 216 19.16 18.71 -21.48
CA GLU B 216 18.35 18.99 -20.29
C GLU B 216 16.94 19.36 -20.69
N LEU B 217 16.00 19.07 -19.79
CA LEU B 217 14.62 19.48 -20.00
C LEU B 217 14.47 20.98 -19.94
N LYS B 218 13.83 21.54 -20.95
CA LYS B 218 13.44 22.94 -20.96
C LYS B 218 12.02 23.06 -21.40
N TYR B 219 11.29 24.10 -20.93
CA TYR B 219 9.90 24.36 -21.40
C TYR B 219 9.91 24.93 -22.82
N GLU B 220 9.26 24.22 -23.71
CA GLU B 220 9.12 24.68 -25.08
C GLU B 220 7.64 24.73 -25.34
N PRO B 221 7.05 25.95 -25.27
CA PRO B 221 5.57 25.95 -25.41
C PRO B 221 4.96 25.49 -26.70
N ASN B 222 3.79 24.84 -26.63
CA ASN B 222 3.01 24.43 -27.77
C ASN B 222 1.84 25.36 -28.02
N VAL B 223 1.68 26.35 -27.16
CA VAL B 223 0.55 27.27 -27.24
C VAL B 223 1.04 28.64 -26.76
N LYS B 224 0.48 29.67 -27.38
CA LYS B 224 0.76 31.03 -27.01
C LYS B 224 -0.53 31.71 -26.63
N LEU B 225 -0.45 32.46 -25.54
CA LEU B 225 -1.54 33.22 -25.00
C LEU B 225 -1.36 34.69 -25.30
N THR B 226 -2.46 35.36 -25.70
CA THR B 226 -2.45 36.79 -25.87
C THR B 226 -3.62 37.32 -25.01
N GLU B 227 -3.38 38.33 -24.20
CA GLU B 227 -4.49 39.00 -23.48
C GLU B 227 -5.26 39.91 -24.38
N ARG B 228 -6.58 39.84 -24.30
CA ARG B 228 -7.46 40.62 -25.15
C ARG B 228 -8.03 41.71 -24.30
N ASP B 229 -7.36 42.87 -24.33
CA ASP B 229 -7.76 43.97 -23.49
C ASP B 229 -9.02 44.66 -24.02
N ASP B 230 -9.37 44.41 -25.25
CA ASP B 230 -10.62 44.90 -25.85
C ASP B 230 -11.86 44.08 -25.44
N LEU B 231 -11.65 42.88 -24.87
CA LEU B 231 -12.74 41.99 -24.45
C LEU B 231 -12.88 41.90 -22.97
N SER B 232 -14.11 41.60 -22.55
CA SER B 232 -14.40 41.29 -21.16
C SER B 232 -15.40 40.13 -21.09
N ALA B 233 -15.64 39.64 -19.87
CA ALA B 233 -16.73 38.68 -19.59
C ALA B 233 -18.06 39.06 -20.14
N ALA B 234 -18.32 40.34 -20.28
CA ALA B 234 -19.58 40.82 -20.88
C ALA B 234 -19.76 40.50 -22.36
N ASP B 235 -18.67 40.29 -23.10
CA ASP B 235 -18.73 40.01 -24.49
C ASP B 235 -19.13 38.55 -24.66
N SER B 236 -20.18 38.28 -25.43
CA SER B 236 -20.75 36.94 -25.45
C SER B 236 -19.85 35.91 -26.18
N GLN B 237 -18.91 36.35 -27.03
CA GLN B 237 -17.94 35.45 -27.68
C GLN B 237 -16.93 34.87 -26.68
N VAL B 238 -16.80 35.46 -25.49
CA VAL B 238 -15.80 35.02 -24.49
C VAL B 238 -16.44 33.90 -23.69
N SER B 239 -15.69 32.80 -23.57
CA SER B 239 -16.13 31.72 -22.69
C SER B 239 -15.95 32.06 -21.26
N LEU B 240 -16.95 31.72 -20.43
CA LEU B 240 -16.83 31.79 -18.99
C LEU B 240 -16.85 30.39 -18.36
N GLY B 241 -16.50 29.40 -19.18
CA GLY B 241 -16.36 28.05 -18.71
C GLY B 241 -17.43 27.12 -19.20
N GLU B 242 -18.18 27.52 -20.21
CA GLU B 242 -19.09 26.60 -20.86
C GLU B 242 -18.39 25.30 -21.31
N PRO B 243 -19.09 24.18 -21.31
CA PRO B 243 -18.44 22.92 -21.64
C PRO B 243 -17.71 22.84 -22.95
N ASN B 244 -18.24 23.52 -23.97
CA ASN B 244 -17.57 23.57 -25.26
C ASN B 244 -18.13 24.72 -26.08
N LYS B 245 -17.65 24.89 -27.30
CA LYS B 245 -17.99 26.11 -28.01
C LYS B 245 -19.44 26.14 -28.47
N LYS B 246 -20.07 24.96 -28.57
CA LYS B 246 -21.50 24.89 -28.91
C LYS B 246 -22.37 25.60 -27.89
N TYR B 247 -21.91 25.67 -26.64
CA TYR B 247 -22.64 26.32 -25.57
C TYR B 247 -22.40 27.82 -25.51
N ILE B 248 -21.52 28.34 -26.38
CA ILE B 248 -21.09 29.74 -26.33
C ILE B 248 -21.85 30.61 -27.34
N ASN B 249 -21.97 30.21 -28.58
CA ASN B 249 -22.88 31.09 -29.37
C ASN B 249 -24.07 30.32 -29.91
N SER B 250 -25.07 30.20 -29.02
CA SER B 250 -26.18 29.28 -29.14
C SER B 250 -27.28 29.87 -30.02
N GLU B 251 -27.79 31.03 -29.61
CA GLU B 251 -28.86 31.77 -30.32
C GLU B 251 -30.16 30.93 -30.45
N GLY B 252 -30.28 30.17 -31.53
CA GLY B 252 -31.38 29.23 -31.73
C GLY B 252 -30.82 27.89 -32.20
N ILE B 253 -29.80 27.39 -31.48
CA ILE B 253 -29.31 26.03 -31.60
C ILE B 253 -29.98 25.28 -30.46
N ASP B 254 -30.54 24.10 -30.76
CA ASP B 254 -31.32 23.38 -29.77
C ASP B 254 -30.36 22.58 -28.94
N LEU B 255 -30.11 23.05 -27.74
CA LEU B 255 -29.15 22.38 -26.90
C LEU B 255 -29.79 21.20 -26.16
N THR B 256 -31.06 20.87 -26.44
CA THR B 256 -31.73 19.74 -25.77
C THR B 256 -31.74 18.51 -26.68
N LYS B 257 -31.35 18.71 -27.94
CA LYS B 257 -31.06 17.62 -28.90
C LYS B 257 -29.63 17.09 -28.81
N GLY B 258 -29.49 15.80 -28.96
CA GLY B 258 -28.20 15.15 -28.90
C GLY B 258 -27.60 15.14 -30.30
N PRO B 259 -26.69 14.20 -30.56
CA PRO B 259 -26.19 13.26 -29.55
C PRO B 259 -25.49 13.97 -28.39
N PHE B 260 -25.73 13.47 -27.18
CA PHE B 260 -24.89 13.82 -26.07
C PHE B 260 -23.88 12.72 -25.85
N ASP B 261 -22.64 13.10 -25.58
CA ASP B 261 -21.51 12.22 -25.32
C ASP B 261 -20.36 12.92 -24.62
N HIS B 262 -19.19 12.28 -24.49
CA HIS B 262 -18.03 12.87 -23.81
C HIS B 262 -17.45 14.17 -24.41
N THR B 263 -17.87 14.53 -25.63
CA THR B 263 -17.48 15.83 -26.19
C THR B 263 -18.59 16.89 -26.05
N HIS B 264 -19.77 16.46 -25.64
CA HIS B 264 -20.95 17.30 -25.68
C HIS B 264 -22.03 16.88 -24.67
N PRO B 265 -22.02 17.55 -23.55
CA PRO B 265 -22.92 17.15 -22.49
C PRO B 265 -24.25 17.84 -22.58
N TYR B 266 -25.22 17.33 -21.88
CA TYR B 266 -26.53 17.94 -21.67
C TYR B 266 -26.52 18.67 -20.33
N LEU B 267 -27.08 19.87 -20.20
CA LEU B 267 -27.19 20.56 -18.91
C LEU B 267 -28.45 20.08 -18.20
N ALA B 268 -28.28 19.11 -17.33
CA ALA B 268 -29.40 18.45 -16.67
C ALA B 268 -29.74 19.11 -15.33
N ARG B 269 -31.02 19.46 -15.16
CA ARG B 269 -31.50 20.05 -13.92
C ARG B 269 -31.62 19.02 -12.81
N ILE B 270 -31.03 19.31 -11.63
CA ILE B 270 -31.25 18.49 -10.43
C ILE B 270 -32.56 18.94 -9.77
N THR B 271 -33.56 18.06 -9.83
CA THR B 271 -34.90 18.43 -9.34
C THR B 271 -35.10 18.04 -7.89
N GLU B 272 -34.30 17.11 -7.38
CA GLU B 272 -34.38 16.70 -6.00
C GLU B 272 -33.06 16.15 -5.56
N THR B 273 -32.77 16.34 -4.29
CA THR B 273 -31.64 15.76 -3.61
C THR B 273 -31.99 15.38 -2.18
N ARG B 274 -31.28 14.41 -1.63
CA ARG B 274 -31.52 13.93 -0.26
C ARG B 274 -30.19 13.47 0.30
N GLU B 275 -29.93 13.83 1.54
CA GLU B 275 -28.82 13.22 2.33
C GLU B 275 -29.27 11.87 2.85
N LEU B 276 -28.47 10.84 2.57
CA LEU B 276 -28.85 9.47 2.85
C LEU B 276 -28.27 8.91 4.14
N PHE B 277 -27.25 9.52 4.71
CA PHE B 277 -26.68 9.05 5.92
C PHE B 277 -27.07 9.97 7.08
N SER B 278 -27.14 9.38 8.27
CA SER B 278 -27.43 10.19 9.47
C SER B 278 -26.17 10.51 10.27
N SER B 279 -25.00 10.11 9.79
CA SER B 279 -23.75 10.48 10.41
C SER B 279 -23.47 11.98 10.19
N LYS B 280 -22.99 12.67 11.22
CA LYS B 280 -22.63 14.09 11.09
C LYS B 280 -21.43 14.34 10.20
N GLU B 281 -20.51 13.38 10.21
CA GLU B 281 -19.18 13.54 9.65
C GLU B 281 -19.02 12.80 8.31
N ARG B 282 -20.02 12.02 7.88
CA ARG B 282 -19.90 11.27 6.63
C ARG B 282 -21.22 11.39 5.92
N HIS B 283 -21.18 11.71 4.63
CA HIS B 283 -22.36 12.06 3.88
C HIS B 283 -22.49 11.27 2.63
N CYS B 284 -23.72 11.09 2.16
CA CYS B 284 -23.99 10.43 0.88
C CYS B 284 -25.21 11.07 0.27
N ILE B 285 -25.14 11.45 -0.99
CA ILE B 285 -26.20 12.22 -1.59
C ILE B 285 -26.93 11.42 -2.66
N HIS B 286 -28.27 11.39 -2.55
CA HIS B 286 -29.14 10.95 -3.62
C HIS B 286 -29.47 12.12 -4.48
N VAL B 287 -29.26 11.99 -5.77
CA VAL B 287 -29.48 13.09 -6.68
C VAL B 287 -30.47 12.63 -7.76
N GLU B 288 -31.45 13.46 -8.06
CA GLU B 288 -32.39 13.20 -9.19
C GLU B 288 -32.21 14.27 -10.27
N PHE B 289 -31.83 13.84 -11.46
CA PHE B 289 -31.72 14.67 -12.67
C PHE B 289 -32.96 14.45 -13.52
N ASP B 290 -33.57 15.55 -13.94
CA ASP B 290 -34.68 15.46 -14.84
C ASP B 290 -34.15 15.58 -16.25
N ILE B 291 -34.44 14.57 -17.08
CA ILE B 291 -33.99 14.55 -18.45
C ILE B 291 -35.16 14.56 -19.42
N SER B 292 -36.35 14.87 -18.91
CA SER B 292 -37.59 14.82 -19.72
C SER B 292 -37.57 15.77 -20.90
N GLU B 293 -36.97 16.92 -20.78
CA GLU B 293 -37.06 17.82 -21.95
C GLU B 293 -35.85 17.72 -22.88
N SER B 294 -35.30 16.51 -23.06
CA SER B 294 -34.11 16.31 -23.87
C SER B 294 -34.13 14.98 -24.57
N ASN B 295 -33.18 14.72 -25.43
CA ASN B 295 -33.06 13.36 -25.91
C ASN B 295 -31.80 12.65 -25.33
N LEU B 296 -31.40 13.05 -24.13
CA LEU B 296 -30.49 12.20 -23.35
C LEU B 296 -31.27 10.92 -22.98
N LYS B 297 -30.61 9.78 -23.15
CA LYS B 297 -31.22 8.44 -22.97
C LYS B 297 -30.34 7.65 -22.01
N TYR B 298 -30.95 6.83 -21.17
CA TYR B 298 -30.21 5.81 -20.48
C TYR B 298 -30.98 4.49 -20.41
N THR B 299 -30.25 3.42 -20.12
CA THR B 299 -30.80 2.11 -19.79
C THR B 299 -30.28 1.75 -18.42
N THR B 300 -31.14 1.09 -17.64
CA THR B 300 -30.77 0.55 -16.34
C THR B 300 -29.39 -0.11 -16.39
N GLY B 301 -28.53 0.29 -15.47
CA GLY B 301 -27.16 -0.21 -15.40
C GLY B 301 -26.10 0.66 -16.02
N ASP B 302 -26.52 1.68 -16.78
CA ASP B 302 -25.57 2.58 -17.46
C ASP B 302 -24.94 3.52 -16.42
N HIS B 303 -23.92 4.23 -16.85
CA HIS B 303 -23.23 5.19 -16.00
C HIS B 303 -23.54 6.60 -16.44
N LEU B 304 -23.65 7.49 -15.48
CA LEU B 304 -23.73 8.92 -15.71
C LEU B 304 -22.39 9.55 -15.48
N ALA B 305 -21.91 10.30 -16.43
CA ALA B 305 -20.70 11.11 -16.35
C ALA B 305 -21.05 12.53 -15.97
N ILE B 306 -20.56 12.99 -14.82
CA ILE B 306 -20.86 14.32 -14.34
C ILE B 306 -19.60 15.16 -14.54
N TRP B 307 -19.77 16.30 -15.23
CA TRP B 307 -18.66 17.17 -15.59
C TRP B 307 -18.44 18.17 -14.44
N PRO B 308 -17.22 18.22 -13.88
CA PRO B 308 -17.03 19.02 -12.69
C PRO B 308 -16.74 20.48 -12.97
N SER B 309 -16.81 21.24 -11.88
CA SER B 309 -16.10 22.53 -11.75
C SER B 309 -15.34 22.51 -10.44
N ASN B 310 -14.33 23.36 -10.30
CA ASN B 310 -13.54 23.36 -9.06
C ASN B 310 -14.15 24.22 -7.96
N SER B 311 -13.72 23.97 -6.73
CA SER B 311 -14.24 24.72 -5.60
C SER B 311 -13.55 26.07 -5.47
N ASP B 312 -14.28 27.05 -4.95
CA ASP B 312 -13.74 28.39 -4.70
C ASP B 312 -12.44 28.34 -3.90
N GLU B 313 -12.36 27.49 -2.90
CA GLU B 313 -11.20 27.46 -2.01
C GLU B 313 -9.99 26.97 -2.80
N ASN B 314 -10.17 25.91 -3.60
CA ASN B 314 -9.03 25.45 -4.36
C ASN B 314 -8.59 26.44 -5.42
N ILE B 315 -9.54 27.12 -6.03
CA ILE B 315 -9.22 28.11 -7.05
C ILE B 315 -8.43 29.28 -6.43
N LYS B 316 -8.91 29.73 -5.27
CA LYS B 316 -8.21 30.84 -4.57
C LYS B 316 -6.75 30.48 -4.29
N GLN B 317 -6.48 29.25 -3.85
CA GLN B 317 -5.15 28.86 -3.47
C GLN B 317 -4.30 28.76 -4.71
N PHE B 318 -4.87 28.27 -5.80
CA PHE B 318 -4.18 28.16 -7.06
C PHE B 318 -3.85 29.54 -7.59
N ALA B 319 -4.82 30.46 -7.60
CA ALA B 319 -4.57 31.80 -8.08
C ALA B 319 -3.51 32.50 -7.23
N LYS B 320 -3.55 32.31 -5.91
CA LYS B 320 -2.53 32.87 -5.04
C LYS B 320 -1.18 32.33 -5.34
N CYS B 321 -1.07 31.00 -5.51
CA CYS B 321 0.20 30.38 -5.81
C CYS B 321 0.86 30.99 -7.04
N PHE B 322 0.10 31.25 -8.10
CA PHE B 322 0.67 31.67 -9.37
C PHE B 322 0.56 33.18 -9.66
N GLY B 323 0.09 33.93 -8.68
CA GLY B 323 -0.02 35.40 -8.80
C GLY B 323 -1.07 35.81 -9.79
N LEU B 324 -2.17 35.06 -9.82
CA LEU B 324 -3.23 35.32 -10.79
C LEU B 324 -4.46 35.98 -10.16
N GLU B 325 -4.38 36.37 -8.88
CA GLU B 325 -5.60 36.85 -8.17
C GLU B 325 -6.23 38.06 -8.76
N ASP B 326 -5.44 38.92 -9.38
CA ASP B 326 -5.98 40.15 -9.99
C ASP B 326 -6.28 40.01 -11.45
N LYS B 327 -6.07 38.82 -12.02
CA LYS B 327 -6.22 38.57 -13.45
C LYS B 327 -7.37 37.64 -13.78
N LEU B 328 -8.18 37.24 -12.82
CA LEU B 328 -9.12 36.15 -13.13
C LEU B 328 -10.19 36.51 -14.16
N ASP B 329 -10.50 37.81 -14.28
CA ASP B 329 -11.45 38.26 -15.24
C ASP B 329 -10.83 38.73 -16.56
N THR B 330 -9.51 38.66 -16.70
CA THR B 330 -8.85 39.04 -17.94
C THR B 330 -9.12 37.98 -18.98
N VAL B 331 -9.45 38.43 -20.20
CA VAL B 331 -9.66 37.56 -21.30
C VAL B 331 -8.37 37.23 -22.04
N ILE B 332 -8.20 35.95 -22.37
CA ILE B 332 -7.05 35.45 -23.12
C ILE B 332 -7.53 34.74 -24.36
N GLU B 333 -6.71 34.81 -25.42
CA GLU B 333 -6.91 34.00 -26.57
C GLU B 333 -5.69 33.10 -26.68
N LEU B 334 -5.91 31.90 -27.18
CA LEU B 334 -4.83 30.92 -27.30
C LEU B 334 -4.64 30.55 -28.75
N LYS B 335 -3.38 30.43 -29.14
CA LYS B 335 -3.03 29.96 -30.48
C LYS B 335 -2.05 28.80 -30.37
N ALA B 336 -2.29 27.75 -31.13
CA ALA B 336 -1.36 26.63 -31.21
C ALA B 336 -0.07 27.08 -31.89
N LEU B 337 1.04 26.63 -31.34
CA LEU B 337 2.35 26.82 -31.94
C LEU B 337 2.85 25.57 -32.65
N ASP B 338 2.15 24.46 -32.52
CA ASP B 338 2.42 23.19 -33.17
C ASP B 338 1.17 22.82 -33.89
N SER B 339 1.30 22.45 -35.17
CA SER B 339 0.17 22.06 -36.00
C SER B 339 -0.63 20.84 -35.53
N THR B 340 -0.07 20.02 -34.62
CA THR B 340 -0.77 18.84 -34.11
C THR B 340 -1.27 19.04 -32.67
N TYR B 341 -1.07 20.23 -32.11
CA TYR B 341 -1.55 20.56 -30.74
C TYR B 341 -3.00 21.09 -30.80
N THR B 342 -3.88 20.53 -29.99
CA THR B 342 -5.24 20.96 -29.86
C THR B 342 -5.44 21.80 -28.57
N ILE B 343 -5.94 23.04 -28.72
CA ILE B 343 -6.20 23.84 -27.56
C ILE B 343 -7.34 23.13 -26.77
N PRO B 344 -7.15 22.85 -25.46
CA PRO B 344 -8.07 21.93 -24.85
C PRO B 344 -9.36 22.52 -24.30
N PHE B 345 -9.64 23.79 -24.61
CA PHE B 345 -10.89 24.40 -24.18
C PHE B 345 -11.20 25.52 -25.14
N PRO B 346 -12.40 26.09 -25.08
CA PRO B 346 -12.75 27.18 -25.96
C PRO B 346 -11.88 28.42 -25.75
N THR B 347 -11.69 29.18 -26.83
CA THR B 347 -10.94 30.46 -26.83
C THR B 347 -11.73 31.45 -27.67
N PRO B 348 -11.86 32.71 -27.24
CA PRO B 348 -11.22 33.31 -26.06
C PRO B 348 -11.99 32.95 -24.80
N ILE B 349 -11.34 33.15 -23.65
CA ILE B 349 -11.84 32.66 -22.34
C ILE B 349 -11.16 33.45 -21.27
N THR B 350 -11.72 33.55 -20.09
CA THR B 350 -11.00 34.20 -18.99
C THR B 350 -10.04 33.27 -18.27
N TYR B 351 -9.01 33.81 -17.63
CA TYR B 351 -8.17 32.98 -16.82
C TYR B 351 -8.99 32.24 -15.75
N GLY B 352 -9.91 32.93 -15.09
CA GLY B 352 -10.69 32.31 -14.04
C GLY B 352 -11.54 31.14 -14.54
N ALA B 353 -12.08 31.27 -15.73
CA ALA B 353 -12.87 30.19 -16.31
C ALA B 353 -12.02 28.98 -16.60
N VAL B 354 -10.79 29.20 -17.07
CA VAL B 354 -9.88 28.07 -17.27
C VAL B 354 -9.68 27.31 -15.97
N ILE B 355 -9.34 28.03 -14.93
CA ILE B 355 -9.03 27.45 -13.64
C ILE B 355 -10.24 26.72 -13.03
N ARG B 356 -11.40 27.37 -13.11
CA ARG B 356 -12.60 26.82 -12.48
C ARG B 356 -13.18 25.65 -13.28
N HIS B 357 -13.14 25.70 -14.60
CA HIS B 357 -13.89 24.78 -15.42
C HIS B 357 -13.07 23.84 -16.27
N HIS B 358 -11.74 24.01 -16.32
CA HIS B 358 -10.96 23.22 -17.26
C HIS B 358 -9.71 22.54 -16.74
N LEU B 359 -9.08 23.02 -15.67
CA LEU B 359 -7.84 22.44 -15.13
C LEU B 359 -8.12 21.58 -13.91
N GLU B 360 -7.51 20.38 -13.87
CA GLU B 360 -7.58 19.53 -12.71
C GLU B 360 -6.54 20.05 -11.70
N ILE B 361 -6.88 21.17 -11.06
CA ILE B 361 -5.99 21.79 -10.09
C ILE B 361 -5.80 21.00 -8.83
N SER B 362 -6.75 20.14 -8.51
CA SER B 362 -6.66 19.34 -7.29
C SER B 362 -6.28 17.91 -7.57
N GLY B 363 -5.81 17.24 -6.53
CA GLY B 363 -5.39 15.87 -6.58
C GLY B 363 -3.88 15.71 -6.40
N PRO B 364 -3.43 14.48 -6.25
CA PRO B 364 -2.03 14.23 -6.00
C PRO B 364 -1.14 14.89 -7.05
N VAL B 365 -0.04 15.44 -6.57
CA VAL B 365 0.93 16.15 -7.39
C VAL B 365 1.91 15.12 -7.94
N SER B 366 2.11 15.07 -9.24
CA SER B 366 3.14 14.24 -9.80
C SER B 366 4.51 14.82 -9.54
N ARG B 367 5.49 13.97 -9.21
CA ARG B 367 6.86 14.45 -9.03
C ARG B 367 7.39 14.98 -10.38
N GLN B 368 6.86 14.50 -11.50
CA GLN B 368 7.24 15.01 -12.78
C GLN B 368 6.83 16.47 -12.96
N PHE B 369 5.70 16.89 -12.35
CA PHE B 369 5.31 18.29 -12.35
C PHE B 369 6.39 19.13 -11.65
N PHE B 370 6.91 18.66 -10.52
CA PHE B 370 8.00 19.40 -9.82
C PHE B 370 9.20 19.51 -10.78
N LEU B 371 9.57 18.42 -11.41
CA LEU B 371 10.75 18.47 -12.27
C LEU B 371 10.54 19.40 -13.46
N SER B 372 9.33 19.41 -14.02
CA SER B 372 9.00 20.26 -15.15
C SER B 372 8.95 21.76 -14.86
N ILE B 373 8.53 22.12 -13.65
CA ILE B 373 8.29 23.53 -13.30
C ILE B 373 9.46 24.17 -12.54
N ALA B 374 10.44 23.36 -12.15
CA ALA B 374 11.51 23.84 -11.26
C ALA B 374 12.25 25.06 -11.75
N GLY B 375 12.37 25.16 -13.06
CA GLY B 375 13.05 26.30 -13.68
C GLY B 375 12.40 27.64 -13.48
N PHE B 376 11.13 27.63 -13.08
CA PHE B 376 10.35 28.80 -12.80
C PHE B 376 10.28 29.15 -11.31
N ALA B 377 11.06 28.50 -10.45
CA ALA B 377 11.00 28.79 -9.02
C ALA B 377 11.36 30.27 -8.75
N PRO B 378 10.68 30.90 -7.79
CA PRO B 378 10.78 32.36 -7.68
C PRO B 378 12.10 32.90 -7.10
N ASP B 379 12.89 32.07 -6.48
CA ASP B 379 14.20 32.54 -5.91
C ASP B 379 15.09 31.36 -5.68
N GLU B 380 16.36 31.62 -5.38
CA GLU B 380 17.33 30.52 -5.18
C GLU B 380 17.09 29.62 -3.99
N GLU B 381 16.63 30.19 -2.90
CA GLU B 381 16.26 29.44 -1.70
C GLU B 381 15.16 28.44 -2.02
N THR B 382 14.19 28.86 -2.80
CA THR B 382 13.13 27.95 -3.23
C THR B 382 13.67 26.88 -4.14
N LYS B 383 14.42 27.29 -5.14
CA LYS B 383 14.94 26.37 -6.10
C LYS B 383 15.69 25.25 -5.38
N LYS B 384 16.40 25.57 -4.29
CA LYS B 384 17.10 24.55 -3.49
C LYS B 384 16.16 23.53 -2.84
N THR B 385 15.15 23.97 -2.10
CA THR B 385 14.20 23.07 -1.47
C THR B 385 13.47 22.26 -2.55
N PHE B 386 13.19 22.90 -3.66
CA PHE B 386 12.29 22.32 -4.70
C PHE B 386 13.00 21.31 -5.57
N THR B 387 14.21 21.63 -5.96
CA THR B 387 15.09 20.70 -6.65
C THR B 387 15.35 19.44 -5.75
N ARG B 388 15.55 19.62 -4.43
CA ARG B 388 15.77 18.49 -3.47
C ARG B 388 14.56 17.54 -3.48
N LEU B 389 13.37 18.12 -3.31
CA LEU B 389 12.17 17.34 -3.28
C LEU B 389 11.93 16.65 -4.64
N GLY B 390 12.11 17.35 -5.76
CA GLY B 390 11.79 16.80 -7.08
C GLY B 390 12.65 15.64 -7.50
N GLY B 391 13.89 15.64 -6.99
CA GLY B 391 14.83 14.56 -7.29
C GLY B 391 14.78 13.37 -6.39
N ASP B 392 14.14 13.47 -5.21
CA ASP B 392 14.14 12.41 -4.18
C ASP B 392 12.73 11.82 -4.08
N LYS B 393 12.55 10.70 -4.79
CA LYS B 393 11.32 9.93 -4.72
C LYS B 393 10.74 9.78 -3.33
N GLN B 394 11.56 9.40 -2.33
CA GLN B 394 10.98 9.14 -1.02
C GLN B 394 10.67 10.42 -0.25
N GLU B 395 11.54 11.41 -0.34
CA GLU B 395 11.25 12.65 0.40
C GLU B 395 10.01 13.30 -0.19
N PHE B 396 9.90 13.27 -1.51
CA PHE B 396 8.65 13.76 -2.16
C PHE B 396 7.42 13.04 -1.66
N ALA B 397 7.44 11.72 -1.57
CA ALA B 397 6.31 11.00 -1.04
C ALA B 397 5.97 11.43 0.38
N THR B 398 7.00 11.54 1.23
CA THR B 398 6.78 11.91 2.64
C THR B 398 6.32 13.36 2.85
N LYS B 399 6.88 14.27 2.07
CA LYS B 399 6.66 15.70 2.30
C LYS B 399 5.58 16.31 1.43
N VAL B 400 5.19 15.64 0.35
CA VAL B 400 4.17 16.17 -0.58
C VAL B 400 3.00 15.18 -0.62
N THR B 401 3.22 13.97 -1.16
CA THR B 401 2.15 13.06 -1.40
C THR B 401 1.38 12.69 -0.13
N ARG B 402 2.16 12.31 0.89
CA ARG B 402 1.59 11.91 2.19
C ARG B 402 0.72 13.01 2.82
N ARG B 403 1.08 14.25 2.56
CA ARG B 403 0.35 15.37 3.12
C ARG B 403 -0.92 15.74 2.35
N LYS B 404 -1.12 15.08 1.22
CA LYS B 404 -2.27 15.31 0.37
C LYS B 404 -2.30 16.77 -0.06
N PHE B 405 -1.10 17.31 -0.35
CA PHE B 405 -1.02 18.65 -0.91
C PHE B 405 -1.60 18.61 -2.35
N ASN B 406 -2.32 19.67 -2.71
CA ASN B 406 -2.55 19.99 -4.12
C ASN B 406 -1.35 20.75 -4.66
N ILE B 407 -1.26 20.94 -5.99
CA ILE B 407 -0.19 21.70 -6.62
C ILE B 407 0.06 22.98 -5.88
N ALA B 408 -0.98 23.76 -5.62
CA ALA B 408 -0.77 25.08 -5.07
C ALA B 408 -0.11 25.02 -3.68
N ASP B 409 -0.57 24.09 -2.85
CA ASP B 409 -0.03 23.95 -1.50
C ASP B 409 1.40 23.46 -1.51
N ALA B 410 1.70 22.52 -2.42
CA ALA B 410 3.04 21.99 -2.50
C ALA B 410 4.06 23.06 -2.92
N LEU B 411 3.71 23.84 -3.93
CA LEU B 411 4.61 24.84 -4.41
C LEU B 411 4.80 25.95 -3.36
N LEU B 412 3.72 26.35 -2.67
CA LEU B 412 3.79 27.43 -1.68
C LEU B 412 4.55 26.90 -0.44
N TYR B 413 4.47 25.61 -0.15
CA TYR B 413 5.34 25.06 0.92
C TYR B 413 6.79 25.27 0.55
N SER B 414 7.14 24.87 -0.65
CA SER B 414 8.51 24.92 -1.11
C SER B 414 9.07 26.33 -1.17
N SER B 415 8.24 27.30 -1.53
CA SER B 415 8.68 28.68 -1.66
C SER B 415 8.43 29.54 -0.42
N ASN B 416 8.05 28.96 0.70
CA ASN B 416 7.80 29.70 1.92
C ASN B 416 6.75 30.78 1.65
N ASN B 417 5.72 30.41 0.90
CA ASN B 417 4.63 31.28 0.53
C ASN B 417 4.91 32.41 -0.45
N THR B 418 6.09 32.45 -1.06
CA THR B 418 6.37 33.36 -2.17
C THR B 418 5.62 32.87 -3.42
N PRO B 419 4.82 33.72 -4.09
CA PRO B 419 4.13 33.30 -5.28
C PRO B 419 5.08 32.90 -6.41
N TRP B 420 4.64 31.92 -7.20
CA TRP B 420 5.37 31.50 -8.39
C TRP B 420 4.90 32.32 -9.57
N SER B 421 5.19 33.62 -9.52
CA SER B 421 4.69 34.56 -10.49
C SER B 421 5.43 34.54 -11.84
N ASP B 422 6.54 33.82 -11.95
CA ASP B 422 7.30 33.64 -13.15
C ASP B 422 6.81 32.48 -14.02
N VAL B 423 5.84 31.68 -13.53
CA VAL B 423 5.34 30.57 -14.29
C VAL B 423 4.38 31.10 -15.38
N PRO B 424 4.67 30.83 -16.65
CA PRO B 424 3.74 31.23 -17.66
C PRO B 424 2.44 30.46 -17.54
N PHE B 425 1.32 31.12 -17.75
CA PHE B 425 0.07 30.41 -17.67
C PHE B 425 -0.01 29.29 -18.71
N GLU B 426 0.61 29.44 -19.90
CA GLU B 426 0.66 28.38 -20.92
C GLU B 426 1.29 27.11 -20.40
N PHE B 427 2.26 27.26 -19.49
CA PHE B 427 2.88 26.12 -18.87
C PHE B 427 1.82 25.31 -18.14
N LEU B 428 0.99 26.04 -17.37
CA LEU B 428 -0.04 25.38 -16.56
C LEU B 428 -1.09 24.72 -17.42
N ILE B 429 -1.48 25.39 -18.50
CA ILE B 429 -2.41 24.78 -19.46
C ILE B 429 -1.88 23.48 -20.05
N GLU B 430 -0.58 23.40 -20.32
CA GLU B 430 -0.04 22.15 -20.83
C GLU B 430 0.30 21.09 -19.77
N ASN B 431 0.63 21.51 -18.57
CA ASN B 431 1.21 20.59 -17.57
C ASN B 431 0.24 20.15 -16.50
N ILE B 432 -0.99 20.65 -16.54
CA ILE B 432 -2.06 20.19 -15.62
C ILE B 432 -3.12 19.50 -16.46
N GLN B 433 -3.54 18.29 -16.10
N GLN B 433 -3.53 18.28 -16.06
CA GLN B 433 -4.50 17.59 -16.94
CA GLN B 433 -4.55 17.49 -16.73
C GLN B 433 -5.83 18.30 -16.95
C GLN B 433 -5.85 18.27 -16.92
N HIS B 434 -6.57 18.02 -18.01
CA HIS B 434 -7.92 18.47 -18.21
CA HIS B 434 -7.91 18.62 -18.15
C HIS B 434 -8.82 17.97 -17.06
N LEU B 435 -9.78 18.76 -16.61
CA LEU B 435 -10.73 18.37 -15.61
C LEU B 435 -11.68 17.41 -16.27
N THR B 436 -11.75 16.15 -15.81
CA THR B 436 -12.44 15.08 -16.50
C THR B 436 -13.73 14.72 -15.76
N PRO B 437 -14.76 14.25 -16.49
CA PRO B 437 -15.97 13.78 -15.80
C PRO B 437 -15.75 12.60 -14.89
N ARG B 438 -16.53 12.53 -13.82
CA ARG B 438 -16.54 11.39 -12.92
C ARG B 438 -17.77 10.54 -13.23
N TYR B 439 -17.62 9.23 -13.16
CA TYR B 439 -18.72 8.31 -13.47
C TYR B 439 -19.47 7.87 -12.24
N TYR B 440 -20.79 7.72 -12.39
CA TYR B 440 -21.68 7.25 -11.31
C TYR B 440 -22.60 6.16 -11.82
N SER B 441 -22.78 5.12 -11.04
CA SER B 441 -23.69 4.03 -11.40
C SER B 441 -25.11 4.50 -11.26
N ILE B 442 -25.88 4.52 -12.34
CA ILE B 442 -27.24 5.05 -12.24
C ILE B 442 -28.09 4.16 -11.33
N SER B 443 -28.81 4.76 -10.38
CA SER B 443 -29.53 4.05 -9.36
C SER B 443 -31.07 4.10 -9.56
N SER B 444 -31.48 4.62 -10.72
CA SER B 444 -32.89 4.57 -11.16
C SER B 444 -33.02 3.51 -12.22
N SER B 445 -34.29 3.18 -12.51
CA SER B 445 -34.65 2.21 -13.53
C SER B 445 -35.22 2.92 -14.72
N SER B 446 -34.69 2.62 -15.89
CA SER B 446 -35.23 3.22 -17.15
C SER B 446 -36.65 2.73 -17.47
N LEU B 447 -37.02 1.54 -17.01
CA LEU B 447 -38.43 1.10 -17.15
C LEU B 447 -39.35 1.86 -16.24
N SER B 448 -38.95 2.02 -14.99
CA SER B 448 -39.73 2.67 -13.99
C SER B 448 -39.81 4.22 -14.18
N GLU B 449 -38.69 4.81 -14.57
CA GLU B 449 -38.56 6.27 -14.68
C GLU B 449 -37.58 6.63 -15.80
N LYS B 450 -38.00 6.48 -17.04
CA LYS B 450 -37.14 6.77 -18.17
C LYS B 450 -36.69 8.24 -18.20
N GLN B 451 -37.52 9.11 -17.61
CA GLN B 451 -37.35 10.55 -17.64
C GLN B 451 -36.51 11.15 -16.52
N LEU B 452 -36.01 10.30 -15.62
CA LEU B 452 -35.26 10.72 -14.45
C LEU B 452 -34.03 9.84 -14.35
N ILE B 453 -32.91 10.47 -14.00
CA ILE B 453 -31.70 9.71 -13.65
C ILE B 453 -31.37 9.95 -12.20
N ASN B 454 -31.19 8.86 -11.42
CA ASN B 454 -30.71 8.98 -10.04
C ASN B 454 -29.24 8.56 -10.00
N VAL B 455 -28.49 9.20 -9.10
CA VAL B 455 -27.17 8.68 -8.71
C VAL B 455 -27.10 8.77 -7.19
N THR B 456 -26.14 8.05 -6.65
CA THR B 456 -26.01 7.87 -5.21
C THR B 456 -24.53 8.02 -4.92
N ALA B 457 -24.10 9.13 -4.33
CA ALA B 457 -22.72 9.47 -4.33
C ALA B 457 -22.25 9.73 -2.90
N VAL B 458 -21.27 8.97 -2.48
CA VAL B 458 -20.71 9.17 -1.14
C VAL B 458 -19.72 10.33 -1.18
N VAL B 459 -19.77 11.25 -0.21
CA VAL B 459 -18.96 12.44 -0.26
C VAL B 459 -17.58 12.14 0.29
N GLU B 460 -16.54 12.49 -0.49
CA GLU B 460 -15.16 12.31 -0.05
C GLU B 460 -14.64 13.67 0.46
N ALA B 461 -14.35 13.81 1.76
CA ALA B 461 -13.91 15.12 2.30
C ALA B 461 -13.25 14.93 3.64
N GLU B 462 -12.13 15.59 3.84
CA GLU B 462 -11.49 15.60 5.13
C GLU B 462 -10.80 16.94 5.31
N GLU B 463 -10.57 17.31 6.56
CA GLU B 463 -9.89 18.55 6.85
C GLU B 463 -8.60 18.15 7.59
N GLU B 464 -7.47 18.58 7.07
CA GLU B 464 -6.16 18.20 7.65
C GLU B 464 -5.92 18.95 8.96
N ALA B 465 -4.95 18.46 9.74
CA ALA B 465 -4.55 19.08 11.02
C ALA B 465 -4.25 20.57 10.87
N ASP B 466 -3.55 20.93 9.78
CA ASP B 466 -3.28 22.35 9.45
C ASP B 466 -4.44 23.17 8.87
N GLY B 467 -5.65 22.58 8.79
CA GLY B 467 -6.85 23.26 8.23
C GLY B 467 -7.10 23.12 6.71
N ARG B 468 -6.22 22.47 5.98
CA ARG B 468 -6.42 22.36 4.53
C ARG B 468 -7.59 21.42 4.30
N PRO B 469 -8.51 21.81 3.42
CA PRO B 469 -9.49 20.80 2.93
C PRO B 469 -8.97 19.90 1.85
N VAL B 470 -9.22 18.60 1.99
CA VAL B 470 -8.85 17.63 0.96
C VAL B 470 -10.19 17.05 0.53
N THR B 471 -10.61 17.36 -0.70
CA THR B 471 -11.98 17.11 -1.12
C THR B 471 -12.07 16.43 -2.45
N GLY B 472 -13.11 15.61 -2.57
CA GLY B 472 -13.44 15.04 -3.86
C GLY B 472 -14.22 16.12 -4.63
N VAL B 473 -13.82 16.45 -5.86
CA VAL B 473 -14.39 17.57 -6.58
C VAL B 473 -15.90 17.41 -6.87
N VAL B 474 -16.29 16.35 -7.55
CA VAL B 474 -17.71 16.20 -7.85
C VAL B 474 -18.54 15.96 -6.62
N THR B 475 -18.09 15.11 -5.71
CA THR B 475 -18.96 14.78 -4.57
C THR B 475 -19.20 15.96 -3.63
N ASN B 476 -18.23 16.85 -3.50
CA ASN B 476 -18.48 18.08 -2.70
C ASN B 476 -19.35 19.07 -3.45
N LEU B 477 -19.34 19.04 -4.79
CA LEU B 477 -20.24 19.85 -5.59
C LEU B 477 -21.67 19.35 -5.41
N LEU B 478 -21.85 18.04 -5.45
CA LEU B 478 -23.18 17.49 -5.20
C LEU B 478 -23.66 17.77 -3.79
N LYS B 479 -22.79 17.67 -2.79
CA LYS B 479 -23.18 18.05 -1.41
C LYS B 479 -23.56 19.51 -1.32
N ASN B 480 -22.81 20.39 -1.97
CA ASN B 480 -23.15 21.83 -1.94
C ASN B 480 -24.54 22.03 -2.55
N ILE B 481 -24.84 21.35 -3.65
CA ILE B 481 -26.15 21.47 -4.28
C ILE B 481 -27.24 21.01 -3.30
N GLU B 482 -27.03 19.86 -2.67
CA GLU B 482 -28.02 19.37 -1.73
C GLU B 482 -28.27 20.37 -0.58
N ILE B 483 -27.20 20.97 -0.10
CA ILE B 483 -27.30 21.87 1.05
C ILE B 483 -28.10 23.09 0.62
N ALA B 484 -27.80 23.61 -0.54
CA ALA B 484 -28.47 24.80 -1.07
C ALA B 484 -29.91 24.51 -1.48
N GLN B 485 -30.13 23.40 -2.17
CA GLN B 485 -31.45 23.12 -2.69
C GLN B 485 -32.44 22.89 -1.54
N ASN B 486 -31.99 22.19 -0.52
CA ASN B 486 -32.86 21.81 0.62
C ASN B 486 -32.82 22.82 1.76
N LYS B 487 -32.02 23.88 1.60
CA LYS B 487 -31.95 24.95 2.59
C LYS B 487 -31.60 24.41 3.99
N THR B 488 -30.64 23.49 4.06
CA THR B 488 -30.35 22.81 5.30
C THR B 488 -29.60 23.66 6.32
N GLY B 489 -28.89 24.71 5.90
CA GLY B 489 -28.07 25.48 6.81
C GLY B 489 -26.74 24.85 7.15
N GLU B 490 -26.41 23.69 6.55
CA GLU B 490 -25.15 23.06 6.84
C GLU B 490 -24.01 23.89 6.25
N LYS B 491 -22.85 23.87 6.91
CA LYS B 491 -21.66 24.58 6.42
C LYS B 491 -20.91 23.68 5.46
N PRO B 492 -20.90 24.01 4.16
CA PRO B 492 -20.07 23.26 3.20
C PRO B 492 -18.58 23.37 3.59
N LEU B 493 -17.81 22.28 3.50
CA LEU B 493 -16.37 22.36 3.67
C LEU B 493 -15.73 23.24 2.60
N VAL B 494 -16.17 23.10 1.35
CA VAL B 494 -15.73 23.94 0.26
C VAL B 494 -16.96 24.33 -0.48
N HIS B 495 -16.87 25.37 -1.28
CA HIS B 495 -17.97 25.97 -1.99
C HIS B 495 -17.74 25.99 -3.46
N TYR B 496 -18.82 26.02 -4.24
CA TYR B 496 -18.78 26.02 -5.68
C TYR B 496 -19.65 27.10 -6.31
N ASP B 497 -19.40 27.42 -7.58
CA ASP B 497 -20.30 28.27 -8.35
C ASP B 497 -21.50 27.51 -8.84
N LEU B 498 -22.63 27.63 -8.12
CA LEU B 498 -23.79 26.86 -8.51
C LEU B 498 -24.57 27.51 -9.68
N SER B 499 -24.25 28.76 -10.05
CA SER B 499 -24.92 29.40 -11.16
C SER B 499 -24.26 29.07 -12.48
N GLY B 500 -22.97 28.77 -12.43
CA GLY B 500 -22.26 28.43 -13.65
C GLY B 500 -21.99 29.58 -14.60
N PRO B 501 -21.40 29.27 -15.76
CA PRO B 501 -21.02 30.27 -16.75
C PRO B 501 -22.19 31.06 -17.26
N ARG B 502 -22.18 32.37 -17.02
CA ARG B 502 -23.30 33.26 -17.35
C ARG B 502 -24.64 32.80 -16.86
N GLY B 503 -24.65 32.10 -15.75
CA GLY B 503 -25.89 31.64 -15.18
C GLY B 503 -26.48 30.42 -15.86
N LYS B 504 -25.73 29.78 -16.76
CA LYS B 504 -26.25 28.67 -17.56
C LYS B 504 -26.44 27.38 -16.74
N PHE B 505 -25.91 27.33 -15.51
CA PHE B 505 -26.18 26.18 -14.64
C PHE B 505 -27.25 26.48 -13.60
N ASN B 506 -27.92 27.64 -13.73
CA ASN B 506 -29.04 27.91 -12.83
C ASN B 506 -30.19 26.97 -12.95
N LYS B 507 -30.86 26.89 -11.80
CA LYS B 507 -31.67 25.88 -11.20
C LYS B 507 -30.86 24.59 -11.02
N PHE B 508 -29.64 24.65 -10.48
CA PHE B 508 -28.89 23.48 -10.08
C PHE B 508 -28.73 22.50 -11.23
N LYS B 509 -28.31 22.99 -12.38
CA LYS B 509 -27.95 22.14 -13.49
C LYS B 509 -26.46 21.77 -13.43
N LEU B 510 -26.13 20.61 -13.96
CA LEU B 510 -24.75 20.24 -14.22
C LEU B 510 -24.66 19.65 -15.61
N PRO B 511 -23.49 19.75 -16.26
CA PRO B 511 -23.30 19.04 -17.50
C PRO B 511 -23.11 17.56 -17.26
N VAL B 512 -23.84 16.75 -18.02
CA VAL B 512 -23.75 15.29 -17.92
C VAL B 512 -23.79 14.63 -19.28
N HIS B 513 -23.31 13.39 -19.33
CA HIS B 513 -23.61 12.49 -20.45
C HIS B 513 -23.72 11.08 -19.92
N VAL B 514 -24.30 10.22 -20.72
CA VAL B 514 -24.52 8.83 -20.32
C VAL B 514 -23.54 7.97 -21.07
N ARG B 515 -22.89 7.07 -20.36
CA ARG B 515 -22.08 6.07 -21.01
C ARG B 515 -22.78 4.73 -20.88
N ARG B 516 -23.05 4.11 -22.01
CA ARG B 516 -23.68 2.79 -22.05
C ARG B 516 -22.73 1.77 -21.42
N SER B 517 -23.25 0.97 -20.50
CA SER B 517 -22.43 -0.07 -19.92
C SER B 517 -22.92 -1.44 -20.37
N ASN B 518 -22.05 -2.43 -20.15
CA ASN B 518 -22.41 -3.86 -20.30
C ASN B 518 -23.08 -4.47 -19.06
N PHE B 519 -23.23 -3.69 -18.01
CA PHE B 519 -23.83 -4.11 -16.76
C PHE B 519 -25.33 -4.02 -16.92
N LYS B 520 -25.96 -5.17 -17.19
CA LYS B 520 -27.32 -5.23 -17.66
C LYS B 520 -28.08 -6.42 -17.12
N LEU B 521 -29.34 -6.22 -16.80
CA LEU B 521 -30.23 -7.33 -16.40
C LEU B 521 -30.31 -8.38 -17.52
N PRO B 522 -30.68 -9.62 -17.16
CA PRO B 522 -30.73 -10.66 -18.20
C PRO B 522 -31.80 -10.35 -19.23
N LYS B 523 -31.63 -10.92 -20.42
CA LYS B 523 -32.64 -10.77 -21.48
C LYS B 523 -33.99 -11.34 -21.08
N ASN B 524 -33.97 -12.45 -20.36
CA ASN B 524 -35.18 -13.11 -19.92
C ASN B 524 -35.46 -12.72 -18.49
N SER B 525 -36.63 -12.15 -18.21
CA SER B 525 -37.02 -11.68 -16.90
C SER B 525 -37.16 -12.81 -15.87
N THR B 526 -37.39 -14.03 -16.34
CA THR B 526 -37.54 -15.16 -15.43
C THR B 526 -36.19 -15.71 -14.91
N THR B 527 -35.07 -15.29 -15.51
CA THR B 527 -33.72 -15.73 -15.07
C THR B 527 -33.44 -15.13 -13.71
N PRO B 528 -33.01 -15.96 -12.74
CA PRO B 528 -32.74 -15.45 -11.38
C PRO B 528 -31.50 -14.57 -11.39
N VAL B 529 -31.40 -13.65 -10.41
CA VAL B 529 -30.20 -12.80 -10.31
C VAL B 529 -29.75 -12.79 -8.88
N ILE B 530 -28.41 -12.78 -8.73
CA ILE B 530 -27.74 -12.67 -7.43
C ILE B 530 -27.02 -11.32 -7.44
N LEU B 531 -27.50 -10.39 -6.62
CA LEU B 531 -27.03 -9.01 -6.59
C LEU B 531 -26.23 -8.79 -5.32
N ILE B 532 -24.98 -8.33 -5.48
CA ILE B 532 -24.07 -8.13 -4.33
C ILE B 532 -23.49 -6.75 -4.41
N GLY B 533 -23.79 -5.90 -3.43
CA GLY B 533 -23.38 -4.51 -3.52
C GLY B 533 -23.50 -3.74 -2.21
N PRO B 534 -22.50 -3.84 -1.36
CA PRO B 534 -22.49 -3.07 -0.13
C PRO B 534 -22.07 -1.63 -0.35
N GLY B 535 -22.45 -0.77 0.61
CA GLY B 535 -22.25 0.67 0.46
C GLY B 535 -22.80 1.18 -0.83
N THR B 536 -22.08 2.07 -1.51
CA THR B 536 -22.54 2.67 -2.76
C THR B 536 -22.61 1.65 -3.88
N GLY B 537 -22.07 0.45 -3.65
CA GLY B 537 -22.33 -0.65 -4.58
C GLY B 537 -23.76 -0.97 -4.79
N VAL B 538 -24.61 -0.57 -3.85
CA VAL B 538 -26.03 -0.87 -4.00
C VAL B 538 -26.67 -0.02 -5.09
N ALA B 539 -26.00 1.07 -5.52
CA ALA B 539 -26.62 2.01 -6.42
C ALA B 539 -27.23 1.36 -7.69
N PRO B 540 -26.46 0.64 -8.53
CA PRO B 540 -27.12 0.09 -9.75
C PRO B 540 -28.10 -1.03 -9.38
N LEU B 541 -27.88 -1.64 -8.21
CA LEU B 541 -28.74 -2.69 -7.72
C LEU B 541 -30.10 -2.17 -7.32
N ARG B 542 -30.15 -0.95 -6.80
CA ARG B 542 -31.41 -0.28 -6.65
C ARG B 542 -32.11 -0.14 -8.02
N GLY B 543 -31.39 0.27 -9.03
CA GLY B 543 -31.94 0.37 -10.36
C GLY B 543 -32.53 -0.97 -10.78
N PHE B 544 -31.76 -2.06 -10.60
CA PHE B 544 -32.23 -3.38 -10.97
C PHE B 544 -33.50 -3.77 -10.24
N VAL B 545 -33.53 -3.54 -8.92
CA VAL B 545 -34.70 -3.92 -8.13
C VAL B 545 -35.91 -3.08 -8.55
N ARG B 546 -35.72 -1.76 -8.74
CA ARG B 546 -36.81 -0.92 -9.22
C ARG B 546 -37.34 -1.42 -10.58
N GLU B 547 -36.46 -1.85 -11.46
CA GLU B 547 -36.85 -2.38 -12.78
C GLU B 547 -37.73 -3.60 -12.60
N ARG B 548 -37.31 -4.49 -11.75
CA ARG B 548 -38.08 -5.74 -11.56
C ARG B 548 -39.41 -5.50 -10.86
N VAL B 549 -39.45 -4.56 -9.91
CA VAL B 549 -40.69 -4.13 -9.26
C VAL B 549 -41.66 -3.67 -10.37
N GLN B 550 -41.19 -2.83 -11.29
CA GLN B 550 -42.05 -2.35 -12.38
C GLN B 550 -42.52 -3.49 -13.28
N GLN B 551 -41.63 -4.43 -13.59
CA GLN B 551 -42.00 -5.66 -14.32
C GLN B 551 -43.11 -6.42 -13.64
N VAL B 552 -43.02 -6.62 -12.34
CA VAL B 552 -44.11 -7.34 -11.62
C VAL B 552 -45.42 -6.58 -11.72
N LYS B 553 -45.40 -5.26 -11.49
CA LYS B 553 -46.57 -4.42 -11.64
C LYS B 553 -47.16 -4.52 -13.06
N ASN B 554 -46.30 -4.71 -14.07
CA ASN B 554 -46.68 -4.88 -15.47
C ASN B 554 -47.15 -6.31 -15.82
N GLY B 555 -47.29 -7.18 -14.84
CA GLY B 555 -47.70 -8.57 -15.11
C GLY B 555 -46.63 -9.47 -15.70
N VAL B 556 -45.35 -9.05 -15.69
CA VAL B 556 -44.27 -9.91 -16.19
C VAL B 556 -43.92 -10.92 -15.09
N ASN B 557 -43.52 -12.11 -15.54
CA ASN B 557 -43.05 -13.20 -14.70
C ASN B 557 -41.58 -12.91 -14.41
N VAL B 558 -41.27 -12.60 -13.14
CA VAL B 558 -39.89 -12.24 -12.75
C VAL B 558 -39.30 -13.34 -11.86
N GLY B 559 -38.07 -13.71 -12.22
CA GLY B 559 -37.30 -14.70 -11.49
C GLY B 559 -36.86 -14.22 -10.11
N LYS B 560 -36.22 -15.11 -9.37
CA LYS B 560 -35.79 -14.81 -8.00
C LYS B 560 -34.71 -13.69 -8.07
N THR B 561 -34.77 -12.80 -7.08
CA THR B 561 -33.81 -11.72 -6.92
C THR B 561 -33.23 -11.82 -5.53
N LEU B 562 -31.93 -12.12 -5.40
CA LEU B 562 -31.26 -12.13 -4.09
C LEU B 562 -30.41 -10.88 -4.04
N LEU B 563 -30.50 -10.15 -2.93
CA LEU B 563 -29.69 -8.94 -2.77
C LEU B 563 -28.91 -9.08 -1.46
N PHE B 564 -27.61 -8.96 -1.59
CA PHE B 564 -26.70 -8.90 -0.46
C PHE B 564 -26.20 -7.47 -0.35
N TYR B 565 -26.55 -6.83 0.77
CA TYR B 565 -26.18 -5.46 1.03
C TYR B 565 -25.37 -5.36 2.32
N GLY B 566 -24.62 -4.29 2.49
CA GLY B 566 -23.88 -4.12 3.74
C GLY B 566 -23.66 -2.66 3.96
N CYS B 567 -23.45 -2.31 5.25
CA CYS B 567 -23.07 -0.97 5.63
C CYS B 567 -22.49 -1.03 7.02
N ARG B 568 -22.11 0.11 7.58
CA ARG B 568 -21.51 0.10 8.95
C ARG B 568 -22.55 -0.18 10.00
N ASN B 569 -23.67 0.50 9.92
CA ASN B 569 -24.63 0.50 11.03
C ASN B 569 -26.01 0.82 10.49
N SER B 570 -26.98 -0.01 10.83
N SER B 570 -26.98 -0.01 10.86
CA SER B 570 -28.31 0.14 10.30
CA SER B 570 -28.33 0.11 10.37
C SER B 570 -28.97 1.48 10.65
C SER B 570 -28.97 1.47 10.66
N ASN B 571 -28.53 2.16 11.72
CA ASN B 571 -29.03 3.50 12.05
C ASN B 571 -28.12 4.67 11.67
N GLU B 572 -27.14 4.41 10.83
CA GLU B 572 -26.18 5.40 10.38
C GLU B 572 -26.15 5.54 8.84
N ASP B 573 -25.91 4.43 8.14
CA ASP B 573 -25.56 4.51 6.73
C ASP B 573 -26.23 3.45 5.89
N PHE B 574 -27.45 3.09 6.25
CA PHE B 574 -28.20 2.09 5.51
C PHE B 574 -28.89 2.83 4.33
N LEU B 575 -28.32 2.67 3.14
CA LEU B 575 -28.85 3.32 1.97
C LEU B 575 -30.27 2.85 1.61
N TYR B 576 -31.15 3.84 1.43
CA TYR B 576 -32.51 3.62 0.98
C TYR B 576 -33.26 2.70 1.92
N LYS B 577 -32.93 2.80 3.20
CA LYS B 577 -33.41 1.81 4.18
C LYS B 577 -34.89 1.55 4.10
N GLN B 578 -35.72 2.59 3.95
CA GLN B 578 -37.16 2.41 4.02
C GLN B 578 -37.74 1.94 2.70
N GLU B 579 -36.97 2.01 1.62
CA GLU B 579 -37.47 1.59 0.32
C GLU B 579 -37.59 0.07 0.19
N TRP B 580 -36.73 -0.66 0.86
CA TRP B 580 -36.55 -2.09 0.51
C TRP B 580 -37.82 -2.88 0.86
N ALA B 581 -38.48 -2.52 1.95
CA ALA B 581 -39.72 -3.21 2.32
C ALA B 581 -40.80 -2.93 1.35
N GLU B 582 -40.80 -1.72 0.82
CA GLU B 582 -41.76 -1.36 -0.20
C GLU B 582 -41.53 -2.19 -1.43
N TYR B 583 -40.29 -2.34 -1.90
CA TYR B 583 -40.04 -3.24 -3.01
C TYR B 583 -40.41 -4.68 -2.73
N ALA B 584 -40.11 -5.14 -1.52
CA ALA B 584 -40.41 -6.52 -1.14
C ALA B 584 -41.93 -6.73 -1.14
N SER B 585 -42.68 -5.69 -0.78
CA SER B 585 -44.18 -5.75 -0.80
C SER B 585 -44.70 -6.10 -2.19
N VAL B 586 -44.00 -5.70 -3.25
CA VAL B 586 -44.41 -6.01 -4.63
C VAL B 586 -43.83 -7.30 -5.12
N LEU B 587 -42.54 -7.52 -4.84
CA LEU B 587 -41.85 -8.64 -5.43
C LEU B 587 -42.18 -9.96 -4.73
N GLY B 588 -42.65 -9.85 -3.49
CA GLY B 588 -42.99 -11.03 -2.68
C GLY B 588 -41.87 -12.02 -2.44
N GLU B 589 -42.22 -13.31 -2.47
CA GLU B 589 -41.28 -14.39 -2.11
C GLU B 589 -40.06 -14.46 -2.99
N ASN B 590 -40.16 -13.99 -4.23
CA ASN B 590 -39.03 -14.01 -5.14
C ASN B 590 -37.85 -13.13 -4.71
N PHE B 591 -38.10 -12.06 -3.95
CA PHE B 591 -37.05 -11.15 -3.49
C PHE B 591 -36.64 -11.49 -2.06
N GLU B 592 -35.33 -11.65 -1.86
CA GLU B 592 -34.78 -11.83 -0.52
C GLU B 592 -33.58 -10.90 -0.41
N MET B 593 -33.49 -10.18 0.70
CA MET B 593 -32.39 -9.27 0.96
C MET B 593 -31.72 -9.69 2.28
N PHE B 594 -30.40 -9.75 2.27
CA PHE B 594 -29.60 -10.05 3.42
C PHE B 594 -28.64 -8.92 3.72
N ASN B 595 -28.61 -8.39 4.95
CA ASN B 595 -27.83 -7.23 5.27
C ASN B 595 -26.71 -7.59 6.21
N ALA B 596 -25.56 -7.05 5.94
CA ALA B 596 -24.36 -7.26 6.74
C ALA B 596 -23.95 -5.93 7.35
N PHE B 597 -23.89 -5.83 8.68
CA PHE B 597 -23.42 -4.62 9.35
C PHE B 597 -22.04 -4.81 9.93
N SER B 598 -21.11 -3.97 9.50
CA SER B 598 -19.71 -4.15 9.84
C SER B 598 -19.31 -3.49 11.14
N ARG B 599 -20.04 -2.49 11.63
CA ARG B 599 -19.61 -1.75 12.85
C ARG B 599 -20.59 -1.78 14.02
N GLN B 600 -21.71 -2.47 13.87
CA GLN B 600 -22.80 -2.48 14.85
C GLN B 600 -22.38 -3.08 16.19
N ASP B 601 -21.75 -4.24 16.10
CA ASP B 601 -21.19 -4.96 17.23
C ASP B 601 -19.72 -5.23 16.88
N PRO B 602 -18.79 -4.56 17.60
CA PRO B 602 -17.37 -4.70 17.25
C PRO B 602 -16.73 -6.09 17.41
N SER B 603 -17.34 -6.98 18.18
CA SER B 603 -16.91 -8.38 18.27
C SER B 603 -17.54 -9.27 17.18
N LYS B 604 -18.42 -8.71 16.34
CA LYS B 604 -19.19 -9.46 15.33
C LYS B 604 -19.35 -8.57 14.08
N LYS B 605 -18.22 -8.32 13.42
CA LYS B 605 -18.16 -7.52 12.19
C LYS B 605 -18.59 -8.45 11.05
N VAL B 606 -19.62 -8.05 10.34
CA VAL B 606 -20.18 -8.87 9.30
C VAL B 606 -20.10 -8.14 7.97
N TYR B 607 -19.73 -8.86 6.90
CA TYR B 607 -19.63 -8.32 5.55
C TYR B 607 -20.45 -9.17 4.59
N VAL B 608 -20.70 -8.63 3.40
CA VAL B 608 -21.52 -9.39 2.45
C VAL B 608 -21.01 -10.81 2.25
N GLN B 609 -19.70 -11.02 2.18
CA GLN B 609 -19.23 -12.42 1.97
C GLN B 609 -19.67 -13.37 3.07
N ASP B 610 -19.84 -12.89 4.30
CA ASP B 610 -20.28 -13.74 5.37
C ASP B 610 -21.72 -14.15 5.14
N LYS B 611 -22.54 -13.20 4.70
CA LYS B 611 -23.94 -13.51 4.37
C LYS B 611 -24.11 -14.42 3.15
N ILE B 612 -23.25 -14.27 2.16
CA ILE B 612 -23.27 -15.18 1.01
C ILE B 612 -22.96 -16.64 1.48
N LEU B 613 -21.92 -16.79 2.29
CA LEU B 613 -21.60 -18.12 2.83
C LEU B 613 -22.74 -18.72 3.69
N GLU B 614 -23.37 -17.88 4.49
CA GLU B 614 -24.53 -18.32 5.30
C GLU B 614 -25.65 -18.83 4.43
N ASN B 615 -25.80 -18.28 3.23
CA ASN B 615 -26.85 -18.68 2.30
C ASN B 615 -26.32 -19.39 1.08
N SER B 616 -25.27 -20.18 1.27
CA SER B 616 -24.58 -20.82 0.18
C SER B 616 -25.41 -21.80 -0.59
N GLN B 617 -26.29 -22.53 0.11
CA GLN B 617 -27.09 -23.50 -0.61
C GLN B 617 -28.06 -22.85 -1.61
N LEU B 618 -28.73 -21.79 -1.16
CA LEU B 618 -29.62 -20.98 -2.02
C LEU B 618 -28.86 -20.36 -3.20
N VAL B 619 -27.69 -19.81 -2.89
CA VAL B 619 -26.87 -19.18 -3.91
C VAL B 619 -26.52 -20.21 -4.99
N HIS B 620 -26.04 -21.38 -4.58
CA HIS B 620 -25.66 -22.33 -5.57
C HIS B 620 -26.86 -22.94 -6.32
N GLU B 621 -27.97 -23.12 -5.64
CA GLU B 621 -29.19 -23.56 -6.30
C GLU B 621 -29.57 -22.61 -7.43
N LEU B 622 -29.53 -21.31 -7.15
CA LEU B 622 -29.84 -20.36 -8.21
C LEU B 622 -28.83 -20.41 -9.35
N LEU B 623 -27.54 -20.60 -9.04
CA LEU B 623 -26.54 -20.77 -10.08
C LEU B 623 -26.88 -21.98 -11.00
N THR B 624 -27.40 -23.08 -10.45
CA THR B 624 -27.75 -24.24 -11.31
C THR B 624 -28.93 -23.90 -12.21
N GLU B 625 -29.71 -22.88 -11.86
CA GLU B 625 -30.84 -22.40 -12.67
C GLU B 625 -30.38 -21.31 -13.62
N GLY B 626 -29.07 -21.10 -13.79
CA GLY B 626 -28.56 -20.13 -14.73
C GLY B 626 -28.54 -18.71 -14.15
N ALA B 627 -28.59 -18.53 -12.83
CA ALA B 627 -28.53 -17.19 -12.30
C ALA B 627 -27.31 -16.42 -12.80
N ILE B 628 -27.51 -15.10 -12.96
CA ILE B 628 -26.42 -14.18 -13.33
C ILE B 628 -26.03 -13.47 -12.03
N ILE B 629 -24.72 -13.37 -11.84
CA ILE B 629 -24.15 -12.71 -10.62
C ILE B 629 -23.77 -11.30 -11.01
N TYR B 630 -24.03 -10.37 -10.10
CA TYR B 630 -23.68 -8.93 -10.29
C TYR B 630 -23.03 -8.52 -9.01
N VAL B 631 -21.82 -7.98 -9.12
CA VAL B 631 -21.09 -7.46 -7.95
C VAL B 631 -20.73 -6.00 -8.22
N CYS B 632 -21.07 -5.12 -7.28
CA CYS B 632 -20.85 -3.68 -7.46
CA CYS B 632 -20.87 -3.70 -7.45
C CYS B 632 -20.29 -3.05 -6.19
N GLY B 633 -19.43 -2.04 -6.39
CA GLY B 633 -18.86 -1.28 -5.28
C GLY B 633 -17.38 -1.39 -5.28
N ASP B 634 -16.85 -1.58 -4.08
CA ASP B 634 -15.43 -1.46 -3.87
C ASP B 634 -14.61 -2.55 -4.59
N ALA B 635 -13.73 -2.14 -5.50
CA ALA B 635 -12.85 -3.08 -6.21
C ALA B 635 -11.71 -3.56 -5.33
N SER B 636 -11.27 -2.72 -4.42
CA SER B 636 -9.99 -2.97 -3.73
C SER B 636 -10.02 -4.16 -2.81
N ARG B 637 -11.10 -4.32 -2.05
CA ARG B 637 -11.21 -5.41 -1.11
C ARG B 637 -12.47 -6.26 -1.31
N MET B 638 -13.63 -5.61 -1.36
CA MET B 638 -14.89 -6.32 -1.34
C MET B 638 -14.99 -7.25 -2.54
N ALA B 639 -14.71 -6.77 -3.73
CA ALA B 639 -14.98 -7.52 -4.95
C ALA B 639 -14.16 -8.80 -4.92
N ARG B 640 -12.94 -8.69 -4.37
CA ARG B 640 -12.05 -9.82 -4.37
C ARG B 640 -12.42 -10.82 -3.32
N ASP B 641 -12.88 -10.35 -2.17
CA ASP B 641 -13.37 -11.25 -1.13
C ASP B 641 -14.63 -11.99 -1.58
N VAL B 642 -15.48 -11.29 -2.31
CA VAL B 642 -16.72 -11.91 -2.78
C VAL B 642 -16.38 -12.99 -3.80
N GLN B 643 -15.46 -12.70 -4.70
CA GLN B 643 -15.13 -13.65 -5.75
C GLN B 643 -14.55 -14.92 -5.12
N THR B 644 -13.67 -14.79 -4.12
CA THR B 644 -13.16 -15.94 -3.42
C THR B 644 -14.28 -16.77 -2.78
N THR B 645 -15.25 -16.10 -2.15
CA THR B 645 -16.34 -16.76 -1.49
C THR B 645 -17.21 -17.50 -2.51
N ILE B 646 -17.53 -16.86 -3.63
CA ILE B 646 -18.30 -17.55 -4.67
C ILE B 646 -17.55 -18.76 -5.20
N SER B 647 -16.26 -18.63 -5.43
CA SER B 647 -15.46 -19.73 -5.95
C SER B 647 -15.48 -20.89 -5.00
N LYS B 648 -15.40 -20.62 -3.71
CA LYS B 648 -15.44 -21.69 -2.72
C LYS B 648 -16.77 -22.41 -2.75
N ILE B 649 -17.86 -21.67 -2.84
CA ILE B 649 -19.19 -22.27 -2.88
C ILE B 649 -19.29 -23.15 -4.12
N VAL B 650 -18.77 -22.68 -5.27
CA VAL B 650 -18.78 -23.46 -6.49
C VAL B 650 -17.98 -24.72 -6.35
N ALA B 651 -16.79 -24.64 -5.73
CA ALA B 651 -15.90 -25.76 -5.54
C ALA B 651 -16.63 -26.80 -4.72
N LYS B 652 -17.21 -26.41 -3.61
CA LYS B 652 -17.86 -27.38 -2.70
C LYS B 652 -19.08 -27.97 -3.38
N SER B 653 -19.88 -27.14 -4.01
CA SER B 653 -21.14 -27.55 -4.58
C SER B 653 -21.04 -28.40 -5.85
N ARG B 654 -19.92 -28.32 -6.54
CA ARG B 654 -19.67 -29.09 -7.76
C ARG B 654 -18.55 -30.10 -7.63
N GLU B 655 -18.03 -30.30 -6.42
CA GLU B 655 -17.02 -31.30 -6.16
C GLU B 655 -15.81 -31.15 -7.02
N ILE B 656 -15.29 -29.91 -7.07
CA ILE B 656 -14.07 -29.61 -7.81
C ILE B 656 -13.14 -28.81 -6.91
N SER B 657 -11.89 -28.73 -7.28
CA SER B 657 -10.91 -28.07 -6.45
C SER B 657 -11.20 -26.58 -6.42
N GLU B 658 -10.66 -25.91 -5.41
CA GLU B 658 -10.83 -24.46 -5.30
C GLU B 658 -10.25 -23.74 -6.53
N ASP B 659 -9.10 -24.18 -7.04
CA ASP B 659 -8.52 -23.53 -8.21
C ASP B 659 -9.35 -23.77 -9.44
N LYS B 660 -9.88 -24.97 -9.62
CA LYS B 660 -10.77 -25.22 -10.76
C LYS B 660 -12.05 -24.38 -10.73
N ALA B 661 -12.61 -24.20 -9.55
CA ALA B 661 -13.77 -23.34 -9.37
C ALA B 661 -13.39 -21.90 -9.65
N ALA B 662 -12.19 -21.51 -9.20
CA ALA B 662 -11.74 -20.10 -9.44
C ALA B 662 -11.63 -19.87 -10.95
N GLU B 663 -11.11 -20.86 -11.68
CA GLU B 663 -11.01 -20.74 -13.13
C GLU B 663 -12.36 -20.68 -13.81
N LEU B 664 -13.33 -21.43 -13.30
CA LEU B 664 -14.63 -21.45 -13.87
C LEU B 664 -15.28 -20.05 -13.64
N VAL B 665 -15.15 -19.54 -12.43
CA VAL B 665 -15.71 -18.19 -12.12
C VAL B 665 -15.05 -17.13 -12.98
N LYS B 666 -13.73 -17.22 -13.19
CA LYS B 666 -13.08 -16.29 -14.09
C LYS B 666 -13.69 -16.37 -15.48
N SER B 667 -13.94 -17.58 -15.98
CA SER B 667 -14.59 -17.72 -17.31
C SER B 667 -16.01 -17.14 -17.34
N TRP B 668 -16.77 -17.26 -16.23
CA TRP B 668 -18.03 -16.55 -16.14
C TRP B 668 -17.87 -15.03 -16.30
N LYS B 669 -16.82 -14.46 -15.75
CA LYS B 669 -16.59 -12.99 -15.91
C LYS B 669 -16.32 -12.66 -17.35
N VAL B 670 -15.52 -13.50 -18.02
CA VAL B 670 -15.22 -13.26 -19.46
C VAL B 670 -16.48 -13.37 -20.29
N GLN B 671 -17.38 -14.28 -19.91
CA GLN B 671 -18.68 -14.50 -20.58
C GLN B 671 -19.85 -13.55 -20.23
N ASN B 672 -19.63 -12.61 -19.33
CA ASN B 672 -20.65 -11.76 -18.74
C ASN B 672 -21.75 -12.48 -17.98
N ARG B 673 -21.45 -13.66 -17.44
CA ARG B 673 -22.36 -14.33 -16.53
C ARG B 673 -22.11 -13.91 -15.07
N TYR B 674 -20.92 -13.40 -14.84
CA TYR B 674 -20.55 -12.78 -13.52
C TYR B 674 -20.12 -11.37 -13.90
N GLN B 675 -20.96 -10.40 -13.58
CA GLN B 675 -20.77 -9.01 -14.06
C GLN B 675 -20.30 -8.18 -12.87
N GLU B 676 -19.33 -7.29 -13.12
CA GLU B 676 -18.88 -6.40 -12.06
C GLU B 676 -18.95 -4.94 -12.46
N ASP B 677 -19.34 -4.12 -11.51
CA ASP B 677 -19.27 -2.67 -11.65
C ASP B 677 -18.58 -2.21 -10.40
N VAL B 678 -17.27 -2.31 -10.43
CA VAL B 678 -16.48 -2.06 -9.21
C VAL B 678 -15.40 -1.00 -9.47
N TRP B 679 -15.18 -0.17 -8.48
CA TRP B 679 -14.30 1.00 -8.63
C TRP B 679 -13.53 1.21 -7.36
PA FAD C . 3.68 -11.84 14.41
O1A FAD C . 3.56 -13.30 14.52
O2A FAD C . 5.02 -11.27 14.14
O5B FAD C . 2.63 -11.44 13.29
C5B FAD C . 2.60 -10.07 12.81
C4B FAD C . 1.25 -9.78 12.20
O4B FAD C . 1.05 -10.63 11.04
C3B FAD C . 0.04 -10.00 13.10
O3B FAD C . -0.96 -9.01 12.89
C2B FAD C . -0.47 -11.35 12.65
O2B FAD C . -1.82 -11.66 12.95
C1B FAD C . -0.23 -11.18 11.13
N9A FAD C . -0.22 -12.43 10.41
C8A FAD C . -0.05 -13.70 10.89
N7A FAD C . -0.06 -14.60 9.92
C5A FAD C . -0.17 -13.91 8.75
C6A FAD C . -0.15 -14.27 7.34
N6A FAD C . -0.06 -15.54 6.98
N1A FAD C . -0.27 -13.26 6.44
C2A FAD C . -0.36 -11.96 6.85
N3A FAD C . -0.34 -11.57 8.14
C4A FAD C . -0.27 -12.51 9.08
N1 FAD C . 4.62 -4.21 20.30
C2 FAD C . 3.88 -3.95 21.39
O2 FAD C . 2.73 -4.35 21.44
N3 FAD C . 4.42 -3.25 22.43
C4 FAD C . 5.63 -2.71 22.43
O4 FAD C . 6.11 -2.09 23.39
C4X FAD C . 6.46 -2.95 21.28
N5 FAD C . 7.70 -2.40 21.21
C5X FAD C . 8.51 -2.68 20.15
C6 FAD C . 9.82 -2.18 20.07
C7 FAD C . 10.61 -2.46 18.95
C7M FAD C . 12.04 -1.91 18.89
C8 FAD C . 10.10 -3.30 17.85
C8M FAD C . 10.94 -3.62 16.67
C9 FAD C . 8.80 -3.76 17.93
C9A FAD C . 8.00 -3.49 19.03
N10 FAD C . 6.69 -4.02 19.10
C10 FAD C . 5.87 -3.74 20.22
C1' FAD C . 6.12 -4.90 18.06
C2' FAD C . 6.44 -6.39 18.41
O2' FAD C . 7.83 -6.63 18.33
C3' FAD C . 5.72 -7.35 17.53
O3' FAD C . 6.03 -7.01 16.17
C4' FAD C . 4.22 -7.44 17.75
O4' FAD C . 3.92 -7.58 19.14
C5' FAD C . 3.64 -8.59 16.93
O5' FAD C . 4.29 -9.81 17.32
P FAD C . 3.55 -11.20 17.23
O1P FAD C . 4.54 -12.29 17.38
O2P FAD C . 2.31 -11.24 18.04
O3P FAD C . 2.99 -11.16 15.70
N1 FMN D . 14.08 0.87 7.44
C2 FMN D . 14.68 1.93 6.91
O2 FMN D . 14.68 2.01 5.65
N3 FMN D . 15.27 2.90 7.66
C4 FMN D . 15.28 2.92 9.00
O4 FMN D . 15.82 3.83 9.67
C4A FMN D . 14.60 1.82 9.64
N5 FMN D . 14.55 1.75 10.97
C5A FMN D . 13.83 0.76 11.57
C6 FMN D . 13.73 0.74 12.97
C7 FMN D . 13.03 -0.27 13.58
C7M FMN D . 12.89 -0.35 15.06
C8 FMN D . 12.42 -1.33 12.76
C8M FMN D . 11.62 -2.47 13.32
C9 FMN D . 12.51 -1.31 11.40
C9A FMN D . 13.23 -0.33 10.78
N10 FMN D . 13.38 -0.30 9.37
C10 FMN D . 14.01 0.79 8.79
C1' FMN D . 12.79 -1.32 8.52
C2' FMN D . 13.62 -2.64 8.55
O2' FMN D . 14.92 -2.47 7.92
C3' FMN D . 12.84 -3.70 7.78
O3' FMN D . 11.68 -4.09 8.52
C4' FMN D . 13.66 -4.94 7.43
O4' FMN D . 12.96 -5.74 6.50
C5' FMN D . 14.10 -5.78 8.62
O5' FMN D . 15.06 -6.73 8.18
P FMN D . 15.61 -7.78 9.29
O1P FMN D . 16.62 -8.58 8.54
O2P FMN D . 14.40 -8.65 9.74
O3P FMN D . 16.18 -7.01 10.44
PA FAD E . -11.87 13.32 -6.79
O1A FAD E . -11.74 14.79 -6.97
O2A FAD E . -11.70 12.44 -7.99
O5B FAD E . -10.90 12.94 -5.63
C5B FAD E . -10.68 11.54 -5.34
C4B FAD E . -10.21 11.43 -3.91
O4B FAD E . -8.91 12.11 -3.80
C3B FAD E . -11.07 12.04 -2.85
O3B FAD E . -11.05 11.21 -1.67
C2B FAD E . -10.39 13.33 -2.54
O2B FAD E . -10.74 13.93 -1.27
C1B FAD E . -8.93 12.90 -2.62
N9A FAD E . -8.02 14.01 -2.81
C8A FAD E . -8.25 15.28 -3.24
N7A FAD E . -7.14 16.01 -3.34
C5A FAD E . -6.12 15.16 -3.00
C6A FAD E . -4.68 15.26 -2.94
N6A FAD E . -4.06 16.37 -3.26
N1A FAD E . -4.01 14.17 -2.57
C2A FAD E . -4.61 12.99 -2.30
N3A FAD E . -5.93 12.82 -2.33
C4A FAD E . -6.68 13.85 -2.71
N1 FAD E . -19.00 6.69 -6.64
C2 FAD E . -20.13 6.76 -5.92
O2 FAD E . -20.16 7.40 -4.82
N3 FAD E . -21.27 6.17 -6.33
C4 FAD E . -21.36 5.42 -7.46
O4 FAD E . -22.42 4.89 -7.85
C4X FAD E . -20.17 5.25 -8.27
N5 FAD E . -20.12 4.50 -9.39
C5X FAD E . -18.96 4.47 -10.11
C6 FAD E . -18.92 3.69 -11.28
C7 FAD E . -17.78 3.62 -12.03
C7M FAD E . -17.77 2.80 -13.31
C8 FAD E . -16.57 4.32 -11.63
C8M FAD E . -15.31 4.23 -12.43
C9 FAD E . -16.61 5.07 -10.46
C9A FAD E . -17.75 5.13 -9.68
N10 FAD E . -17.81 5.90 -8.53
C10 FAD E . -18.97 5.96 -7.78
C1' FAD E . -16.65 6.69 -8.08
C2' FAD E . -16.74 8.13 -8.70
O2' FAD E . -16.53 8.12 -10.11
C3' FAD E . -15.70 9.07 -8.13
O3' FAD E . -14.40 8.45 -8.30
C4' FAD E . -15.93 9.51 -6.70
O4' FAD E . -17.27 9.97 -6.56
C5' FAD E . -15.01 10.62 -6.28
O5' FAD E . -15.08 11.70 -7.18
P FAD E . -14.78 13.19 -6.71
O1P FAD E . -14.75 14.01 -7.94
O2P FAD E . -15.64 13.56 -5.55
O3P FAD E . -13.30 12.97 -6.11
N1 FMN F . -6.82 -2.03 -14.44
C2 FMN F . -6.43 -3.27 -14.84
O2 FMN F . -5.20 -3.54 -14.73
N3 FMN F . -7.27 -4.20 -15.27
C4 FMN F . -8.58 -3.98 -15.38
O4 FMN F . -9.37 -4.85 -15.79
C4A FMN F . -9.09 -2.69 -14.97
N5 FMN F . -10.41 -2.39 -15.00
C5A FMN F . -10.87 -1.22 -14.52
C6 FMN F . -12.24 -0.98 -14.46
C7 FMN F . -12.69 0.25 -13.99
C7M FMN F . -14.16 0.57 -13.95
C8 FMN F . -11.79 1.24 -13.49
C8M FMN F . -12.18 2.60 -12.95
C9 FMN F . -10.41 1.01 -13.57
C9A FMN F . -9.94 -0.17 -14.04
N10 FMN F . -8.57 -0.47 -14.10
C10 FMN F . -8.13 -1.71 -14.54
C1' FMN F . -7.59 0.50 -13.64
C2' FMN F . -7.27 1.58 -14.72
O2' FMN F . -6.64 1.05 -15.91
C3' FMN F . -6.35 2.67 -14.14
O3' FMN F . -7.02 3.38 -13.05
C4' FMN F . -5.79 3.66 -15.14
O4' FMN F . -4.82 4.48 -14.46
C5' FMN F . -6.80 4.52 -15.80
O5' FMN F . -6.17 5.27 -16.85
P FMN F . -7.05 6.33 -17.67
O1P FMN F . -6.11 6.78 -18.75
O2P FMN F . -7.35 7.44 -16.65
O3P FMN F . -8.30 5.72 -18.15
#